data_9LGC
#
_entry.id   9LGC
#
_cell.length_a   1.00
_cell.length_b   1.00
_cell.length_c   1.00
_cell.angle_alpha   90.00
_cell.angle_beta   90.00
_cell.angle_gamma   90.00
#
_symmetry.space_group_name_H-M   'P 1'
#
loop_
_entity.id
_entity.type
_entity.pdbx_description
1 polymer 'Multidrug resistance-associated protein 1'
2 non-polymer GLUTATHIONE
3 non-polymer vincristine
#
_entity_poly.entity_id   1
_entity_poly.type   'polypeptide(L)'
_entity_poly.pdbx_seq_one_letter_code
;MALRDFCSVDGSDLFWEWNVTWNTSNPDFTKCFQNTVLVWVPCSYLWVCFPFYFLYLSHHDRGYIQMTHLNKAKTALGFL
LWIVCWADLFYSFWERSMGKLLAPVFLVSPTLLGITMLLATFLIQIERRRGVQSSGIMLTFWLIALLCALAILRSKIMTA
LKEDARVDVFRDVTFYIYFSLVLIQLVLSCFSDRSPLFSETINDPNPCPESSASFLSRITFWWITGMMVQGYRQPLESTD
LWSLNKEDTSEQVVPVLVKNWKKECAKSRKQPVKIVYSSKDPAKPKGSSKVDVNEEAEALIVKCPQKERDPSLFKVLYKT
FGPYFLMSFLFKAVHDLMMFAGPEILKLLINFVNDKKAPEWQGYFYTALLFISACLQTLVLHQYFHICFVSGMRIKTAVI
GAVYRKALVITNAARKSSTVGEIVNLMSVDAQRFMDLATYINMIWSAPLQVILALYLLWLNLGPSVLAGVAVMVLMVPLN
AVMAMKTKTYQVAHMKSKDNRIKLMNEILNGIKVLKLYAWELAFKDKVLAIRQEELKVLKKSAYLAAVGTFTWVCTPFLV
ALSTFAVYVTVDENNILDAQKAFVSLALFNILRFPLNILPMVISSIVQASVSLKRLRVFLSHEDLDPDSIQRRPIKDAGA
TNSITVKNATFTWARNDPPTLHGITFSVPEGSLVAVVGQVGCGKSSLLSALLAEMDKVEGHVTVKGSVAYVPQQAWIQNI
SLRENILFGRQLQERYYKAVVEACALLPDLEILPSGDRTEIGEKGVNLSGGQKQRVSLARAVYCDSDVYLLDDPLSAVDA
HVGKHIFENVIGPKGLLKNKTRLLVTHAISYLPQMDVIIVMSGGKISEMGSYQELLARDGAFAEFLRTYASAEQEQGQPE
DGLAGVGGPGKEVKQMENGMLVTDTAGKQMQRQLSSSSSYSRDVSQHHTSTAELRKPGPTEETWKLVEADKAQTGQVKLS
VYWDYMKAIGLFISFLSIFLFLCNHVASLVSNYWLSLWTDDPIVNGTQEHTQVRLSVYGALGISQGITVFGYSMAVSIGG
IFASRRLHLDLLHNVLRSPISFFERTPSGNLVNRFSKELDTVDSMIPQVIKMFMGSLFNVIGACIIILLATPMAAVIIPP
LGLIYFFVQRFYVASSRQLKRLESVSRSPVYSHFNETLLGVSVIRAFEEQERFIRQSDLKVDENQKAYYPSIVANRWLAV
RLECVGNCIVLFASLFAVISRHSLSAGLVGLSVSYSLQVTTYLNWLVRMSSEMETNIVAVERLKEYSETEKEAPWQIQDM
APPKDWPQVGRVEFRDYGLRYREDLDLVLKHINVTIDGGEKVGIVGRTGAGKSSLTLGLFRIKESAEGEIIIDDINIAKI
GLHDLRFKITIIPQDPVLFSGSLRMNLDPFSQYSDEEVWTSLELAHLKGFVSALPDKLNHECAEGGENLSVGQRQLVCLA
RALLRKTKILVLDEATAAVDLETDDLIQSTIRTQFDDCTVLTIAHRLNTIMDYTRVIVLDKGEIQEWGSPSDLLQQRGLF
YSMAKDSGLVKLGSENLYFQGGSGGSGHHHHHHHHHHH
;
_entity_poly.pdbx_strand_id   A
#
loop_
_chem_comp.id
_chem_comp.type
_chem_comp.name
_chem_comp.formula
GSH non-polymer GLUTATHIONE 'C10 H17 N3 O6 S'
R1Q non-polymer vincristine 'C46 H56 N4 O10'
#
# COMPACT_ATOMS: atom_id res chain seq x y z
N TRP A 16 -28.11 7.74 53.84
CA TRP A 16 -28.51 7.98 52.46
C TRP A 16 -30.02 7.93 52.28
N GLU A 17 -30.65 9.09 52.11
CA GLU A 17 -32.07 9.16 51.80
C GLU A 17 -32.30 10.27 50.79
N TRP A 18 -33.38 10.14 50.03
CA TRP A 18 -33.56 10.97 48.85
C TRP A 18 -33.96 12.40 49.18
N ASN A 19 -34.33 12.68 50.43
CA ASN A 19 -34.80 14.01 50.78
C ASN A 19 -33.71 15.06 50.63
N VAL A 20 -32.49 14.78 51.10
CA VAL A 20 -31.44 15.79 51.08
C VAL A 20 -30.48 15.60 49.90
N THR A 21 -30.47 14.43 49.27
CA THR A 21 -29.46 14.17 48.21
C THR A 21 -30.05 14.48 46.83
N TRP A 22 -31.34 14.19 46.61
CA TRP A 22 -31.92 14.36 45.25
C TRP A 22 -33.15 15.27 45.29
N ASN A 23 -34.02 15.13 46.28
CA ASN A 23 -35.30 15.89 46.30
C ASN A 23 -35.09 17.38 46.56
N THR A 24 -34.08 17.77 47.35
CA THR A 24 -33.95 19.20 47.73
C THR A 24 -33.16 20.04 46.72
N SER A 25 -33.55 21.30 46.55
CA SER A 25 -32.86 22.23 45.68
C SER A 25 -31.39 22.39 46.02
N ASN A 26 -30.94 21.86 47.16
CA ASN A 26 -29.53 21.86 47.54
C ASN A 26 -29.04 20.43 47.56
N PRO A 27 -28.40 19.92 46.46
CA PRO A 27 -27.98 18.52 46.39
C PRO A 27 -26.83 18.23 47.35
N ASP A 28 -27.14 18.00 48.62
CA ASP A 28 -26.08 17.73 49.58
C ASP A 28 -25.99 16.24 49.87
N PHE A 29 -24.76 15.75 49.98
CA PHE A 29 -24.52 14.37 50.37
C PHE A 29 -24.68 14.24 51.88
N THR A 30 -25.09 13.05 52.32
CA THR A 30 -25.23 12.83 53.75
C THR A 30 -23.85 12.73 54.39
N LYS A 31 -23.82 12.98 55.71
CA LYS A 31 -22.56 13.03 56.43
C LYS A 31 -21.86 11.67 56.39
N CYS A 32 -22.60 10.60 56.64
CA CYS A 32 -22.03 9.25 56.56
C CYS A 32 -21.55 8.94 55.15
N PHE A 33 -22.33 9.31 54.14
CA PHE A 33 -21.89 9.07 52.76
C PHE A 33 -20.59 9.79 52.49
N GLN A 34 -20.49 11.05 52.93
CA GLN A 34 -19.27 11.81 52.77
C GLN A 34 -18.08 11.09 53.39
N ASN A 35 -18.23 10.64 54.63
CA ASN A 35 -17.07 10.08 55.31
C ASN A 35 -16.79 8.64 54.94
N THR A 36 -17.68 7.95 54.22
CA THR A 36 -17.40 6.57 53.85
C THR A 36 -17.14 6.39 52.36
N VAL A 37 -18.10 6.69 51.49
CA VAL A 37 -17.93 6.25 50.12
C VAL A 37 -17.00 7.18 49.36
N LEU A 38 -17.12 8.49 49.63
CA LEU A 38 -16.27 9.47 48.99
C LEU A 38 -14.81 9.31 49.34
N VAL A 39 -14.49 8.70 50.48
CA VAL A 39 -13.11 8.41 50.82
C VAL A 39 -12.71 7.02 50.37
N TRP A 40 -13.65 6.09 50.25
CA TRP A 40 -13.29 4.74 49.80
C TRP A 40 -13.01 4.71 48.30
N VAL A 41 -13.63 5.63 47.55
CA VAL A 41 -13.46 5.64 46.07
C VAL A 41 -11.98 5.85 45.69
N PRO A 42 -11.32 6.98 46.04
CA PRO A 42 -9.94 7.22 45.59
C PRO A 42 -8.94 6.23 46.21
N CYS A 43 -8.94 6.10 47.53
CA CYS A 43 -8.05 5.12 48.21
C CYS A 43 -8.20 3.76 47.52
N SER A 44 -9.44 3.39 47.23
CA SER A 44 -9.75 2.06 46.61
C SER A 44 -9.12 2.00 45.21
N TYR A 45 -9.20 3.10 44.45
CA TYR A 45 -8.65 3.12 43.07
C TYR A 45 -7.17 2.74 43.11
N LEU A 46 -6.41 3.34 44.02
CA LEU A 46 -4.95 3.10 44.06
C LEU A 46 -4.68 1.66 44.52
N TRP A 47 -5.54 1.12 45.38
CA TRP A 47 -5.30 -0.24 45.94
C TRP A 47 -5.47 -1.33 44.87
N VAL A 48 -6.43 -1.16 43.95
CA VAL A 48 -6.66 -2.18 42.90
C VAL A 48 -5.63 -1.99 41.78
N CYS A 49 -5.23 -0.74 41.52
CA CYS A 49 -4.25 -0.44 40.45
C CYS A 49 -2.82 -0.73 40.91
N PHE A 50 -2.49 -0.45 42.17
CA PHE A 50 -1.09 -0.62 42.66
C PHE A 50 -0.49 -1.94 42.16
N PRO A 51 -1.05 -3.13 42.49
CA PRO A 51 -0.43 -4.40 42.10
C PRO A 51 -0.26 -4.44 40.58
N PHE A 52 -1.35 -4.19 39.83
CA PHE A 52 -1.29 -4.23 38.38
C PHE A 52 -0.19 -3.31 37.86
N TYR A 53 -0.01 -2.16 38.49
CA TYR A 53 0.95 -1.18 38.00
C TYR A 53 2.39 -1.66 38.12
N PHE A 54 2.70 -2.58 39.03
CA PHE A 54 4.05 -3.12 39.09
C PHE A 54 4.41 -3.89 37.82
N LEU A 55 3.41 -4.55 37.24
CA LEU A 55 3.64 -5.28 35.96
C LEU A 55 4.26 -4.30 34.96
N TYR A 56 3.56 -3.20 34.67
CA TYR A 56 4.07 -2.20 33.69
C TYR A 56 5.40 -1.61 34.19
N LEU A 57 5.45 -1.19 35.45
CA LEU A 57 6.67 -0.54 36.00
C LEU A 57 7.87 -1.49 35.86
N SER A 58 7.63 -2.79 36.03
CA SER A 58 8.73 -3.78 35.97
C SER A 58 9.05 -4.13 34.51
N HIS A 59 8.05 -4.58 33.75
CA HIS A 59 8.30 -5.02 32.35
C HIS A 59 8.87 -3.86 31.53
N HIS A 60 8.36 -2.64 31.78
CA HIS A 60 8.82 -1.47 31.00
C HIS A 60 9.72 -0.59 31.88
N ASP A 61 10.98 -0.39 31.45
CA ASP A 61 11.93 0.42 32.26
C ASP A 61 12.64 1.41 31.33
N ARG A 62 13.07 2.56 31.87
CA ARG A 62 13.75 3.57 31.08
C ARG A 62 14.86 4.23 31.88
N GLY A 63 15.37 3.58 32.91
CA GLY A 63 16.37 4.16 33.78
C GLY A 63 15.72 4.77 35.00
N TYR A 64 16.46 5.69 35.62
CA TYR A 64 15.95 6.44 36.75
C TYR A 64 16.14 7.93 36.55
N ILE A 65 15.13 8.69 36.93
CA ILE A 65 15.14 10.14 36.84
C ILE A 65 16.00 10.68 37.96
N GLN A 66 16.65 11.81 37.71
CA GLN A 66 17.53 12.41 38.71
C GLN A 66 16.71 13.00 39.86
N MET A 67 17.40 13.55 40.84
CA MET A 67 16.80 14.26 41.97
C MET A 67 16.44 15.66 41.54
N THR A 68 15.15 15.93 41.34
CA THR A 68 14.68 17.25 40.97
C THR A 68 13.78 17.83 42.05
N HIS A 69 13.60 19.15 42.02
CA HIS A 69 12.73 19.79 43.01
C HIS A 69 11.29 19.30 42.89
N LEU A 70 10.83 19.14 41.64
CA LEU A 70 9.43 18.69 41.40
C LEU A 70 9.20 17.33 42.07
N ASN A 71 10.04 16.34 41.76
CA ASN A 71 9.87 14.98 42.33
C ASN A 71 9.85 15.07 43.85
N LYS A 72 10.80 15.81 44.43
CA LYS A 72 10.86 15.96 45.90
C LYS A 72 9.60 16.68 46.39
N ALA A 73 9.24 17.80 45.76
CA ALA A 73 8.04 18.53 46.15
C ALA A 73 6.85 17.58 46.26
N LYS A 74 6.72 16.68 45.28
CA LYS A 74 5.63 15.71 45.31
C LYS A 74 5.79 14.73 46.45
N THR A 75 7.03 14.27 46.69
CA THR A 75 7.26 13.31 47.77
C THR A 75 7.03 13.94 49.14
N ALA A 76 7.49 15.17 49.33
CA ALA A 76 7.30 15.84 50.62
C ALA A 76 5.82 16.06 50.92
N LEU A 77 5.05 16.47 49.91
CA LEU A 77 3.63 16.67 50.10
C LEU A 77 2.91 15.36 50.37
N GLY A 78 3.41 14.26 49.78
CA GLY A 78 2.87 12.95 50.11
C GLY A 78 3.13 12.56 51.55
N PHE A 79 4.31 12.92 52.07
CA PHE A 79 4.60 12.66 53.49
C PHE A 79 3.65 13.49 54.37
N LEU A 80 3.56 14.79 54.10
CA LEU A 80 2.72 15.69 54.92
C LEU A 80 1.25 15.25 54.84
N LEU A 81 0.76 14.92 53.64
CA LEU A 81 -0.66 14.51 53.48
C LEU A 81 -0.93 13.30 54.36
N TRP A 82 -0.05 12.30 54.34
CA TRP A 82 -0.23 11.10 55.20
C TRP A 82 -0.32 11.54 56.66
N ILE A 83 0.64 12.36 57.12
CA ILE A 83 0.61 12.87 58.52
C ILE A 83 -0.77 13.49 58.79
N VAL A 84 -1.16 14.50 58.01
CA VAL A 84 -2.44 15.17 58.24
C VAL A 84 -3.57 14.17 58.38
N CYS A 85 -3.62 13.16 57.51
CA CYS A 85 -4.70 12.17 57.59
C CYS A 85 -4.59 11.33 58.87
N TRP A 86 -3.37 11.00 59.29
CA TRP A 86 -3.21 10.30 60.56
C TRP A 86 -3.37 11.23 61.75
N ALA A 87 -3.17 12.54 61.54
CA ALA A 87 -3.43 13.50 62.64
C ALA A 87 -4.91 13.40 63.02
N ASP A 88 -5.77 13.11 62.05
CA ASP A 88 -7.22 12.93 62.33
C ASP A 88 -7.37 11.74 63.28
N LEU A 89 -6.71 10.62 62.97
CA LEU A 89 -6.80 9.41 63.84
C LEU A 89 -6.35 9.79 65.25
N PHE A 90 -5.32 10.62 65.38
CA PHE A 90 -4.82 11.05 66.70
C PHE A 90 -5.93 11.79 67.45
N TYR A 91 -6.59 12.73 66.77
CA TYR A 91 -7.70 13.51 67.40
C TYR A 91 -8.86 12.57 67.72
N SER A 92 -9.16 11.64 66.82
CA SER A 92 -10.24 10.65 67.08
C SER A 92 -9.85 9.81 68.31
N PHE A 93 -8.58 9.42 68.40
CA PHE A 93 -8.10 8.66 69.59
C PHE A 93 -8.26 9.56 70.83
N TRP A 94 -7.84 10.83 70.70
CA TRP A 94 -7.99 11.79 71.83
C TRP A 94 -9.39 11.67 72.42
N LEU A 102 -15.38 8.37 68.78
CA LEU A 102 -16.54 7.56 69.14
C LEU A 102 -17.12 6.88 67.92
N ALA A 103 -17.40 7.66 66.89
CA ALA A 103 -18.00 7.11 65.68
C ALA A 103 -17.03 6.12 65.04
N PRO A 104 -17.51 4.93 64.64
CA PRO A 104 -16.59 3.95 64.05
C PRO A 104 -15.91 4.46 62.79
N VAL A 105 -16.57 5.29 62.00
CA VAL A 105 -15.98 5.79 60.76
C VAL A 105 -14.86 6.78 61.05
N PHE A 106 -14.78 7.31 62.26
CA PHE A 106 -13.72 8.25 62.61
C PHE A 106 -12.41 7.55 62.94
N LEU A 107 -12.37 6.22 62.85
CA LEU A 107 -11.13 5.48 63.03
C LEU A 107 -10.65 4.87 61.72
N VAL A 108 -11.49 4.07 61.06
CA VAL A 108 -11.02 3.30 59.91
C VAL A 108 -10.74 4.23 58.72
N SER A 109 -11.60 5.22 58.50
CA SER A 109 -11.43 6.08 57.33
C SER A 109 -10.12 6.87 57.35
N PRO A 110 -9.77 7.58 58.42
CA PRO A 110 -8.48 8.30 58.41
C PRO A 110 -7.28 7.38 58.24
N THR A 111 -7.30 6.24 58.93
CA THR A 111 -6.19 5.27 58.78
C THR A 111 -6.10 4.85 57.31
N LEU A 112 -7.22 4.40 56.73
CA LEU A 112 -7.20 3.92 55.35
C LEU A 112 -6.67 5.00 54.41
N LEU A 113 -7.11 6.24 54.62
CA LEU A 113 -6.64 7.32 53.75
C LEU A 113 -5.15 7.53 53.92
N GLY A 114 -4.65 7.49 55.16
CA GLY A 114 -3.23 7.61 55.37
C GLY A 114 -2.44 6.50 54.71
N ILE A 115 -2.96 5.28 54.76
CA ILE A 115 -2.24 4.14 54.19
C ILE A 115 -2.19 4.21 52.67
N THR A 116 -3.34 4.55 52.07
CA THR A 116 -3.35 4.72 50.59
C THR A 116 -2.47 5.92 50.21
N MET A 117 -2.41 6.93 51.07
CA MET A 117 -1.54 8.11 50.82
C MET A 117 -0.08 7.65 50.87
N LEU A 118 0.24 6.78 51.84
CA LEU A 118 1.62 6.24 51.94
C LEU A 118 1.91 5.40 50.70
N LEU A 119 0.87 4.81 50.08
CA LEU A 119 1.06 4.03 48.83
C LEU A 119 1.27 5.02 47.68
N ALA A 120 0.62 6.18 47.73
CA ALA A 120 0.79 7.19 46.67
C ALA A 120 2.22 7.74 46.66
N THR A 121 2.75 8.10 47.83
CA THR A 121 4.10 8.65 47.83
C THR A 121 5.14 7.60 47.48
N PHE A 122 4.95 6.37 47.96
CA PHE A 122 5.82 5.28 47.55
C PHE A 122 5.76 5.06 46.04
N LEU A 123 4.58 5.29 45.46
CA LEU A 123 4.39 5.04 44.01
C LEU A 123 5.15 6.08 43.17
N ILE A 124 5.08 7.37 43.54
CA ILE A 124 5.86 8.39 42.79
C ILE A 124 7.36 8.08 42.98
N GLN A 125 7.74 7.58 44.16
CA GLN A 125 9.15 7.22 44.42
C GLN A 125 9.58 6.11 43.43
N ILE A 126 8.81 5.02 43.35
CA ILE A 126 9.18 3.92 42.47
C ILE A 126 9.05 4.35 41.00
N GLU A 127 8.11 5.25 40.71
CA GLU A 127 8.00 5.76 39.35
C GLU A 127 9.22 6.57 38.97
N ARG A 128 9.77 7.35 39.92
CA ARG A 128 11.07 7.96 39.69
C ARG A 128 12.12 6.90 39.42
N ARG A 129 12.14 5.84 40.23
CA ARG A 129 13.15 4.81 40.07
C ARG A 129 13.07 4.15 38.70
N ARG A 130 11.85 4.01 38.17
CA ARG A 130 11.61 3.29 36.93
C ARG A 130 11.52 4.21 35.72
N GLY A 131 11.73 5.51 35.92
CA GLY A 131 11.81 6.43 34.80
C GLY A 131 10.51 6.63 34.05
N VAL A 132 9.53 7.25 34.70
CA VAL A 132 8.28 7.62 34.06
C VAL A 132 8.06 9.11 34.35
N GLN A 133 8.00 9.91 33.29
CA GLN A 133 7.87 11.35 33.47
C GLN A 133 6.42 11.75 33.77
N SER A 134 5.48 11.22 33.00
CA SER A 134 4.06 11.52 33.29
C SER A 134 3.33 10.27 33.78
N SER A 135 2.68 10.36 34.95
CA SER A 135 1.99 9.19 35.53
C SER A 135 0.49 9.28 35.32
N GLY A 136 -0.07 8.46 34.43
CA GLY A 136 -1.51 8.44 34.26
C GLY A 136 -2.21 8.08 35.55
N ILE A 137 -1.70 7.07 36.24
CA ILE A 137 -2.37 6.59 37.49
C ILE A 137 -2.43 7.74 38.51
N MET A 138 -1.28 8.30 38.87
CA MET A 138 -1.25 9.37 39.90
C MET A 138 -2.22 10.49 39.51
N LEU A 139 -2.13 10.96 38.26
CA LEU A 139 -3.00 12.09 37.81
C LEU A 139 -4.46 11.70 38.00
N THR A 140 -4.91 10.64 37.32
CA THR A 140 -6.32 10.18 37.46
C THR A 140 -6.67 10.03 38.94
N PHE A 141 -5.81 9.35 39.70
CA PHE A 141 -6.06 9.14 41.12
C PHE A 141 -6.23 10.47 41.85
N TRP A 142 -5.37 11.44 41.54
CA TRP A 142 -5.55 12.76 42.16
C TRP A 142 -6.81 13.43 41.66
N LEU A 143 -7.18 13.24 40.39
CA LEU A 143 -8.42 13.82 39.90
C LEU A 143 -9.63 13.25 40.64
N ILE A 144 -9.67 11.95 40.84
CA ILE A 144 -10.79 11.33 41.56
C ILE A 144 -10.80 11.79 43.01
N ALA A 145 -9.64 11.84 43.65
CA ALA A 145 -9.57 12.34 45.01
C ALA A 145 -10.05 13.78 45.08
N LEU A 146 -9.64 14.58 44.10
CA LEU A 146 -10.04 16.01 44.09
C LEU A 146 -11.56 16.11 44.02
N LEU A 147 -12.18 15.38 43.10
CA LEU A 147 -13.66 15.45 42.92
C LEU A 147 -14.34 15.04 44.24
N CYS A 148 -13.87 13.96 44.86
CA CYS A 148 -14.44 13.50 46.15
C CYS A 148 -14.25 14.60 47.21
N ALA A 149 -13.03 15.17 47.28
CA ALA A 149 -12.76 16.26 48.24
C ALA A 149 -13.68 17.45 47.93
N LEU A 150 -13.85 17.78 46.65
CA LEU A 150 -14.72 18.92 46.25
C LEU A 150 -16.14 18.68 46.79
N ALA A 151 -16.66 17.45 46.64
CA ALA A 151 -18.03 17.14 47.11
C ALA A 151 -18.11 17.35 48.63
N ILE A 152 -17.13 16.81 49.37
CA ILE A 152 -17.10 16.98 50.85
C ILE A 152 -16.89 18.47 51.16
N LEU A 153 -16.01 19.14 50.42
CA LEU A 153 -15.71 20.58 50.66
C LEU A 153 -17.02 21.37 50.58
N ARG A 154 -17.74 21.28 49.46
CA ARG A 154 -18.99 22.00 49.33
C ARG A 154 -19.91 21.69 50.49
N SER A 155 -20.00 20.41 50.88
CA SER A 155 -20.85 20.07 52.02
C SER A 155 -20.38 20.73 53.30
N LYS A 156 -19.06 20.74 53.54
CA LYS A 156 -18.54 21.28 54.79
C LYS A 156 -18.63 22.80 54.83
N ILE A 157 -18.56 23.45 53.66
CA ILE A 157 -18.72 24.90 53.66
C ILE A 157 -20.19 25.30 53.75
N MET A 158 -21.10 24.43 53.29
CA MET A 158 -22.52 24.71 53.50
C MET A 158 -22.96 24.41 54.92
N THR A 159 -22.30 23.47 55.60
CA THR A 159 -22.64 23.20 57.00
C THR A 159 -22.33 24.41 57.87
N ALA A 160 -21.25 25.12 57.58
CA ALA A 160 -20.91 26.34 58.30
C ALA A 160 -20.81 27.53 57.36
N VAL A 169 -13.35 23.65 62.07
CA VAL A 169 -12.73 24.14 63.29
C VAL A 169 -11.95 23.02 63.97
N PHE A 170 -12.63 21.93 64.27
CA PHE A 170 -12.03 20.80 64.95
C PHE A 170 -11.44 19.78 63.99
N ARG A 171 -12.28 19.19 63.15
CA ARG A 171 -11.87 18.25 62.12
C ARG A 171 -12.11 18.78 60.73
N ASP A 172 -12.77 19.93 60.61
CA ASP A 172 -12.96 20.57 59.32
C ASP A 172 -11.65 21.13 58.77
N VAL A 173 -10.84 21.73 59.65
CA VAL A 173 -9.60 22.36 59.19
C VAL A 173 -8.63 21.33 58.66
N THR A 174 -8.63 20.13 59.26
CA THR A 174 -7.83 19.05 58.70
C THR A 174 -8.26 18.74 57.27
N PHE A 175 -9.56 18.78 57.01
CA PHE A 175 -10.01 18.50 55.64
C PHE A 175 -9.64 19.61 54.68
N TYR A 176 -9.72 20.87 55.12
CA TYR A 176 -9.25 21.95 54.24
C TYR A 176 -7.77 21.80 53.91
N ILE A 177 -6.95 21.46 54.90
CA ILE A 177 -5.53 21.25 54.62
C ILE A 177 -5.35 20.08 53.66
N TYR A 178 -6.11 19.02 53.86
CA TYR A 178 -6.06 17.86 52.97
C TYR A 178 -6.41 18.25 51.55
N PHE A 179 -7.46 19.06 51.38
CA PHE A 179 -7.91 19.42 50.05
C PHE A 179 -6.91 20.33 49.35
N SER A 180 -6.37 21.31 50.07
CA SER A 180 -5.38 22.19 49.46
C SER A 180 -4.15 21.41 49.04
N LEU A 181 -3.68 20.50 49.90
CA LEU A 181 -2.53 19.69 49.53
C LEU A 181 -2.83 18.79 48.35
N VAL A 182 -4.03 18.22 48.29
CA VAL A 182 -4.40 17.37 47.17
C VAL A 182 -4.45 18.17 45.88
N LEU A 183 -4.98 19.39 45.94
CA LEU A 183 -5.04 20.23 44.74
C LEU A 183 -3.64 20.57 44.25
N ILE A 184 -2.75 20.95 45.16
CA ILE A 184 -1.39 21.28 44.74
C ILE A 184 -0.68 20.05 44.20
N GLN A 185 -0.96 18.89 44.81
CA GLN A 185 -0.37 17.62 44.33
C GLN A 185 -0.86 17.35 42.90
N LEU A 186 -2.15 17.55 42.64
CA LEU A 186 -2.70 17.32 41.31
C LEU A 186 -2.09 18.26 40.29
N VAL A 187 -1.91 19.54 40.66
CA VAL A 187 -1.28 20.48 39.74
C VAL A 187 0.15 20.06 39.46
N LEU A 188 0.87 19.63 40.49
CA LEU A 188 2.24 19.17 40.29
C LEU A 188 2.30 17.95 39.38
N SER A 189 1.34 17.02 39.55
CA SER A 189 1.38 15.78 38.79
C SER A 189 1.19 16.00 37.29
N CYS A 190 0.69 17.16 36.88
CA CYS A 190 0.53 17.45 35.46
C CYS A 190 1.86 17.72 34.76
N PHE A 191 2.82 18.36 35.41
CA PHE A 191 4.11 18.65 34.83
C PHE A 191 4.92 17.38 34.62
N SER A 192 5.70 17.36 33.55
CA SER A 192 6.52 16.21 33.20
C SER A 192 7.94 16.39 33.73
N ASP A 193 8.46 15.32 34.31
CA ASP A 193 9.77 15.35 34.95
C ASP A 193 10.88 15.30 33.89
N ARG A 194 12.12 15.46 34.36
CA ARG A 194 13.26 15.47 33.46
C ARG A 194 13.48 14.08 32.86
N SER A 195 14.11 14.07 31.69
CA SER A 195 14.37 12.82 31.01
C SER A 195 15.44 12.04 31.76
N PRO A 196 15.48 10.70 31.64
CA PRO A 196 16.50 9.87 32.28
C PRO A 196 17.93 10.26 31.89
N ASN A 206 15.87 14.51 15.96
CA ASN A 206 14.45 14.48 15.62
C ASN A 206 13.76 13.25 16.20
N PRO A 207 13.57 13.23 17.51
CA PRO A 207 12.93 12.08 18.15
C PRO A 207 11.41 12.22 18.14
N CYS A 208 10.75 11.12 18.42
CA CYS A 208 9.30 11.11 18.51
C CYS A 208 8.86 11.79 19.80
N PRO A 209 8.01 12.85 19.77
CA PRO A 209 7.64 13.57 21.00
C PRO A 209 6.66 12.76 21.86
N GLU A 210 6.23 11.60 21.37
CA GLU A 210 5.26 10.76 22.12
C GLU A 210 5.83 10.41 23.49
N SER A 211 7.11 10.04 23.54
CA SER A 211 7.75 9.65 24.82
C SER A 211 7.71 10.82 25.82
N SER A 212 8.35 11.94 25.46
CA SER A 212 8.42 13.08 26.38
C SER A 212 7.05 13.66 26.69
N ALA A 213 6.00 13.23 26.00
CA ALA A 213 4.68 13.82 26.19
C ALA A 213 4.13 13.47 27.56
N SER A 214 3.48 14.44 28.19
CA SER A 214 2.85 14.22 29.47
C SER A 214 1.61 13.33 29.30
N PHE A 215 1.05 12.90 30.42
CA PHE A 215 -0.13 12.04 30.37
C PHE A 215 -1.29 12.73 29.65
N LEU A 216 -1.52 14.01 29.97
CA LEU A 216 -2.55 14.76 29.28
C LEU A 216 -2.24 14.91 27.80
N SER A 217 -0.99 15.18 27.47
CA SER A 217 -0.59 15.27 26.06
C SER A 217 -0.70 13.93 25.36
N ARG A 218 -0.72 12.83 26.10
CA ARG A 218 -0.82 11.51 25.50
C ARG A 218 -2.26 11.07 25.28
N ILE A 219 -3.13 11.28 26.28
CA ILE A 219 -4.52 10.87 26.13
C ILE A 219 -5.23 11.74 25.10
N THR A 220 -5.07 13.05 25.21
CA THR A 220 -5.50 13.99 24.19
C THR A 220 -4.26 14.27 23.35
N PHE A 221 -4.14 13.60 22.21
CA PHE A 221 -2.90 13.60 21.46
C PHE A 221 -2.52 15.04 21.10
N TRP A 222 -1.47 15.54 21.75
CA TRP A 222 -1.04 16.92 21.59
C TRP A 222 0.39 17.05 21.08
N TRP A 223 1.21 16.03 21.24
CA TRP A 223 2.58 16.07 20.73
C TRP A 223 2.63 16.07 19.21
N ILE A 224 1.54 15.75 18.53
CA ILE A 224 1.48 15.80 17.08
C ILE A 224 0.83 17.09 16.57
N THR A 225 0.39 17.97 17.47
CA THR A 225 -0.15 19.26 17.05
C THR A 225 0.89 20.06 16.27
N GLY A 226 2.12 20.07 16.76
CA GLY A 226 3.18 20.78 16.04
C GLY A 226 3.39 20.24 14.65
N MET A 227 3.27 18.91 14.49
CA MET A 227 3.39 18.32 13.16
C MET A 227 2.28 18.81 12.23
N MET A 228 1.05 18.88 12.74
CA MET A 228 -0.05 19.35 11.89
C MET A 228 0.12 20.80 11.50
N VAL A 229 0.49 21.65 12.45
CA VAL A 229 0.70 23.06 12.14
C VAL A 229 1.83 23.21 11.12
N GLN A 230 2.93 22.50 11.33
CA GLN A 230 4.06 22.55 10.41
C GLN A 230 3.66 22.05 9.02
N GLY A 231 2.89 20.97 8.96
CA GLY A 231 2.44 20.46 7.68
C GLY A 231 1.54 21.42 6.95
N TYR A 232 0.76 22.22 7.70
CA TYR A 232 -0.01 23.28 7.04
C TYR A 232 0.92 24.36 6.51
N ARG A 233 1.88 24.81 7.32
CA ARG A 233 2.72 25.93 6.89
C ARG A 233 3.73 25.49 5.82
N GLN A 234 4.36 24.34 5.99
CA GLN A 234 5.32 23.89 5.00
C GLN A 234 5.04 22.45 4.60
N PRO A 235 5.35 22.07 3.37
CA PRO A 235 5.19 20.67 2.96
C PRO A 235 6.03 19.74 3.81
N LEU A 236 5.47 18.59 4.13
CA LEU A 236 6.17 17.60 4.93
C LEU A 236 6.98 16.68 4.03
N GLU A 237 8.21 16.39 4.45
CA GLU A 237 9.07 15.45 3.76
C GLU A 237 9.52 14.37 4.75
N SER A 238 10.22 13.36 4.21
CA SER A 238 10.74 12.30 5.06
C SER A 238 11.79 12.82 6.03
N THR A 239 12.42 13.95 5.73
CA THR A 239 13.38 14.54 6.66
C THR A 239 12.70 15.21 7.83
N ASP A 240 11.42 15.58 7.69
CA ASP A 240 10.67 16.18 8.79
C ASP A 240 10.02 15.15 9.70
N LEU A 241 10.01 13.88 9.33
CA LEU A 241 9.36 12.86 10.12
C LEU A 241 10.24 12.48 11.31
N TRP A 242 9.59 12.25 12.46
CA TRP A 242 10.33 11.91 13.67
C TRP A 242 10.96 10.53 13.55
N SER A 243 12.04 10.33 14.28
CA SER A 243 12.63 9.01 14.38
C SER A 243 11.65 8.07 15.08
N LEU A 244 11.68 6.81 14.67
CA LEU A 244 10.77 5.83 15.24
C LEU A 244 11.06 5.64 16.73
N ASN A 245 10.01 5.29 17.46
CA ASN A 245 10.19 4.88 18.86
C ASN A 245 11.14 3.68 18.90
N LYS A 246 11.99 3.64 19.92
CA LYS A 246 12.95 2.54 20.02
C LYS A 246 12.26 1.19 20.09
N GLU A 247 11.08 1.13 20.72
CA GLU A 247 10.32 -0.11 20.75
C GLU A 247 9.59 -0.38 19.43
N ASP A 248 9.45 0.62 18.58
CA ASP A 248 8.81 0.46 17.28
C ASP A 248 9.81 0.13 16.17
N THR A 249 11.11 0.22 16.45
CA THR A 249 12.10 0.03 15.40
C THR A 249 12.23 -1.45 15.04
N SER A 250 12.63 -1.70 13.79
CA SER A 250 12.76 -3.07 13.31
C SER A 250 13.83 -3.83 14.10
N GLU A 251 14.95 -3.17 14.40
CA GLU A 251 16.02 -3.77 15.17
C GLU A 251 15.55 -4.21 16.56
N GLN A 252 14.46 -3.65 17.07
CA GLN A 252 13.92 -4.06 18.35
C GLN A 252 12.86 -5.14 18.21
N VAL A 253 11.89 -4.95 17.32
CA VAL A 253 10.77 -5.89 17.24
C VAL A 253 11.18 -7.20 16.60
N VAL A 254 11.97 -7.15 15.51
CA VAL A 254 12.25 -8.36 14.75
C VAL A 254 13.04 -9.38 15.55
N PRO A 255 14.12 -9.03 16.26
CA PRO A 255 14.84 -10.05 17.04
C PRO A 255 13.99 -10.73 18.10
N VAL A 256 13.02 -10.01 18.70
CA VAL A 256 12.16 -10.63 19.70
C VAL A 256 11.31 -11.73 19.06
N LEU A 257 10.71 -11.42 17.91
CA LEU A 257 9.92 -12.42 17.20
C LEU A 257 10.78 -13.59 16.75
N VAL A 258 12.01 -13.30 16.30
CA VAL A 258 12.90 -14.37 15.87
C VAL A 258 13.27 -15.27 17.05
N LYS A 259 13.53 -14.67 18.21
CA LYS A 259 13.84 -15.46 19.40
C LYS A 259 12.66 -16.33 19.82
N ASN A 260 11.45 -15.77 19.80
CA ASN A 260 10.27 -16.54 20.19
C ASN A 260 10.01 -17.66 19.18
N TRP A 261 10.23 -17.39 17.90
CA TRP A 261 10.08 -18.44 16.89
C TRP A 261 11.13 -19.53 17.06
N LYS A 262 12.37 -19.14 17.41
CA LYS A 262 13.39 -20.14 17.67
C LYS A 262 13.03 -21.01 18.86
N LYS A 263 12.48 -20.40 19.92
CA LYS A 263 12.02 -21.17 21.07
C LYS A 263 10.89 -22.12 20.68
N GLU A 264 9.94 -21.65 19.86
CA GLU A 264 8.84 -22.51 19.45
C GLU A 264 9.32 -23.67 18.58
N CYS A 265 10.27 -23.41 17.68
CA CYS A 265 10.78 -24.46 16.81
C CYS A 265 11.67 -25.44 17.57
N ALA A 266 12.37 -24.98 18.61
CA ALA A 266 13.12 -25.89 19.47
C ALA A 266 12.21 -26.89 20.15
N LYS A 267 11.04 -26.43 20.59
CA LYS A 267 10.01 -27.32 21.13
C LYS A 267 9.21 -27.97 20.01
N SER A 268 9.87 -28.83 19.25
CA SER A 268 9.25 -29.51 18.10
C SER A 268 8.10 -30.41 18.53
N PRO A 311 4.84 -26.60 15.27
CA PRO A 311 5.18 -25.24 15.69
C PRO A 311 4.06 -24.26 15.40
N SER A 312 3.62 -23.51 16.40
CA SER A 312 2.50 -22.59 16.26
C SER A 312 3.02 -21.17 16.12
N LEU A 313 2.72 -20.55 14.98
CA LEU A 313 3.05 -19.14 14.80
C LEU A 313 2.11 -18.23 15.57
N PHE A 314 0.86 -18.66 15.78
CA PHE A 314 -0.07 -17.89 16.59
C PHE A 314 0.40 -17.81 18.04
N LYS A 315 0.93 -18.92 18.55
CA LYS A 315 1.47 -18.93 19.91
C LYS A 315 2.59 -17.90 20.05
N VAL A 316 3.51 -17.89 19.08
CA VAL A 316 4.59 -16.90 19.08
C VAL A 316 4.02 -15.49 18.99
N LEU A 317 3.02 -15.30 18.14
CA LEU A 317 2.48 -13.97 17.88
C LEU A 317 1.82 -13.39 19.13
N TYR A 318 1.04 -14.19 19.86
CA TYR A 318 0.44 -13.63 21.06
C TYR A 318 1.34 -13.72 22.28
N LYS A 319 2.47 -14.45 22.19
CA LYS A 319 3.47 -14.35 23.23
C LYS A 319 4.35 -13.12 23.07
N THR A 320 4.51 -12.63 21.84
CA THR A 320 5.36 -11.47 21.56
C THR A 320 4.59 -10.15 21.63
N PHE A 321 3.38 -10.13 21.09
CA PHE A 321 2.62 -8.85 21.01
C PHE A 321 1.37 -8.91 21.90
N GLY A 322 0.96 -10.11 22.31
CA GLY A 322 -0.24 -10.26 23.15
C GLY A 322 -0.19 -9.43 24.41
N PRO A 323 0.92 -9.44 25.20
CA PRO A 323 1.04 -8.59 26.38
C PRO A 323 0.65 -7.13 26.12
N TYR A 324 1.17 -6.54 25.03
CA TYR A 324 0.86 -5.11 24.71
C TYR A 324 -0.62 -4.98 24.33
N PHE A 325 -1.16 -5.98 23.62
CA PHE A 325 -2.57 -5.91 23.15
C PHE A 325 -3.53 -6.07 24.33
N LEU A 326 -3.04 -6.56 25.48
CA LEU A 326 -3.93 -6.78 26.66
C LEU A 326 -4.58 -5.47 27.06
N MET A 327 -3.85 -4.36 26.98
CA MET A 327 -4.38 -3.03 27.40
C MET A 327 -5.51 -2.61 26.45
N SER A 328 -5.40 -2.92 25.16
CA SER A 328 -6.47 -2.57 24.19
C SER A 328 -7.77 -3.26 24.61
N PHE A 329 -7.67 -4.54 25.01
CA PHE A 329 -8.87 -5.28 25.48
C PHE A 329 -9.50 -4.50 26.64
N LEU A 330 -8.69 -4.09 27.61
CA LEU A 330 -9.19 -3.31 28.78
C LEU A 330 -9.85 -2.02 28.28
N PHE A 331 -9.12 -1.22 27.50
CA PHE A 331 -9.67 0.06 26.97
C PHE A 331 -10.96 -0.22 26.19
N LYS A 332 -10.96 -1.31 25.42
CA LYS A 332 -12.14 -1.67 24.60
C LYS A 332 -13.35 -1.85 25.53
N ALA A 333 -13.18 -2.61 26.61
CA ALA A 333 -14.29 -2.84 27.57
C ALA A 333 -14.77 -1.51 28.13
N VAL A 334 -13.86 -0.67 28.64
CA VAL A 334 -14.24 0.60 29.24
C VAL A 334 -15.07 1.43 28.25
N HIS A 335 -14.65 1.45 26.98
CA HIS A 335 -15.38 2.21 25.98
C HIS A 335 -16.78 1.66 25.77
N ASP A 336 -16.93 0.33 25.77
CA ASP A 336 -18.25 -0.25 25.62
C ASP A 336 -19.17 0.15 26.77
N LEU A 337 -18.68 0.04 28.00
CA LEU A 337 -19.49 0.44 29.15
C LEU A 337 -19.84 1.93 29.08
N MET A 338 -18.88 2.77 28.76
CA MET A 338 -19.13 4.21 28.71
C MET A 338 -20.08 4.59 27.57
N MET A 339 -20.01 3.89 26.44
CA MET A 339 -20.91 4.18 25.33
C MET A 339 -22.32 3.74 25.65
N PHE A 340 -22.48 2.71 26.47
CA PHE A 340 -23.83 2.36 26.92
C PHE A 340 -24.32 3.27 28.03
N ALA A 341 -23.42 3.96 28.72
CA ALA A 341 -23.84 4.95 29.70
C ALA A 341 -24.64 6.08 29.05
N GLY A 342 -24.39 6.39 27.79
CA GLY A 342 -25.01 7.50 27.11
C GLY A 342 -26.52 7.44 27.02
N PRO A 343 -27.06 6.35 26.48
CA PRO A 343 -28.52 6.18 26.48
C PRO A 343 -29.14 6.15 27.87
N GLU A 344 -28.43 5.63 28.88
CA GLU A 344 -28.97 5.66 30.23
C GLU A 344 -29.11 7.09 30.75
N ILE A 345 -28.09 7.92 30.53
CA ILE A 345 -28.18 9.31 30.96
C ILE A 345 -29.21 10.06 30.13
N LEU A 346 -29.36 9.71 28.85
CA LEU A 346 -30.44 10.30 28.05
C LEU A 346 -31.80 9.93 28.61
N LYS A 347 -31.94 8.68 29.07
CA LYS A 347 -33.21 8.25 29.71
C LYS A 347 -33.45 9.11 30.93
N LEU A 348 -32.42 9.28 31.77
CA LEU A 348 -32.57 10.09 32.98
C LEU A 348 -32.97 11.52 32.63
N LEU A 349 -32.38 12.08 31.58
CA LEU A 349 -32.74 13.44 31.15
C LEU A 349 -34.19 13.50 30.69
N ILE A 350 -34.65 12.48 29.96
CA ILE A 350 -36.03 12.47 29.50
C ILE A 350 -36.99 12.39 30.68
N ASN A 351 -36.65 11.54 31.66
CA ASN A 351 -37.46 11.48 32.88
C ASN A 351 -37.49 12.83 33.59
N PHE A 352 -36.34 13.51 33.62
CA PHE A 352 -36.26 14.82 34.27
C PHE A 352 -37.13 15.84 33.56
N VAL A 353 -37.13 15.83 32.23
CA VAL A 353 -37.98 16.76 31.48
C VAL A 353 -39.44 16.38 31.63
N ASN A 354 -39.72 15.10 31.92
CA ASN A 354 -41.11 14.67 32.08
C ASN A 354 -41.74 15.29 33.32
N ASP A 355 -41.08 15.21 34.46
CA ASP A 355 -41.61 15.79 35.69
C ASP A 355 -41.15 17.24 35.82
N LYS A 356 -42.09 18.15 36.05
CA LYS A 356 -41.79 19.57 36.15
C LYS A 356 -41.46 19.99 37.58
N LYS A 357 -41.56 19.09 38.55
CA LYS A 357 -41.20 19.39 39.93
C LYS A 357 -39.79 18.95 40.27
N ALA A 358 -39.08 18.33 39.35
CA ALA A 358 -37.72 17.91 39.62
C ALA A 358 -36.79 19.12 39.70
N PRO A 359 -35.89 19.18 40.66
CA PRO A 359 -34.96 20.31 40.73
C PRO A 359 -34.07 20.38 39.50
N GLU A 360 -33.77 21.62 39.08
CA GLU A 360 -32.98 21.84 37.87
C GLU A 360 -31.56 21.29 38.00
N TRP A 361 -31.00 21.33 39.21
CA TRP A 361 -29.65 20.81 39.40
C TRP A 361 -29.56 19.36 38.98
N GLN A 362 -30.67 18.62 39.07
CA GLN A 362 -30.68 17.25 38.57
C GLN A 362 -30.42 17.21 37.07
N GLY A 363 -31.06 18.12 36.33
CA GLY A 363 -30.84 18.16 34.89
C GLY A 363 -29.43 18.59 34.54
N TYR A 364 -28.89 19.56 35.27
CA TYR A 364 -27.50 19.96 35.03
C TYR A 364 -26.52 18.84 35.39
N PHE A 365 -26.82 18.09 36.45
CA PHE A 365 -26.04 16.92 36.81
C PHE A 365 -26.09 15.88 35.70
N TYR A 366 -27.27 15.66 35.14
CA TYR A 366 -27.42 14.67 34.07
C TYR A 366 -26.64 15.10 32.82
N THR A 367 -26.72 16.38 32.44
CA THR A 367 -25.98 16.80 31.24
C THR A 367 -24.48 16.78 31.49
N ALA A 368 -24.03 17.10 32.71
CA ALA A 368 -22.62 16.98 33.03
C ALA A 368 -22.17 15.52 32.97
N LEU A 369 -23.00 14.60 33.45
CA LEU A 369 -22.68 13.18 33.37
C LEU A 369 -22.60 12.71 31.92
N LEU A 370 -23.53 13.16 31.08
CA LEU A 370 -23.50 12.81 29.66
C LEU A 370 -22.22 13.32 29.02
N PHE A 371 -21.87 14.57 29.28
CA PHE A 371 -20.68 15.16 28.69
C PHE A 371 -19.42 14.44 29.17
N ILE A 372 -19.32 14.17 30.47
CA ILE A 372 -18.14 13.52 31.02
C ILE A 372 -18.01 12.09 30.49
N SER A 373 -19.11 11.35 30.45
CA SER A 373 -19.06 9.99 29.93
C SER A 373 -18.66 9.97 28.46
N ALA A 374 -19.21 10.91 27.68
CA ALA A 374 -18.85 10.97 26.26
C ALA A 374 -17.37 11.30 26.07
N CYS A 375 -16.84 12.26 26.84
CA CYS A 375 -15.43 12.61 26.71
C CYS A 375 -14.53 11.46 27.15
N LEU A 376 -14.91 10.78 28.24
CA LEU A 376 -14.14 9.63 28.69
C LEU A 376 -14.15 8.53 27.64
N GLN A 377 -15.32 8.27 27.06
CA GLN A 377 -15.43 7.26 26.01
C GLN A 377 -14.55 7.62 24.82
N THR A 378 -14.52 8.89 24.45
CA THR A 378 -13.62 9.36 23.40
C THR A 378 -12.17 9.04 23.72
N LEU A 379 -11.72 9.46 24.91
CA LEU A 379 -10.30 9.24 25.31
C LEU A 379 -9.96 7.75 25.28
N VAL A 380 -10.68 6.93 26.04
CA VAL A 380 -10.34 5.48 26.14
C VAL A 380 -10.41 4.85 24.74
N LEU A 381 -11.39 5.23 23.93
CA LEU A 381 -11.55 4.63 22.57
C LEU A 381 -10.31 4.94 21.74
N HIS A 382 -9.85 6.20 21.75
CA HIS A 382 -8.70 6.53 20.90
C HIS A 382 -7.39 6.06 21.50
N GLN A 383 -7.32 5.89 22.83
CA GLN A 383 -6.19 5.16 23.40
C GLN A 383 -6.19 3.70 22.95
N TYR A 384 -7.38 3.09 22.92
CA TYR A 384 -7.50 1.72 22.42
C TYR A 384 -7.08 1.63 20.97
N PHE A 385 -7.52 2.58 20.15
CA PHE A 385 -7.13 2.61 18.75
C PHE A 385 -5.62 2.78 18.60
N HIS A 386 -5.03 3.66 19.40
CA HIS A 386 -3.59 3.85 19.34
C HIS A 386 -2.85 2.55 19.67
N ILE A 387 -3.31 1.86 20.72
CA ILE A 387 -2.69 0.59 21.08
C ILE A 387 -2.82 -0.43 19.95
N CYS A 388 -4.01 -0.52 19.36
CA CYS A 388 -4.24 -1.47 18.28
C CYS A 388 -3.36 -1.17 17.08
N PHE A 389 -3.26 0.10 16.70
CA PHE A 389 -2.46 0.47 15.53
C PHE A 389 -0.97 0.27 15.78
N VAL A 390 -0.50 0.61 16.99
CA VAL A 390 0.92 0.40 17.31
C VAL A 390 1.25 -1.07 17.34
N SER A 391 0.36 -1.89 17.91
CA SER A 391 0.59 -3.33 17.93
C SER A 391 0.59 -3.90 16.51
N GLY A 392 -0.30 -3.38 15.66
CA GLY A 392 -0.32 -3.81 14.24
C GLY A 392 1.00 -3.48 13.59
N MET A 393 1.56 -2.30 13.89
CA MET A 393 2.88 -1.90 13.33
C MET A 393 3.94 -2.90 13.83
N ARG A 394 3.99 -3.11 15.15
CA ARG A 394 5.00 -4.04 15.73
C ARG A 394 4.88 -5.40 15.04
N ILE A 395 3.65 -5.81 14.71
CA ILE A 395 3.47 -7.13 14.10
C ILE A 395 3.95 -7.12 12.66
N LYS A 396 3.58 -6.08 11.91
CA LYS A 396 3.99 -5.98 10.51
C LYS A 396 5.50 -5.88 10.39
N THR A 397 6.13 -5.04 11.22
CA THR A 397 7.58 -4.87 11.15
C THR A 397 8.30 -6.17 11.50
N ALA A 398 7.87 -6.82 12.58
CA ALA A 398 8.51 -8.06 12.99
C ALA A 398 8.32 -9.16 11.95
N VAL A 399 7.12 -9.27 11.38
CA VAL A 399 6.85 -10.29 10.38
C VAL A 399 7.70 -10.04 9.13
N ILE A 400 7.78 -8.78 8.70
CA ILE A 400 8.58 -8.45 7.52
C ILE A 400 10.05 -8.76 7.77
N GLY A 401 10.57 -8.37 8.93
CA GLY A 401 11.96 -8.66 9.24
C GLY A 401 12.25 -10.13 9.31
N ALA A 402 11.38 -10.90 9.97
CA ALA A 402 11.58 -12.34 10.09
C ALA A 402 11.49 -13.02 8.74
N VAL A 403 10.57 -12.57 7.88
CA VAL A 403 10.47 -13.13 6.53
C VAL A 403 11.74 -12.84 5.73
N TYR A 404 12.25 -11.62 5.85
CA TYR A 404 13.48 -11.27 5.14
C TYR A 404 14.65 -12.13 5.61
N ARG A 405 14.81 -12.26 6.92
CA ARG A 405 15.89 -13.08 7.45
C ARG A 405 15.73 -14.54 7.04
N LYS A 406 14.51 -15.06 7.08
CA LYS A 406 14.26 -16.43 6.65
C LYS A 406 14.64 -16.63 5.19
N ALA A 407 14.24 -15.70 4.33
CA ALA A 407 14.61 -15.79 2.92
C ALA A 407 16.12 -15.74 2.76
N LEU A 408 16.81 -15.01 3.63
CA LEU A 408 18.27 -15.01 3.60
C LEU A 408 18.86 -16.33 4.08
N VAL A 409 18.12 -17.12 4.86
CA VAL A 409 18.66 -18.37 5.38
C VAL A 409 18.05 -19.62 4.73
N ILE A 410 16.86 -19.53 4.11
CA ILE A 410 16.20 -20.75 3.63
C ILE A 410 17.03 -21.42 2.53
N THR A 411 16.72 -22.69 2.29
CA THR A 411 17.46 -23.49 1.33
C THR A 411 16.87 -23.32 -0.07
N ASN A 412 17.54 -23.94 -1.05
CA ASN A 412 17.12 -23.80 -2.44
C ASN A 412 15.83 -24.54 -2.71
N ALA A 413 15.61 -25.68 -2.04
CA ALA A 413 14.37 -26.42 -2.22
C ALA A 413 13.17 -25.60 -1.78
N ALA A 414 13.28 -24.90 -0.64
CA ALA A 414 12.19 -24.08 -0.16
C ALA A 414 11.90 -22.91 -1.10
N ARG A 415 12.95 -22.25 -1.58
CA ARG A 415 12.76 -21.15 -2.53
C ARG A 415 12.13 -21.64 -3.83
N LYS A 416 12.54 -22.81 -4.30
CA LYS A 416 11.92 -23.39 -5.48
C LYS A 416 10.46 -23.72 -5.23
N SER A 417 10.14 -24.17 -4.01
CA SER A 417 8.75 -24.45 -3.68
C SER A 417 7.89 -23.19 -3.70
N SER A 418 8.40 -22.09 -3.16
CA SER A 418 7.58 -20.91 -2.92
C SER A 418 7.65 -19.88 -4.04
N THR A 419 8.36 -20.14 -5.13
CA THR A 419 8.54 -19.18 -6.23
C THR A 419 9.14 -17.90 -5.65
N VAL A 420 8.77 -16.74 -6.21
CA VAL A 420 9.28 -15.45 -5.77
C VAL A 420 8.15 -14.51 -5.38
N GLY A 421 7.13 -14.39 -6.23
CA GLY A 421 6.02 -13.51 -5.93
C GLY A 421 5.24 -13.92 -4.69
N GLU A 422 5.23 -15.22 -4.37
CA GLU A 422 4.57 -15.67 -3.15
C GLU A 422 5.30 -15.20 -1.91
N ILE A 423 6.63 -15.17 -1.95
CA ILE A 423 7.39 -14.70 -0.79
C ILE A 423 7.19 -13.19 -0.60
N VAL A 424 7.22 -12.43 -1.69
CA VAL A 424 6.94 -11.00 -1.56
C VAL A 424 5.49 -10.78 -1.12
N ASN A 425 4.59 -11.68 -1.51
CA ASN A 425 3.22 -11.62 -1.00
C ASN A 425 3.19 -11.85 0.50
N LEU A 426 3.98 -12.81 0.99
CA LEU A 426 4.16 -12.98 2.42
C LEU A 426 4.61 -11.69 3.08
N MET A 427 5.48 -10.95 2.39
CA MET A 427 6.04 -9.70 2.96
C MET A 427 5.02 -8.56 2.89
N SER A 428 4.09 -8.60 1.93
CA SER A 428 3.18 -7.48 1.75
C SER A 428 1.76 -7.78 2.25
N VAL A 429 1.08 -8.73 1.60
CA VAL A 429 -0.35 -8.92 1.88
C VAL A 429 -0.56 -9.57 3.23
N ASP A 430 0.32 -10.50 3.63
CA ASP A 430 0.12 -11.19 4.89
C ASP A 430 0.39 -10.27 6.09
N ALA A 431 1.49 -9.51 6.04
CA ALA A 431 1.78 -8.57 7.12
C ALA A 431 0.76 -7.44 7.17
N GLN A 432 0.33 -6.94 6.00
CA GLN A 432 -0.70 -5.91 6.01
C GLN A 432 -2.02 -6.47 6.53
N ARG A 433 -2.33 -7.72 6.22
CA ARG A 433 -3.52 -8.35 6.78
C ARG A 433 -3.41 -8.45 8.29
N PHE A 434 -2.23 -8.76 8.81
CA PHE A 434 -2.06 -8.81 10.26
C PHE A 434 -2.28 -7.44 10.89
N MET A 435 -1.76 -6.38 10.27
CA MET A 435 -1.96 -5.03 10.80
C MET A 435 -3.43 -4.63 10.76
N ASP A 436 -4.07 -4.80 9.60
CA ASP A 436 -5.47 -4.41 9.47
C ASP A 436 -6.38 -5.26 10.35
N LEU A 437 -6.01 -6.52 10.58
CA LEU A 437 -6.75 -7.35 11.53
C LEU A 437 -6.60 -6.81 12.94
N ALA A 438 -5.35 -6.55 13.36
CA ALA A 438 -5.11 -6.02 14.70
C ALA A 438 -5.89 -4.74 14.94
N THR A 439 -6.22 -4.00 13.88
CA THR A 439 -7.06 -2.82 14.07
C THR A 439 -8.42 -3.16 14.66
N TYR A 440 -9.06 -4.25 14.21
CA TYR A 440 -10.44 -4.53 14.59
C TYR A 440 -10.67 -5.93 15.19
N ILE A 441 -9.62 -6.64 15.58
CA ILE A 441 -9.79 -8.01 16.06
C ILE A 441 -10.50 -8.03 17.41
N ASN A 442 -10.32 -6.99 18.22
CA ASN A 442 -11.00 -6.93 19.52
C ASN A 442 -12.50 -6.87 19.35
N MET A 443 -13.00 -6.53 18.16
CA MET A 443 -14.43 -6.56 17.92
C MET A 443 -14.99 -7.97 18.04
N ILE A 444 -14.15 -8.99 17.82
CA ILE A 444 -14.65 -10.41 17.85
C ILE A 444 -15.30 -10.66 19.22
N TRP A 445 -15.02 -9.81 20.21
CA TRP A 445 -15.64 -9.97 21.54
C TRP A 445 -16.42 -8.69 21.90
N SER A 446 -15.92 -7.53 21.46
CA SER A 446 -16.59 -6.27 21.77
C SER A 446 -17.97 -6.20 21.11
N ALA A 447 -18.05 -6.60 19.84
CA ALA A 447 -19.34 -6.58 19.15
C ALA A 447 -20.35 -7.53 19.77
N PRO A 448 -20.03 -8.79 20.09
CA PRO A 448 -21.01 -9.60 20.84
C PRO A 448 -21.39 -8.99 22.18
N LEU A 449 -20.43 -8.45 22.91
CA LEU A 449 -20.74 -7.86 24.22
C LEU A 449 -21.61 -6.62 24.07
N GLN A 450 -21.29 -5.78 23.08
CA GLN A 450 -22.12 -4.60 22.82
C GLN A 450 -23.52 -5.01 22.40
N VAL A 451 -23.64 -6.05 21.56
CA VAL A 451 -24.95 -6.52 21.14
C VAL A 451 -25.74 -7.03 22.34
N ILE A 452 -25.09 -7.81 23.22
CA ILE A 452 -25.78 -8.36 24.38
C ILE A 452 -26.24 -7.25 25.32
N LEU A 453 -25.36 -6.28 25.58
CA LEU A 453 -25.71 -5.19 26.48
C LEU A 453 -26.82 -4.32 25.89
N ALA A 454 -26.74 -4.01 24.60
CA ALA A 454 -27.78 -3.21 23.96
C ALA A 454 -29.11 -3.96 23.95
N LEU A 455 -29.08 -5.26 23.70
CA LEU A 455 -30.30 -6.04 23.69
C LEU A 455 -30.92 -6.12 25.07
N TYR A 456 -30.09 -6.24 26.12
CA TYR A 456 -30.63 -6.25 27.47
C TYR A 456 -31.22 -4.89 27.85
N LEU A 457 -30.57 -3.79 27.46
CA LEU A 457 -31.13 -2.47 27.74
C LEU A 457 -32.42 -2.23 26.96
N LEU A 458 -32.45 -2.68 25.70
CA LEU A 458 -33.68 -2.60 24.92
C LEU A 458 -34.78 -3.45 25.53
N TRP A 459 -34.41 -4.61 26.11
CA TRP A 459 -35.39 -5.40 26.82
C TRP A 459 -35.96 -4.62 28.01
N LEU A 460 -35.08 -4.06 28.83
CA LEU A 460 -35.51 -3.25 29.96
C LEU A 460 -36.43 -2.12 29.53
N ASN A 461 -36.23 -1.62 28.31
CA ASN A 461 -37.08 -0.53 27.82
C ASN A 461 -38.42 -1.04 27.30
N LEU A 462 -38.41 -2.09 26.47
CA LEU A 462 -39.54 -2.40 25.61
C LEU A 462 -40.13 -3.80 25.80
N GLY A 463 -39.68 -4.56 26.79
CA GLY A 463 -40.20 -5.89 26.99
C GLY A 463 -39.81 -6.86 25.88
N PRO A 464 -40.64 -7.89 25.68
CA PRO A 464 -40.36 -8.87 24.62
C PRO A 464 -40.56 -8.33 23.21
N SER A 465 -41.00 -7.09 23.04
CA SER A 465 -41.16 -6.52 21.71
C SER A 465 -39.84 -6.35 20.98
N VAL A 466 -38.73 -6.39 21.71
CA VAL A 466 -37.40 -6.27 21.10
C VAL A 466 -37.08 -7.48 20.22
N LEU A 467 -37.84 -8.56 20.36
CA LEU A 467 -37.59 -9.73 19.53
C LEU A 467 -37.82 -9.45 18.06
N ALA A 468 -38.72 -8.52 17.73
CA ALA A 468 -38.92 -8.16 16.33
C ALA A 468 -37.68 -7.47 15.75
N GLY A 469 -37.09 -6.55 16.50
CA GLY A 469 -35.85 -5.94 16.05
C GLY A 469 -34.71 -6.94 15.99
N VAL A 470 -34.66 -7.87 16.94
CA VAL A 470 -33.65 -8.91 16.90
C VAL A 470 -33.83 -9.78 15.66
N ALA A 471 -35.08 -10.08 15.30
CA ALA A 471 -35.35 -10.85 14.09
C ALA A 471 -34.91 -10.10 12.85
N VAL A 472 -35.17 -8.79 12.80
CA VAL A 472 -34.70 -7.99 11.66
C VAL A 472 -33.19 -8.01 11.57
N MET A 473 -32.51 -7.89 12.72
CA MET A 473 -31.05 -7.94 12.72
C MET A 473 -30.52 -9.30 12.28
N VAL A 474 -31.18 -10.37 12.74
CA VAL A 474 -30.80 -11.73 12.37
C VAL A 474 -31.04 -11.97 10.88
N LEU A 475 -32.01 -11.27 10.30
CA LEU A 475 -32.17 -11.36 8.85
C LEU A 475 -31.09 -10.58 8.11
N MET A 476 -30.78 -9.36 8.59
CA MET A 476 -29.91 -8.47 7.84
C MET A 476 -28.44 -8.85 7.92
N VAL A 477 -27.97 -9.31 9.08
CA VAL A 477 -26.54 -9.60 9.23
C VAL A 477 -26.08 -10.72 8.30
N PRO A 478 -26.75 -11.87 8.23
CA PRO A 478 -26.38 -12.86 7.20
C PRO A 478 -26.55 -12.34 5.79
N LEU A 479 -27.52 -11.46 5.53
CA LEU A 479 -27.63 -10.85 4.21
C LEU A 479 -26.39 -10.02 3.89
N ASN A 480 -25.91 -9.24 4.86
CA ASN A 480 -24.69 -8.47 4.66
C ASN A 480 -23.49 -9.39 4.43
N ALA A 481 -23.42 -10.50 5.17
CA ALA A 481 -22.32 -11.45 4.97
C ALA A 481 -22.35 -12.08 3.58
N VAL A 482 -23.54 -12.48 3.12
CA VAL A 482 -23.67 -13.08 1.79
C VAL A 482 -23.29 -12.08 0.72
N MET A 483 -23.74 -10.83 0.87
CA MET A 483 -23.41 -9.81 -0.10
C MET A 483 -21.91 -9.49 -0.08
N ALA A 484 -21.28 -9.57 1.09
CA ALA A 484 -19.84 -9.37 1.17
C ALA A 484 -19.08 -10.49 0.46
N MET A 485 -19.53 -11.73 0.62
CA MET A 485 -18.91 -12.84 -0.10
C MET A 485 -19.05 -12.65 -1.62
N LYS A 486 -20.24 -12.27 -2.07
CA LYS A 486 -20.41 -12.06 -3.50
C LYS A 486 -19.59 -10.86 -4.02
N THR A 487 -19.46 -9.82 -3.20
CA THR A 487 -18.61 -8.70 -3.57
C THR A 487 -17.14 -9.12 -3.67
N LYS A 488 -16.71 -10.01 -2.78
CA LYS A 488 -15.36 -10.54 -2.87
C LYS A 488 -15.17 -11.33 -4.16
N THR A 489 -16.17 -12.12 -4.55
CA THR A 489 -16.10 -12.82 -5.83
C THR A 489 -15.98 -11.84 -6.99
N TYR A 490 -16.80 -10.79 -6.97
CA TYR A 490 -16.76 -9.79 -8.04
C TYR A 490 -15.42 -9.08 -8.07
N GLN A 491 -14.83 -8.84 -6.90
CA GLN A 491 -13.53 -8.18 -6.86
C GLN A 491 -12.41 -9.09 -7.34
N VAL A 492 -12.54 -10.40 -7.10
CA VAL A 492 -11.59 -11.35 -7.69
C VAL A 492 -11.67 -11.29 -9.22
N ALA A 493 -12.88 -11.32 -9.75
CA ALA A 493 -13.04 -11.25 -11.21
C ALA A 493 -12.52 -9.92 -11.76
N HIS A 494 -12.81 -8.82 -11.06
CA HIS A 494 -12.34 -7.50 -11.49
C HIS A 494 -10.83 -7.42 -11.46
N MET A 495 -10.20 -8.01 -10.43
CA MET A 495 -8.75 -8.02 -10.37
C MET A 495 -8.16 -8.81 -11.53
N LYS A 496 -8.77 -9.95 -11.87
CA LYS A 496 -8.29 -10.73 -13.01
C LYS A 496 -8.38 -9.93 -14.31
N SER A 497 -9.53 -9.29 -14.54
CA SER A 497 -9.70 -8.53 -15.78
C SER A 497 -8.79 -7.30 -15.81
N LYS A 498 -8.61 -6.65 -14.66
CA LYS A 498 -7.71 -5.50 -14.59
C LYS A 498 -6.27 -5.91 -14.84
N ASP A 499 -5.87 -7.09 -14.35
CA ASP A 499 -4.53 -7.57 -14.64
C ASP A 499 -4.35 -7.85 -16.12
N ASN A 500 -5.37 -8.42 -16.77
CA ASN A 500 -5.33 -8.60 -18.22
C ASN A 500 -5.16 -7.26 -18.93
N ARG A 501 -5.96 -6.27 -18.52
CA ARG A 501 -5.90 -4.94 -19.18
C ARG A 501 -4.51 -4.33 -18.96
N ILE A 502 -3.96 -4.45 -17.76
CA ILE A 502 -2.67 -3.85 -17.45
C ILE A 502 -1.56 -4.53 -18.25
N LYS A 503 -1.66 -5.86 -18.43
CA LYS A 503 -0.70 -6.56 -19.28
C LYS A 503 -0.78 -6.04 -20.71
N LEU A 504 -1.99 -5.89 -21.23
CA LEU A 504 -2.16 -5.37 -22.59
C LEU A 504 -1.64 -3.95 -22.70
N MET A 505 -1.91 -3.11 -21.71
CA MET A 505 -1.44 -1.72 -21.77
C MET A 505 0.07 -1.65 -21.66
N ASN A 506 0.68 -2.51 -20.85
CA ASN A 506 2.13 -2.55 -20.78
C ASN A 506 2.73 -2.96 -22.11
N GLU A 507 2.13 -3.94 -22.79
CA GLU A 507 2.65 -4.32 -24.09
C GLU A 507 2.37 -3.25 -25.15
N ILE A 508 1.32 -2.45 -24.97
CA ILE A 508 1.05 -1.34 -25.88
C ILE A 508 2.09 -0.25 -25.70
N LEU A 509 2.37 0.12 -24.45
CA LEU A 509 3.36 1.17 -24.19
C LEU A 509 4.76 0.70 -24.55
N ASN A 510 5.10 -0.55 -24.22
CA ASN A 510 6.35 -1.16 -24.67
C ASN A 510 6.13 -1.68 -26.09
N GLY A 511 6.18 -0.76 -27.06
CA GLY A 511 5.86 -1.10 -28.43
C GLY A 511 4.91 -0.12 -29.07
N ILE A 512 4.74 1.04 -28.43
CA ILE A 512 3.89 2.08 -29.00
C ILE A 512 4.46 2.61 -30.31
N LYS A 513 5.78 2.57 -30.46
CA LYS A 513 6.40 3.03 -31.70
C LYS A 513 5.95 2.18 -32.89
N VAL A 514 5.99 0.86 -32.73
CA VAL A 514 5.56 -0.02 -33.81
C VAL A 514 4.04 0.08 -34.01
N LEU A 515 3.29 0.38 -32.95
CA LEU A 515 1.85 0.54 -33.08
C LEU A 515 1.51 1.77 -33.91
N LYS A 516 2.16 2.90 -33.61
CA LYS A 516 1.92 4.12 -34.38
C LYS A 516 2.43 3.99 -35.81
N LEU A 517 3.59 3.33 -35.98
CA LEU A 517 4.16 3.14 -37.33
C LEU A 517 3.21 2.27 -38.17
N TYR A 518 2.56 1.29 -37.55
CA TYR A 518 1.67 0.38 -38.26
C TYR A 518 0.23 0.86 -38.32
N ALA A 519 -0.07 2.03 -37.73
CA ALA A 519 -1.44 2.55 -37.65
C ALA A 519 -2.36 1.58 -36.93
N TRP A 520 -1.85 0.96 -35.86
CA TRP A 520 -2.56 -0.08 -35.12
C TRP A 520 -3.14 0.43 -33.81
N GLU A 521 -3.32 1.75 -33.67
CA GLU A 521 -3.80 2.28 -32.41
C GLU A 521 -5.26 1.95 -32.18
N LEU A 522 -6.07 1.95 -33.24
CA LEU A 522 -7.50 1.70 -33.08
C LEU A 522 -7.78 0.25 -32.72
N ALA A 523 -7.04 -0.69 -33.30
CA ALA A 523 -7.25 -2.10 -32.99
C ALA A 523 -6.93 -2.41 -31.53
N PHE A 524 -5.79 -1.93 -31.05
CA PHE A 524 -5.43 -2.17 -29.66
C PHE A 524 -6.29 -1.37 -28.71
N LYS A 525 -6.78 -0.21 -29.16
CA LYS A 525 -7.81 0.50 -28.39
C LYS A 525 -9.05 -0.36 -28.21
N ASP A 526 -9.50 -1.01 -29.29
CA ASP A 526 -10.67 -1.88 -29.19
C ASP A 526 -10.41 -3.06 -28.28
N LYS A 527 -9.19 -3.60 -28.31
CA LYS A 527 -8.85 -4.71 -27.40
C LYS A 527 -8.93 -4.27 -25.94
N VAL A 528 -8.29 -3.14 -25.62
CA VAL A 528 -8.33 -2.63 -24.25
C VAL A 528 -9.76 -2.32 -23.85
N LEU A 529 -10.56 -1.82 -24.80
CA LEU A 529 -11.94 -1.49 -24.51
C LEU A 529 -12.76 -2.75 -24.21
N ALA A 530 -12.48 -3.85 -24.90
CA ALA A 530 -13.18 -5.10 -24.59
C ALA A 530 -12.82 -5.62 -23.21
N ILE A 531 -11.52 -5.59 -22.87
CA ILE A 531 -11.13 -6.02 -21.53
C ILE A 531 -11.78 -5.13 -20.47
N ARG A 532 -11.80 -3.81 -20.73
CA ARG A 532 -12.46 -2.88 -19.83
C ARG A 532 -13.96 -3.10 -19.79
N GLN A 533 -14.55 -3.60 -20.87
CA GLN A 533 -15.98 -3.89 -20.85
C GLN A 533 -16.30 -5.05 -19.91
N GLU A 534 -15.48 -6.11 -19.96
CA GLU A 534 -15.65 -7.19 -18.98
C GLU A 534 -15.46 -6.68 -17.56
N GLU A 535 -14.43 -5.83 -17.39
CA GLU A 535 -14.13 -5.24 -16.06
C GLU A 535 -15.31 -4.38 -15.60
N LEU A 536 -15.93 -3.65 -16.52
CA LEU A 536 -17.05 -2.77 -16.18
C LEU A 536 -18.32 -3.56 -15.90
N LYS A 537 -18.49 -4.71 -16.55
CA LYS A 537 -19.63 -5.56 -16.22
C LYS A 537 -19.52 -6.08 -14.80
N VAL A 538 -18.37 -6.62 -14.43
CA VAL A 538 -18.22 -7.11 -13.06
C VAL A 538 -18.28 -5.94 -12.07
N LEU A 539 -17.81 -4.76 -12.47
CA LEU A 539 -17.91 -3.58 -11.63
C LEU A 539 -19.36 -3.16 -11.45
N LYS A 540 -20.18 -3.28 -12.50
CA LYS A 540 -21.60 -2.94 -12.40
C LYS A 540 -22.32 -3.89 -11.45
N LYS A 541 -22.00 -5.17 -11.50
CA LYS A 541 -22.57 -6.10 -10.54
C LYS A 541 -22.15 -5.76 -9.11
N SER A 542 -20.86 -5.45 -8.92
CA SER A 542 -20.39 -5.01 -7.61
C SER A 542 -21.08 -3.71 -7.17
N ALA A 543 -21.42 -2.85 -8.13
CA ALA A 543 -22.12 -1.61 -7.80
C ALA A 543 -23.55 -1.88 -7.33
N TYR A 544 -24.23 -2.82 -7.99
CA TYR A 544 -25.55 -3.23 -7.52
C TYR A 544 -25.47 -3.74 -6.09
N LEU A 545 -24.48 -4.59 -5.82
CA LEU A 545 -24.30 -5.13 -4.46
C LEU A 545 -23.98 -4.03 -3.47
N ALA A 546 -23.12 -3.08 -3.84
CA ALA A 546 -22.75 -2.00 -2.93
C ALA A 546 -23.94 -1.09 -2.63
N ALA A 547 -24.80 -0.86 -3.63
CA ALA A 547 -26.00 -0.08 -3.39
C ALA A 547 -26.95 -0.79 -2.43
N VAL A 548 -27.14 -2.10 -2.62
CA VAL A 548 -27.99 -2.84 -1.68
C VAL A 548 -27.37 -2.83 -0.29
N GLY A 549 -26.05 -2.91 -0.20
CA GLY A 549 -25.39 -2.87 1.09
C GLY A 549 -25.52 -1.53 1.79
N THR A 550 -25.38 -0.44 1.03
CA THR A 550 -25.62 0.89 1.61
C THR A 550 -27.06 1.01 2.08
N PHE A 551 -28.00 0.51 1.30
CA PHE A 551 -29.40 0.53 1.71
C PHE A 551 -29.59 -0.21 3.03
N THR A 552 -29.05 -1.43 3.12
CA THR A 552 -29.23 -2.23 4.33
C THR A 552 -28.58 -1.56 5.53
N TRP A 553 -27.35 -1.07 5.37
CA TRP A 553 -26.66 -0.45 6.50
C TRP A 553 -27.39 0.80 6.98
N VAL A 554 -27.85 1.65 6.05
CA VAL A 554 -28.48 2.89 6.45
C VAL A 554 -29.86 2.62 7.06
N CYS A 555 -30.62 1.69 6.49
CA CYS A 555 -32.02 1.53 6.83
C CYS A 555 -32.30 0.40 7.80
N THR A 556 -31.28 -0.35 8.20
CA THR A 556 -31.49 -1.43 9.22
C THR A 556 -31.86 -0.81 10.58
N PRO A 557 -31.24 0.30 11.07
CA PRO A 557 -31.67 0.89 12.33
C PRO A 557 -33.15 1.25 12.29
N PHE A 558 -33.61 1.84 11.18
CA PHE A 558 -35.03 2.16 11.07
C PHE A 558 -35.89 0.92 11.01
N LEU A 559 -35.44 -0.11 10.30
CA LEU A 559 -36.23 -1.34 10.25
C LEU A 559 -36.41 -1.93 11.64
N VAL A 560 -35.32 -1.95 12.42
CA VAL A 560 -35.39 -2.48 13.78
C VAL A 560 -36.31 -1.61 14.63
N ALA A 561 -36.16 -0.28 14.54
CA ALA A 561 -36.98 0.62 15.32
C ALA A 561 -38.46 0.47 14.97
N LEU A 562 -38.77 0.41 13.68
CA LEU A 562 -40.16 0.29 13.24
C LEU A 562 -40.75 -1.04 13.69
N SER A 563 -40.01 -2.14 13.53
CA SER A 563 -40.52 -3.43 13.96
C SER A 563 -40.78 -3.45 15.45
N THR A 564 -39.82 -2.99 16.25
CA THR A 564 -39.98 -3.05 17.70
C THR A 564 -41.09 -2.11 18.17
N PHE A 565 -41.20 -0.91 17.58
CA PHE A 565 -42.23 0.02 17.97
C PHE A 565 -43.62 -0.47 17.58
N ALA A 566 -43.75 -1.00 16.37
CA ALA A 566 -45.04 -1.53 15.92
C ALA A 566 -45.49 -2.69 16.79
N VAL A 567 -44.58 -3.64 17.05
CA VAL A 567 -44.93 -4.76 17.91
C VAL A 567 -45.29 -4.26 19.31
N TYR A 568 -44.51 -3.32 19.84
CA TYR A 568 -44.77 -2.78 21.17
C TYR A 568 -46.17 -2.18 21.25
N VAL A 569 -46.51 -1.30 20.31
CA VAL A 569 -47.80 -0.62 20.40
C VAL A 569 -48.97 -1.51 20.01
N THR A 570 -48.73 -2.60 19.28
CA THR A 570 -49.84 -3.43 18.82
C THR A 570 -50.12 -4.63 19.71
N VAL A 571 -49.13 -5.15 20.44
CA VAL A 571 -49.40 -6.28 21.31
C VAL A 571 -50.28 -5.87 22.48
N ASP A 572 -50.04 -4.67 23.00
CA ASP A 572 -50.80 -4.22 24.20
C ASP A 572 -51.27 -2.77 24.00
N GLU A 573 -52.52 -2.49 24.35
CA GLU A 573 -53.05 -1.13 24.22
C GLU A 573 -52.42 -0.19 25.23
N ASN A 574 -52.04 -0.71 26.40
CA ASN A 574 -51.42 0.10 27.44
C ASN A 574 -49.93 0.30 27.24
N ASN A 575 -49.38 -0.24 26.16
CA ASN A 575 -47.97 -0.01 25.84
C ASN A 575 -47.81 1.41 25.32
N ILE A 576 -47.50 2.34 26.22
CA ILE A 576 -47.34 3.74 25.88
C ILE A 576 -45.96 3.94 25.29
N LEU A 577 -45.88 4.63 24.16
CA LEU A 577 -44.60 4.93 23.52
C LEU A 577 -44.19 6.34 23.90
N ASP A 578 -43.65 6.46 25.11
CA ASP A 578 -43.15 7.75 25.55
C ASP A 578 -41.76 8.00 24.98
N ALA A 579 -41.25 9.21 25.19
CA ALA A 579 -39.93 9.56 24.68
C ALA A 579 -38.85 8.69 25.29
N GLN A 580 -39.05 8.29 26.56
CA GLN A 580 -38.06 7.43 27.26
C GLN A 580 -37.94 6.09 26.52
N LYS A 581 -39.07 5.50 26.10
CA LYS A 581 -39.03 4.20 25.44
C LYS A 581 -38.74 4.30 23.95
N ALA A 582 -38.77 5.49 23.37
CA ALA A 582 -38.54 5.65 21.94
C ALA A 582 -37.12 6.09 21.64
N PHE A 583 -36.68 7.21 22.21
CA PHE A 583 -35.40 7.78 21.80
C PHE A 583 -34.21 7.10 22.47
N VAL A 584 -34.38 6.60 23.69
CA VAL A 584 -33.35 5.76 24.29
C VAL A 584 -33.17 4.49 23.47
N SER A 585 -34.28 3.90 23.03
CA SER A 585 -34.20 2.73 22.17
C SER A 585 -33.56 3.04 20.83
N LEU A 586 -33.85 4.22 20.28
CA LEU A 586 -33.18 4.66 19.05
C LEU A 586 -31.68 4.79 19.25
N ALA A 587 -31.25 5.37 20.37
CA ALA A 587 -29.83 5.46 20.67
C ALA A 587 -29.22 4.06 20.79
N LEU A 588 -29.96 3.13 21.37
CA LEU A 588 -29.47 1.75 21.48
C LEU A 588 -29.36 1.08 20.10
N PHE A 589 -30.30 1.34 19.21
CA PHE A 589 -30.20 0.81 17.85
C PHE A 589 -29.00 1.39 17.11
N ASN A 590 -28.76 2.69 17.29
CA ASN A 590 -27.59 3.31 16.68
C ASN A 590 -26.30 2.77 17.27
N ILE A 591 -26.30 2.45 18.56
CA ILE A 591 -25.15 1.76 19.14
C ILE A 591 -24.99 0.38 18.53
N LEU A 592 -26.12 -0.27 18.25
CA LEU A 592 -26.10 -1.65 17.69
C LEU A 592 -25.70 -1.62 16.21
N ARG A 593 -25.92 -0.49 15.54
CA ARG A 593 -25.68 -0.45 14.06
C ARG A 593 -24.26 -0.90 13.71
N PHE A 594 -23.24 -0.37 14.39
CA PHE A 594 -21.83 -0.63 13.98
C PHE A 594 -21.43 -2.08 14.26
N PRO A 595 -21.49 -2.58 15.52
CA PRO A 595 -21.02 -3.95 15.82
C PRO A 595 -21.60 -5.00 14.91
N LEU A 596 -22.88 -4.91 14.59
CA LEU A 596 -23.51 -5.89 13.71
C LEU A 596 -22.90 -5.84 12.31
N ASN A 597 -22.57 -4.63 11.84
CA ASN A 597 -22.01 -4.50 10.51
C ASN A 597 -20.54 -4.93 10.46
N ILE A 598 -19.82 -4.80 11.56
CA ILE A 598 -18.40 -5.15 11.55
C ILE A 598 -18.13 -6.60 11.93
N LEU A 599 -19.07 -7.26 12.62
CA LEU A 599 -18.82 -8.66 13.00
C LEU A 599 -18.56 -9.57 11.81
N PRO A 600 -19.38 -9.60 10.75
CA PRO A 600 -19.05 -10.46 9.60
C PRO A 600 -17.72 -10.11 8.97
N MET A 601 -17.43 -8.81 8.87
CA MET A 601 -16.14 -8.36 8.28
C MET A 601 -15.00 -8.87 9.16
N VAL A 602 -15.16 -8.80 10.49
CA VAL A 602 -14.11 -9.25 11.39
C VAL A 602 -13.89 -10.75 11.27
N ILE A 603 -14.97 -11.52 11.13
CA ILE A 603 -14.81 -12.97 10.96
C ILE A 603 -14.12 -13.28 9.63
N SER A 604 -14.50 -12.57 8.56
CA SER A 604 -13.82 -12.76 7.29
C SER A 604 -12.34 -12.41 7.39
N SER A 605 -12.02 -11.32 8.10
CA SER A 605 -10.63 -10.95 8.31
C SER A 605 -9.89 -12.01 9.10
N ILE A 606 -10.56 -12.63 10.08
CA ILE A 606 -9.93 -13.69 10.86
C ILE A 606 -9.63 -14.89 9.98
N VAL A 607 -10.54 -15.24 9.08
CA VAL A 607 -10.30 -16.37 8.18
C VAL A 607 -9.14 -16.07 7.22
N GLN A 608 -9.12 -14.85 6.67
CA GLN A 608 -8.03 -14.47 5.79
C GLN A 608 -6.70 -14.45 6.53
N ALA A 609 -6.70 -13.93 7.76
CA ALA A 609 -5.48 -13.95 8.56
C ALA A 609 -5.10 -15.38 8.94
N SER A 610 -6.07 -16.29 9.01
CA SER A 610 -5.74 -17.69 9.26
C SER A 610 -4.96 -18.28 8.10
N VAL A 611 -5.42 -18.04 6.86
CA VAL A 611 -4.67 -18.58 5.73
C VAL A 611 -3.32 -17.87 5.59
N SER A 612 -3.28 -16.56 5.87
CA SER A 612 -2.01 -15.83 5.82
C SER A 612 -1.04 -16.33 6.89
N LEU A 613 -1.55 -16.63 8.08
CA LEU A 613 -0.73 -17.18 9.14
C LEU A 613 -0.21 -18.56 8.77
N LYS A 614 -1.03 -19.36 8.10
CA LYS A 614 -0.56 -20.64 7.61
C LYS A 614 0.59 -20.45 6.61
N ARG A 615 0.44 -19.50 5.69
CA ARG A 615 1.50 -19.24 4.73
C ARG A 615 2.80 -18.80 5.42
N LEU A 616 2.67 -17.86 6.37
CA LEU A 616 3.84 -17.36 7.09
C LEU A 616 4.49 -18.46 7.90
N ARG A 617 3.70 -19.31 8.56
CA ARG A 617 4.24 -20.40 9.35
C ARG A 617 4.96 -21.41 8.46
N VAL A 618 4.40 -21.70 7.28
CA VAL A 618 5.04 -22.61 6.35
C VAL A 618 6.38 -22.05 5.90
N PHE A 619 6.41 -20.76 5.57
CA PHE A 619 7.67 -20.14 5.17
C PHE A 619 8.70 -20.13 6.30
N LEU A 620 8.27 -19.80 7.51
CA LEU A 620 9.18 -19.71 8.64
C LEU A 620 9.56 -21.07 9.21
N SER A 621 8.83 -22.13 8.85
CA SER A 621 9.22 -23.48 9.21
C SER A 621 10.10 -24.13 8.16
N HIS A 622 10.47 -23.41 7.11
CA HIS A 622 11.24 -23.98 6.01
C HIS A 622 12.62 -24.39 6.50
N GLU A 623 13.21 -25.35 5.77
CA GLU A 623 14.52 -25.86 6.13
C GLU A 623 15.58 -24.79 5.92
N ASP A 624 16.45 -24.63 6.91
CA ASP A 624 17.54 -23.68 6.84
C ASP A 624 18.75 -24.29 6.18
N LEU A 625 19.52 -23.47 5.46
CA LEU A 625 20.76 -23.97 4.81
C LEU A 625 21.81 -24.23 5.87
N ASP A 626 22.73 -25.17 5.62
CA ASP A 626 23.82 -25.46 6.58
C ASP A 626 24.88 -24.36 6.45
N PRO A 627 25.05 -23.47 7.45
CA PRO A 627 26.02 -22.38 7.36
C PRO A 627 27.44 -22.94 7.33
N ASP A 628 27.67 -24.03 8.06
CA ASP A 628 29.04 -24.61 8.16
C ASP A 628 29.20 -25.74 7.14
N SER A 629 28.27 -25.87 6.18
CA SER A 629 28.47 -26.89 5.13
C SER A 629 29.89 -26.79 4.59
N ILE A 630 30.42 -25.56 4.49
CA ILE A 630 31.83 -25.35 4.08
C ILE A 630 32.60 -24.89 5.31
N GLN A 631 33.90 -25.18 5.39
CA GLN A 631 34.69 -24.85 6.62
C GLN A 631 34.82 -23.33 6.75
N ARG A 632 34.87 -22.60 5.63
CA ARG A 632 35.05 -21.12 5.67
C ARG A 632 36.23 -20.78 6.57
N ARG A 633 37.43 -21.26 6.22
CA ARG A 633 38.63 -21.02 7.02
C ARG A 633 39.27 -19.70 6.63
N PRO A 634 39.50 -18.78 7.56
CA PRO A 634 40.17 -17.53 7.20
C PRO A 634 41.64 -17.76 6.88
N ILE A 635 42.19 -16.86 6.08
CA ILE A 635 43.58 -16.95 5.67
C ILE A 635 44.50 -16.80 6.88
N ASN A 642 45.31 -25.99 -1.85
CA ASN A 642 44.82 -25.96 -0.48
C ASN A 642 43.87 -24.78 -0.25
N SER A 643 43.73 -23.93 -1.26
CA SER A 643 42.77 -22.84 -1.17
C SER A 643 41.34 -23.36 -1.18
N ILE A 644 41.04 -24.29 -2.07
CA ILE A 644 39.76 -24.98 -2.10
C ILE A 644 40.02 -26.47 -1.98
N THR A 645 39.37 -27.11 -1.02
CA THR A 645 39.59 -28.53 -0.76
C THR A 645 38.26 -29.24 -0.77
N VAL A 646 38.14 -30.28 -1.60
CA VAL A 646 36.96 -31.14 -1.61
C VAL A 646 37.43 -32.59 -1.64
N LYS A 647 37.00 -33.38 -0.67
CA LYS A 647 37.27 -34.81 -0.67
C LYS A 647 35.98 -35.59 -0.50
N ASN A 648 35.72 -36.49 -1.46
CA ASN A 648 34.63 -37.47 -1.36
C ASN A 648 33.31 -36.79 -1.03
N ALA A 649 33.05 -35.66 -1.68
CA ALA A 649 31.87 -34.86 -1.40
C ALA A 649 30.79 -35.12 -2.43
N THR A 650 29.61 -35.49 -1.96
CA THR A 650 28.43 -35.60 -2.80
C THR A 650 27.39 -34.60 -2.30
N PHE A 651 26.80 -33.86 -3.24
CA PHE A 651 25.85 -32.78 -2.97
C PHE A 651 24.54 -33.05 -3.69
N THR A 652 23.47 -32.48 -3.15
CA THR A 652 22.13 -32.63 -3.69
C THR A 652 21.49 -31.25 -3.81
N TRP A 653 20.49 -31.15 -4.69
CA TRP A 653 19.64 -29.97 -4.71
C TRP A 653 18.42 -30.11 -3.82
N ALA A 654 18.24 -31.30 -3.24
CA ALA A 654 17.12 -31.56 -2.32
C ALA A 654 17.37 -32.91 -1.61
N ARG A 655 16.90 -33.05 -0.37
CA ARG A 655 17.17 -34.30 0.40
C ARG A 655 16.68 -35.52 -0.40
N ASN A 656 15.42 -35.50 -0.85
CA ASN A 656 14.84 -36.66 -1.57
C ASN A 656 15.51 -36.82 -2.94
N ASP A 657 15.86 -35.71 -3.59
CA ASP A 657 16.43 -35.77 -4.96
C ASP A 657 17.77 -36.52 -4.95
N PRO A 658 18.14 -37.25 -6.04
CA PRO A 658 19.44 -37.92 -6.14
C PRO A 658 20.57 -36.90 -6.16
N PRO A 659 21.78 -37.31 -5.84
CA PRO A 659 22.92 -36.39 -5.91
C PRO A 659 23.14 -35.88 -7.32
N THR A 660 23.53 -34.60 -7.42
CA THR A 660 23.93 -33.99 -8.68
C THR A 660 25.44 -34.05 -8.91
N LEU A 661 26.22 -34.03 -7.83
CA LEU A 661 27.67 -34.16 -7.91
C LEU A 661 28.07 -35.36 -7.06
N HIS A 662 28.47 -36.45 -7.72
CA HIS A 662 28.75 -37.70 -7.03
C HIS A 662 30.25 -37.86 -6.82
N GLY A 663 30.66 -37.95 -5.56
CA GLY A 663 32.03 -38.29 -5.21
C GLY A 663 33.10 -37.38 -5.77
N ILE A 664 32.88 -36.07 -5.66
CA ILE A 664 33.81 -35.10 -6.21
C ILE A 664 34.99 -34.93 -5.25
N THR A 665 36.20 -34.91 -5.79
CA THR A 665 37.38 -34.57 -5.02
C THR A 665 38.32 -33.73 -5.89
N PHE A 666 38.83 -32.64 -5.33
CA PHE A 666 39.83 -31.82 -6.00
C PHE A 666 40.40 -30.81 -5.00
N SER A 667 41.66 -30.46 -5.21
CA SER A 667 42.37 -29.46 -4.41
C SER A 667 42.86 -28.36 -5.34
N VAL A 668 42.34 -27.16 -5.14
CA VAL A 668 42.73 -25.99 -5.91
C VAL A 668 43.70 -25.18 -5.04
N PRO A 669 44.97 -25.04 -5.43
CA PRO A 669 45.91 -24.27 -4.62
C PRO A 669 45.66 -22.77 -4.75
N GLU A 670 46.29 -22.03 -3.85
CA GLU A 670 46.10 -20.58 -3.80
C GLU A 670 46.62 -19.93 -5.08
N GLY A 671 45.87 -18.95 -5.57
CA GLY A 671 46.27 -18.21 -6.76
C GLY A 671 46.41 -19.04 -8.02
N SER A 672 45.48 -19.96 -8.25
CA SER A 672 45.51 -20.83 -9.42
C SER A 672 44.22 -20.68 -10.20
N LEU A 673 44.32 -20.81 -11.52
CA LEU A 673 43.19 -20.68 -12.42
C LEU A 673 42.70 -22.08 -12.78
N VAL A 674 41.46 -22.38 -12.38
CA VAL A 674 40.87 -23.70 -12.60
C VAL A 674 39.60 -23.52 -13.43
N ALA A 675 39.51 -24.29 -14.51
CA ALA A 675 38.37 -24.22 -15.42
C ALA A 675 37.55 -25.48 -15.30
N VAL A 676 36.27 -25.34 -14.99
CA VAL A 676 35.36 -26.48 -15.01
C VAL A 676 34.89 -26.73 -16.44
N VAL A 677 34.97 -27.97 -16.87
CA VAL A 677 34.75 -28.36 -18.26
C VAL A 677 33.72 -29.49 -18.28
N GLY A 678 32.73 -29.37 -19.17
CA GLY A 678 31.75 -30.42 -19.32
C GLY A 678 30.73 -30.02 -20.37
N GLN A 679 29.78 -30.93 -20.57
CA GLN A 679 28.67 -30.68 -21.48
C GLN A 679 27.52 -30.01 -20.73
N VAL A 680 26.40 -29.81 -21.42
CA VAL A 680 25.24 -29.18 -20.80
C VAL A 680 24.61 -30.15 -19.82
N GLY A 681 24.30 -29.64 -18.63
CA GLY A 681 23.75 -30.50 -17.59
C GLY A 681 24.77 -31.41 -16.95
N CYS A 682 26.05 -31.08 -17.08
CA CYS A 682 27.09 -31.95 -16.53
C CYS A 682 27.20 -31.79 -15.02
N GLY A 683 27.09 -30.58 -14.51
CA GLY A 683 27.30 -30.33 -13.10
C GLY A 683 28.38 -29.31 -12.83
N LYS A 684 28.60 -28.41 -13.79
CA LYS A 684 29.61 -27.36 -13.63
C LYS A 684 29.12 -26.28 -12.68
N SER A 685 27.93 -25.72 -12.95
CA SER A 685 27.39 -24.68 -12.08
C SER A 685 27.05 -25.24 -10.70
N SER A 686 26.71 -26.53 -10.62
CA SER A 686 26.45 -27.15 -9.35
C SER A 686 27.69 -27.17 -8.46
N LEU A 687 28.88 -27.28 -9.05
CA LEU A 687 30.11 -27.24 -8.26
C LEU A 687 30.27 -25.88 -7.58
N LEU A 688 30.09 -24.80 -8.35
CA LEU A 688 30.22 -23.48 -7.76
C LEU A 688 29.12 -23.20 -6.75
N SER A 689 27.91 -23.71 -6.99
CA SER A 689 26.85 -23.60 -5.98
C SER A 689 27.22 -24.36 -4.72
N ALA A 690 27.85 -25.52 -4.86
CA ALA A 690 28.24 -26.33 -3.70
C ALA A 690 29.35 -25.66 -2.90
N LEU A 691 30.27 -24.98 -3.57
CA LEU A 691 31.31 -24.27 -2.84
C LEU A 691 30.77 -23.07 -2.06
N LEU A 692 29.56 -22.62 -2.39
CA LEU A 692 28.92 -21.50 -1.70
C LEU A 692 27.91 -21.95 -0.66
N ALA A 693 27.84 -23.25 -0.37
CA ALA A 693 26.84 -23.83 0.53
C ALA A 693 25.42 -23.53 0.03
N GLU A 694 25.23 -23.64 -1.28
CA GLU A 694 23.89 -23.59 -1.86
C GLU A 694 23.31 -24.97 -2.13
N MET A 695 24.15 -25.91 -2.55
CA MET A 695 23.75 -27.31 -2.66
C MET A 695 23.58 -27.92 -1.28
N ASP A 696 22.81 -29.00 -1.23
CA ASP A 696 22.57 -29.73 0.01
C ASP A 696 23.63 -30.84 0.05
N LYS A 697 24.55 -30.74 0.99
CA LYS A 697 25.68 -31.68 1.07
C LYS A 697 25.24 -32.94 1.78
N VAL A 698 25.10 -34.03 1.02
CA VAL A 698 24.77 -35.30 1.66
C VAL A 698 26.01 -35.95 2.25
N GLU A 699 27.19 -35.73 1.65
CA GLU A 699 28.40 -36.25 2.27
C GLU A 699 29.60 -35.45 1.79
N GLY A 700 30.71 -35.59 2.53
CA GLY A 700 31.97 -35.03 2.10
C GLY A 700 32.63 -34.04 3.03
N HIS A 701 33.55 -33.24 2.49
CA HIS A 701 34.28 -32.25 3.28
C HIS A 701 34.77 -31.16 2.33
N VAL A 702 34.31 -29.93 2.54
CA VAL A 702 34.68 -28.79 1.71
C VAL A 702 35.29 -27.72 2.61
N THR A 703 36.44 -27.18 2.19
CA THR A 703 37.24 -26.31 3.04
C THR A 703 37.69 -25.08 2.25
N VAL A 704 36.74 -24.36 1.65
CA VAL A 704 37.06 -23.14 0.94
C VAL A 704 37.69 -22.13 1.90
N LYS A 705 38.83 -21.59 1.53
CA LYS A 705 39.63 -20.75 2.42
C LYS A 705 39.59 -19.29 1.94
N GLY A 706 39.04 -18.42 2.78
CA GLY A 706 39.01 -17.00 2.51
C GLY A 706 37.71 -16.55 1.86
N SER A 707 37.63 -15.25 1.65
CA SER A 707 36.43 -14.64 1.10
C SER A 707 36.17 -15.11 -0.32
N VAL A 708 34.89 -15.22 -0.67
CA VAL A 708 34.46 -15.76 -1.96
C VAL A 708 33.67 -14.69 -2.69
N ALA A 709 34.05 -14.44 -3.94
CA ALA A 709 33.32 -13.56 -4.83
C ALA A 709 32.68 -14.39 -5.93
N TYR A 710 31.36 -14.31 -6.03
CA TYR A 710 30.57 -15.15 -6.91
C TYR A 710 30.10 -14.34 -8.09
N VAL A 711 30.41 -14.79 -9.31
CA VAL A 711 29.81 -14.24 -10.50
C VAL A 711 28.80 -15.25 -11.01
N PRO A 712 27.51 -15.05 -10.75
CA PRO A 712 26.51 -16.06 -11.13
C PRO A 712 26.28 -16.06 -12.63
N GLN A 713 25.72 -17.16 -13.11
CA GLN A 713 25.35 -17.25 -14.52
C GLN A 713 24.26 -16.23 -14.85
N GLN A 714 23.19 -16.21 -14.08
CA GLN A 714 22.12 -15.23 -14.25
C GLN A 714 22.49 -14.00 -13.44
N ALA A 715 22.84 -12.92 -14.14
CA ALA A 715 23.38 -11.73 -13.48
C ALA A 715 22.32 -11.07 -12.62
N TRP A 716 22.66 -10.79 -11.37
CA TRP A 716 21.79 -10.08 -10.45
C TRP A 716 22.22 -8.63 -10.38
N ILE A 717 21.33 -7.73 -10.78
CA ILE A 717 21.60 -6.30 -10.83
C ILE A 717 20.68 -5.60 -9.86
N GLN A 718 21.26 -4.87 -8.91
CA GLN A 718 20.47 -4.03 -8.03
C GLN A 718 19.97 -2.81 -8.78
N ASN A 719 18.81 -2.30 -8.36
CA ASN A 719 18.22 -1.14 -9.01
C ASN A 719 18.95 0.16 -8.67
N ILE A 720 19.97 0.11 -7.82
CA ILE A 720 20.82 1.25 -7.51
C ILE A 720 21.69 1.57 -8.73
N SER A 721 22.39 2.69 -8.69
CA SER A 721 23.21 3.12 -9.81
C SER A 721 24.31 2.09 -10.09
N LEU A 722 24.86 2.17 -11.31
CA LEU A 722 25.88 1.23 -11.73
C LEU A 722 27.12 1.33 -10.84
N ARG A 723 27.45 2.54 -10.39
CA ARG A 723 28.58 2.72 -9.49
C ARG A 723 28.37 1.95 -8.20
N GLU A 724 27.17 2.03 -7.61
CA GLU A 724 26.89 1.28 -6.40
C GLU A 724 26.68 -0.21 -6.67
N ASN A 725 26.33 -0.58 -7.90
CA ASN A 725 26.33 -1.98 -8.26
C ASN A 725 27.74 -2.57 -8.22
N ILE A 726 28.71 -1.84 -8.79
CA ILE A 726 30.09 -2.31 -8.78
C ILE A 726 30.67 -2.22 -7.37
N LEU A 727 30.39 -1.14 -6.66
CA LEU A 727 30.91 -0.96 -5.31
C LEU A 727 30.37 -2.02 -4.37
N PHE A 728 29.06 -2.27 -4.43
CA PHE A 728 28.40 -3.24 -3.58
C PHE A 728 28.59 -2.91 -2.10
N GLY A 729 28.21 -1.69 -1.73
CA GLY A 729 28.32 -1.27 -0.34
C GLY A 729 29.73 -1.26 0.19
N ARG A 730 30.68 -0.78 -0.60
CA ARG A 730 32.08 -0.78 -0.23
C ARG A 730 32.64 0.62 -0.47
N GLN A 731 33.68 0.96 0.28
CA GLN A 731 34.32 2.27 0.15
C GLN A 731 34.84 2.46 -1.26
N LEU A 732 34.52 3.61 -1.86
CA LEU A 732 34.94 3.89 -3.21
C LEU A 732 36.42 4.24 -3.25
N GLN A 733 37.17 3.54 -4.11
CA GLN A 733 38.59 3.83 -4.36
C GLN A 733 38.67 4.17 -5.84
N GLU A 734 38.97 5.44 -6.13
CA GLU A 734 38.88 5.95 -7.48
C GLU A 734 39.85 5.20 -8.39
N ARG A 735 41.07 4.98 -7.91
CA ARG A 735 42.05 4.26 -8.73
C ARG A 735 41.64 2.81 -8.97
N TYR A 736 41.16 2.14 -7.93
CA TYR A 736 40.79 0.73 -8.08
C TYR A 736 39.51 0.60 -8.90
N TYR A 737 38.53 1.47 -8.66
CA TYR A 737 37.32 1.47 -9.47
C TYR A 737 37.63 1.73 -10.93
N LYS A 738 38.50 2.70 -11.20
CA LYS A 738 38.83 3.06 -12.57
C LYS A 738 39.76 2.05 -13.21
N ALA A 739 40.39 1.19 -12.39
CA ALA A 739 41.11 0.06 -12.96
C ALA A 739 40.18 -1.11 -13.24
N VAL A 740 39.08 -1.22 -12.50
CA VAL A 740 38.16 -2.33 -12.68
C VAL A 740 37.24 -2.10 -13.87
N VAL A 741 36.78 -0.86 -14.05
CA VAL A 741 35.71 -0.60 -15.03
C VAL A 741 36.17 -0.93 -16.45
N GLU A 742 37.36 -0.47 -16.83
CA GLU A 742 37.79 -0.70 -18.21
C GLU A 742 38.35 -2.10 -18.41
N ALA A 743 38.89 -2.71 -17.34
CA ALA A 743 39.37 -4.08 -17.43
C ALA A 743 38.25 -5.04 -17.77
N CYS A 744 37.02 -4.70 -17.39
CA CYS A 744 35.84 -5.42 -17.81
C CYS A 744 35.30 -4.91 -19.15
N ALA A 745 35.99 -3.95 -19.76
CA ALA A 745 35.53 -3.31 -21.00
C ALA A 745 34.17 -2.66 -20.81
N LEU A 746 33.94 -2.09 -19.63
CA LEU A 746 32.69 -1.40 -19.33
C LEU A 746 32.70 0.06 -19.79
N LEU A 747 33.81 0.54 -20.35
CA LEU A 747 33.86 1.93 -20.79
C LEU A 747 32.89 2.24 -21.92
N PRO A 748 32.79 1.44 -23.00
CA PRO A 748 31.74 1.73 -23.99
C PRO A 748 30.33 1.70 -23.41
N ASP A 749 30.07 0.76 -22.49
CA ASP A 749 28.75 0.69 -21.87
C ASP A 749 28.48 1.93 -21.03
N LEU A 750 29.50 2.43 -20.32
CA LEU A 750 29.36 3.68 -19.58
C LEU A 750 29.09 4.84 -20.54
N GLU A 751 29.73 4.84 -21.70
CA GLU A 751 29.55 5.93 -22.65
C GLU A 751 28.14 5.95 -23.22
N ILE A 752 27.62 4.78 -23.62
CA ILE A 752 26.28 4.78 -24.23
C ILE A 752 25.22 5.14 -23.20
N LEU A 753 25.39 4.67 -21.97
CA LEU A 753 24.40 4.94 -20.93
C LEU A 753 24.33 6.45 -20.66
N PRO A 754 23.13 6.98 -20.39
CA PRO A 754 22.97 8.44 -20.29
C PRO A 754 23.85 9.11 -19.25
N SER A 755 23.72 8.70 -17.99
CA SER A 755 24.42 9.36 -16.89
C SER A 755 25.80 8.77 -16.62
N GLY A 756 26.23 7.80 -17.42
CA GLY A 756 27.52 7.17 -17.20
C GLY A 756 27.39 6.02 -16.24
N ASP A 757 28.22 6.02 -15.20
CA ASP A 757 28.11 5.01 -14.16
C ASP A 757 27.09 5.38 -13.08
N ARG A 758 26.56 6.59 -13.11
CA ARG A 758 25.50 6.99 -12.20
C ARG A 758 24.12 6.63 -12.70
N THR A 759 24.02 6.00 -13.86
CA THR A 759 22.72 5.65 -14.41
C THR A 759 22.05 4.58 -13.55
N GLU A 760 20.73 4.61 -13.51
CA GLU A 760 19.95 3.68 -12.69
C GLU A 760 19.72 2.41 -13.52
N ILE A 761 20.62 1.45 -13.36
CA ILE A 761 20.48 0.17 -14.05
C ILE A 761 19.53 -0.72 -13.26
N GLY A 762 19.08 -1.80 -13.86
CA GLY A 762 18.13 -2.71 -13.26
C GLY A 762 16.83 -2.76 -14.04
N GLU A 763 15.90 -3.55 -13.50
CA GLU A 763 14.60 -3.71 -14.16
C GLU A 763 13.83 -2.40 -14.19
N LYS A 764 13.83 -1.66 -13.08
CA LYS A 764 13.03 -0.43 -13.02
C LYS A 764 13.66 0.69 -13.83
N GLY A 765 14.98 0.85 -13.75
CA GLY A 765 15.65 1.90 -14.49
C GLY A 765 15.91 1.54 -15.93
N VAL A 766 17.09 1.91 -16.44
CA VAL A 766 17.43 1.57 -17.82
C VAL A 766 17.75 0.09 -17.92
N ASN A 767 17.20 -0.56 -18.93
CA ASN A 767 17.47 -1.97 -19.15
C ASN A 767 18.83 -2.14 -19.80
N LEU A 768 19.51 -3.22 -19.44
CA LEU A 768 20.84 -3.52 -19.94
C LEU A 768 20.85 -4.86 -20.65
N SER A 769 21.69 -4.96 -21.68
CA SER A 769 21.85 -6.22 -22.37
C SER A 769 22.51 -7.24 -21.46
N GLY A 770 22.35 -8.52 -21.81
CA GLY A 770 22.89 -9.58 -20.98
C GLY A 770 24.39 -9.46 -20.77
N GLY A 771 25.13 -9.17 -21.85
CA GLY A 771 26.56 -9.02 -21.73
C GLY A 771 26.96 -7.90 -20.79
N GLN A 772 26.23 -6.77 -20.86
CA GLN A 772 26.51 -5.67 -19.94
C GLN A 772 26.22 -6.07 -18.50
N LYS A 773 25.17 -6.86 -18.28
CA LYS A 773 24.86 -7.32 -16.93
C LYS A 773 25.96 -8.24 -16.39
N GLN A 774 26.45 -9.14 -17.25
CA GLN A 774 27.57 -10.03 -16.84
C GLN A 774 28.79 -9.14 -16.54
N ARG A 775 29.02 -8.11 -17.37
CA ARG A 775 30.17 -7.20 -17.14
C ARG A 775 30.04 -6.59 -15.75
N VAL A 776 28.88 -6.00 -15.44
CA VAL A 776 28.67 -5.37 -14.11
C VAL A 776 28.94 -6.42 -13.02
N SER A 777 28.32 -7.60 -13.13
CA SER A 777 28.51 -8.61 -12.09
C SER A 777 29.98 -8.94 -11.88
N LEU A 778 30.72 -9.12 -12.98
CA LEU A 778 32.15 -9.40 -12.86
C LEU A 778 32.90 -8.22 -12.28
N ALA A 779 32.53 -6.99 -12.65
CA ALA A 779 33.18 -5.82 -12.09
C ALA A 779 32.93 -5.71 -10.59
N ARG A 780 31.70 -6.01 -10.15
CA ARG A 780 31.39 -6.01 -8.74
C ARG A 780 32.22 -7.04 -7.99
N ALA A 781 32.33 -8.24 -8.55
CA ALA A 781 33.14 -9.28 -7.91
C ALA A 781 34.61 -8.87 -7.84
N VAL A 782 35.13 -8.28 -8.92
CA VAL A 782 36.53 -7.89 -8.94
C VAL A 782 36.81 -6.78 -7.94
N TYR A 783 35.90 -5.82 -7.86
CA TYR A 783 36.07 -4.71 -6.89
C TYR A 783 36.03 -5.29 -5.47
N CYS A 784 35.15 -6.25 -5.19
CA CYS A 784 35.05 -6.75 -3.80
C CYS A 784 36.42 -7.24 -3.35
N ASP A 785 37.26 -7.74 -4.27
CA ASP A 785 38.64 -8.06 -3.92
C ASP A 785 38.68 -9.23 -2.94
N SER A 786 38.04 -10.33 -3.34
CA SER A 786 38.11 -11.55 -2.57
C SER A 786 39.36 -12.33 -2.96
N ASP A 787 39.65 -13.39 -2.20
CA ASP A 787 40.76 -14.24 -2.54
C ASP A 787 40.35 -15.42 -3.40
N VAL A 788 39.13 -15.92 -3.22
CA VAL A 788 38.58 -17.01 -4.02
C VAL A 788 37.46 -16.44 -4.88
N TYR A 789 37.52 -16.70 -6.18
CA TYR A 789 36.49 -16.28 -7.12
C TYR A 789 35.85 -17.51 -7.74
N LEU A 790 34.53 -17.52 -7.77
CA LEU A 790 33.75 -18.57 -8.42
C LEU A 790 33.00 -17.92 -9.56
N LEU A 791 33.49 -18.11 -10.78
CA LEU A 791 32.98 -17.41 -11.96
C LEU A 791 32.16 -18.40 -12.77
N ASP A 792 30.85 -18.47 -12.48
CA ASP A 792 29.96 -19.42 -13.15
C ASP A 792 29.63 -18.80 -14.50
N ASP A 793 30.48 -19.08 -15.49
CA ASP A 793 30.30 -18.66 -16.88
C ASP A 793 30.13 -17.13 -16.97
N PRO A 794 31.16 -16.36 -16.63
CA PRO A 794 31.03 -14.90 -16.67
C PRO A 794 31.03 -14.36 -18.10
N LEU A 795 31.52 -15.17 -19.04
CA LEU A 795 31.72 -14.74 -20.41
C LEU A 795 30.74 -15.41 -21.37
N SER A 796 29.54 -15.74 -20.90
CA SER A 796 28.56 -16.38 -21.77
C SER A 796 27.98 -15.38 -22.77
N ALA A 797 27.61 -14.19 -22.31
CA ALA A 797 26.91 -13.23 -23.15
C ALA A 797 27.80 -12.16 -23.75
N VAL A 798 29.07 -12.11 -23.37
CA VAL A 798 29.99 -11.15 -23.98
C VAL A 798 30.56 -11.73 -25.26
N ASP A 799 30.82 -10.85 -26.22
CA ASP A 799 31.31 -11.28 -27.52
C ASP A 799 32.75 -11.79 -27.42
N ALA A 800 33.20 -12.43 -28.49
CA ALA A 800 34.49 -13.10 -28.47
C ALA A 800 35.63 -12.13 -28.21
N HIS A 801 35.62 -10.97 -28.88
CA HIS A 801 36.66 -9.99 -28.65
C HIS A 801 36.57 -9.40 -27.25
N VAL A 802 35.35 -9.06 -26.81
CA VAL A 802 35.15 -8.55 -25.46
C VAL A 802 35.52 -9.61 -24.43
N GLY A 803 35.15 -10.87 -24.70
CA GLY A 803 35.49 -11.94 -23.79
C GLY A 803 36.99 -12.14 -23.66
N LYS A 804 37.71 -12.11 -24.79
CA LYS A 804 39.17 -12.26 -24.74
C LYS A 804 39.81 -11.09 -24.02
N HIS A 805 39.32 -9.88 -24.28
CA HIS A 805 39.85 -8.71 -23.55
C HIS A 805 39.62 -8.85 -22.06
N ILE A 806 38.42 -9.28 -21.67
CA ILE A 806 38.10 -9.44 -20.25
C ILE A 806 39.02 -10.47 -19.61
N PHE A 807 39.18 -11.62 -20.28
CA PHE A 807 40.05 -12.65 -19.73
C PHE A 807 41.48 -12.17 -19.62
N GLU A 808 41.93 -11.36 -20.59
CA GLU A 808 43.27 -10.83 -20.55
C GLU A 808 43.48 -9.90 -19.35
N ASN A 809 42.52 -9.00 -19.10
CA ASN A 809 42.74 -8.00 -18.06
C ASN A 809 42.15 -8.35 -16.70
N VAL A 810 41.36 -9.41 -16.59
CA VAL A 810 40.69 -9.70 -15.33
C VAL A 810 41.07 -11.08 -14.82
N ILE A 811 40.72 -12.12 -15.58
CA ILE A 811 40.84 -13.48 -15.09
C ILE A 811 42.20 -14.10 -15.40
N GLY A 812 42.87 -13.64 -16.45
CA GLY A 812 44.12 -14.24 -16.87
C GLY A 812 45.22 -14.05 -15.87
N PRO A 813 46.31 -14.81 -16.04
CA PRO A 813 47.45 -14.67 -15.11
C PRO A 813 48.12 -13.31 -15.15
N LYS A 814 47.88 -12.52 -16.20
CA LYS A 814 48.43 -11.17 -16.30
C LYS A 814 47.36 -10.10 -16.20
N GLY A 815 46.21 -10.41 -15.59
CA GLY A 815 45.11 -9.48 -15.46
C GLY A 815 45.07 -8.84 -14.08
N LEU A 816 43.86 -8.61 -13.59
CA LEU A 816 43.70 -8.04 -12.25
C LEU A 816 43.82 -9.11 -11.17
N LEU A 817 43.25 -10.29 -11.42
CA LEU A 817 43.26 -11.37 -10.44
C LEU A 817 44.39 -12.33 -10.80
N LYS A 818 45.62 -11.90 -10.51
CA LYS A 818 46.77 -12.76 -10.76
C LYS A 818 47.06 -13.68 -9.58
N ASN A 819 46.92 -13.18 -8.36
CA ASN A 819 47.19 -13.94 -7.15
C ASN A 819 45.92 -14.52 -6.53
N LYS A 820 44.77 -14.31 -7.15
CA LYS A 820 43.50 -14.77 -6.60
C LYS A 820 43.16 -16.16 -7.11
N THR A 821 42.63 -17.00 -6.22
CA THR A 821 42.19 -18.36 -6.64
C THR A 821 40.92 -18.23 -7.47
N ARG A 822 41.02 -18.46 -8.78
CA ARG A 822 39.84 -18.26 -9.67
C ARG A 822 39.30 -19.60 -10.16
N LEU A 823 38.09 -19.97 -9.78
CA LEU A 823 37.46 -21.21 -10.31
C LEU A 823 36.43 -20.78 -11.36
N LEU A 824 36.67 -21.10 -12.63
CA LEU A 824 35.78 -20.61 -13.68
C LEU A 824 35.06 -21.78 -14.34
N VAL A 825 33.79 -21.59 -14.63
CA VAL A 825 32.98 -22.55 -15.37
C VAL A 825 32.89 -22.05 -16.81
N THR A 826 33.37 -22.86 -17.74
CA THR A 826 33.43 -22.43 -19.13
C THR A 826 33.09 -23.58 -20.06
N HIS A 827 32.60 -23.23 -21.25
CA HIS A 827 32.44 -24.17 -22.34
C HIS A 827 33.14 -23.69 -23.61
N ALA A 828 34.12 -22.81 -23.45
CA ALA A 828 34.87 -22.24 -24.57
C ALA A 828 36.33 -22.64 -24.45
N ILE A 829 36.89 -23.18 -25.54
CA ILE A 829 38.24 -23.71 -25.50
C ILE A 829 39.30 -22.62 -25.65
N SER A 830 38.91 -21.43 -26.10
CA SER A 830 39.88 -20.42 -26.51
C SER A 830 40.86 -20.08 -25.40
N TYR A 831 40.39 -20.08 -24.14
CA TYR A 831 41.26 -19.67 -23.01
C TYR A 831 41.74 -20.90 -22.22
N LEU A 832 41.34 -22.10 -22.65
CA LEU A 832 41.69 -23.30 -21.88
C LEU A 832 43.19 -23.53 -21.74
N PRO A 833 44.04 -23.36 -22.76
CA PRO A 833 45.48 -23.60 -22.56
C PRO A 833 46.12 -22.69 -21.54
N GLN A 834 45.56 -21.51 -21.28
CA GLN A 834 46.11 -20.62 -20.27
C GLN A 834 45.73 -21.01 -18.85
N MET A 835 44.76 -21.93 -18.72
CA MET A 835 44.27 -22.34 -17.37
C MET A 835 45.32 -23.22 -16.70
N ASP A 836 45.59 -23.00 -15.41
CA ASP A 836 46.54 -23.82 -14.67
C ASP A 836 46.02 -25.24 -14.49
N VAL A 837 44.78 -25.38 -14.04
CA VAL A 837 44.18 -26.67 -13.80
C VAL A 837 42.83 -26.73 -14.50
N ILE A 838 42.56 -27.83 -15.19
CA ILE A 838 41.28 -28.06 -15.85
C ILE A 838 40.60 -29.21 -15.13
N ILE A 839 39.45 -28.93 -14.53
CA ILE A 839 38.62 -29.94 -13.89
C ILE A 839 37.52 -30.28 -14.89
N VAL A 840 37.72 -31.36 -15.64
CA VAL A 840 36.73 -31.84 -16.59
C VAL A 840 35.92 -32.94 -15.92
N MET A 841 34.59 -32.85 -16.04
CA MET A 841 33.69 -33.76 -15.37
C MET A 841 32.61 -34.21 -16.34
N SER A 842 31.89 -35.27 -15.95
CA SER A 842 30.84 -35.84 -16.78
C SER A 842 29.78 -36.46 -15.88
N GLY A 843 28.55 -35.98 -16.00
CA GLY A 843 27.48 -36.50 -15.17
C GLY A 843 27.68 -36.27 -13.70
N GLY A 844 28.16 -35.09 -13.33
CA GLY A 844 28.40 -34.78 -11.93
C GLY A 844 29.43 -35.65 -11.26
N LYS A 845 30.48 -36.03 -11.96
CA LYS A 845 31.53 -36.87 -11.41
C LYS A 845 32.88 -36.37 -11.90
N ILE A 846 33.86 -36.34 -10.99
CA ILE A 846 35.20 -35.93 -11.36
C ILE A 846 35.77 -36.91 -12.38
N SER A 847 36.25 -36.38 -13.50
CA SER A 847 36.73 -37.21 -14.61
C SER A 847 38.09 -36.69 -15.06
N GLU A 848 39.15 -37.27 -14.50
CA GLU A 848 40.54 -37.03 -14.90
C GLU A 848 40.84 -35.52 -15.04
N MET A 849 40.80 -34.85 -13.90
CA MET A 849 41.23 -33.46 -13.84
C MET A 849 42.74 -33.35 -14.04
N GLY A 850 43.18 -32.18 -14.49
CA GLY A 850 44.60 -31.95 -14.69
C GLY A 850 44.82 -30.71 -15.51
N SER A 851 46.10 -30.45 -15.79
CA SER A 851 46.48 -29.29 -16.59
C SER A 851 46.25 -29.58 -18.07
N TYR A 852 46.19 -28.49 -18.85
CA TYR A 852 45.76 -28.58 -20.24
C TYR A 852 46.67 -29.48 -21.06
N GLN A 853 47.99 -29.24 -20.99
CA GLN A 853 48.92 -30.03 -21.78
C GLN A 853 48.94 -31.49 -21.34
N GLU A 854 48.92 -31.73 -20.03
CA GLU A 854 48.90 -33.11 -19.54
C GLU A 854 47.60 -33.81 -19.92
N LEU A 855 46.47 -33.11 -19.82
CA LEU A 855 45.20 -33.72 -20.20
C LEU A 855 45.16 -34.04 -21.68
N LEU A 856 45.68 -33.14 -22.52
CA LEU A 856 45.75 -33.41 -23.96
C LEU A 856 46.65 -34.59 -24.25
N ALA A 857 47.79 -34.69 -23.55
CA ALA A 857 48.69 -35.82 -23.76
C ALA A 857 48.03 -37.13 -23.34
N ARG A 858 47.26 -37.10 -22.25
CA ARG A 858 46.60 -38.32 -21.78
C ARG A 858 45.61 -38.84 -22.81
N ASP A 859 45.00 -37.94 -23.59
CA ASP A 859 44.07 -38.32 -24.66
C ASP A 859 42.91 -39.15 -24.12
N GLY A 860 42.21 -38.60 -23.13
CA GLY A 860 41.07 -39.27 -22.56
C GLY A 860 39.79 -38.45 -22.62
N ALA A 861 39.23 -38.16 -21.44
CA ALA A 861 37.97 -37.43 -21.39
C ALA A 861 38.13 -36.01 -21.93
N PHE A 862 39.27 -35.36 -21.66
CA PHE A 862 39.45 -34.02 -22.17
C PHE A 862 39.62 -34.01 -23.69
N ALA A 863 40.31 -35.00 -24.24
CA ALA A 863 40.39 -35.12 -25.69
C ALA A 863 39.01 -35.36 -26.30
N GLU A 864 38.19 -36.19 -25.64
CA GLU A 864 36.84 -36.42 -26.12
C GLU A 864 36.04 -35.13 -26.09
N PHE A 865 36.17 -34.37 -24.99
CA PHE A 865 35.49 -33.08 -24.87
C PHE A 865 35.91 -32.13 -25.98
N LEU A 866 37.21 -32.03 -26.25
CA LEU A 866 37.68 -31.17 -27.31
C LEU A 866 37.14 -31.62 -28.66
N ARG A 867 37.06 -32.93 -28.88
CA ARG A 867 36.54 -33.46 -30.14
C ARG A 867 35.04 -33.21 -30.28
N THR A 868 34.33 -32.99 -29.16
CA THR A 868 32.89 -32.77 -29.25
C THR A 868 32.55 -31.59 -30.15
N TYR A 869 33.31 -30.50 -30.07
CA TYR A 869 33.14 -29.38 -30.97
C TYR A 869 34.44 -28.60 -31.17
N THR A 954 0.22 19.01 -4.19
CA THR A 954 0.85 19.79 -3.14
C THR A 954 -0.19 20.53 -2.31
N GLY A 955 -0.81 21.54 -2.91
CA GLY A 955 -1.82 22.33 -2.25
C GLY A 955 -3.18 21.67 -2.30
N GLN A 956 -4.18 22.41 -1.84
CA GLN A 956 -5.54 21.91 -1.83
C GLN A 956 -6.01 21.65 -3.26
N VAL A 957 -6.62 20.49 -3.47
CA VAL A 957 -7.06 20.12 -4.80
C VAL A 957 -8.22 21.02 -5.22
N LYS A 958 -8.17 21.51 -6.46
CA LYS A 958 -9.11 22.54 -6.91
C LYS A 958 -10.49 21.95 -7.12
N LEU A 959 -11.50 22.84 -7.05
CA LEU A 959 -12.88 22.43 -7.32
C LEU A 959 -13.09 22.06 -8.77
N SER A 960 -12.18 22.46 -9.67
CA SER A 960 -12.33 22.16 -11.07
C SER A 960 -12.33 20.66 -11.33
N VAL A 961 -11.51 19.90 -10.62
CA VAL A 961 -11.45 18.46 -10.87
C VAL A 961 -12.63 17.75 -10.20
N TYR A 962 -13.15 18.32 -9.11
CA TYR A 962 -14.42 17.83 -8.58
C TYR A 962 -15.54 18.01 -9.61
N TRP A 963 -15.58 19.17 -10.26
CA TRP A 963 -16.56 19.39 -11.33
C TRP A 963 -16.29 18.46 -12.51
N ASP A 964 -15.02 18.17 -12.79
CA ASP A 964 -14.68 17.25 -13.87
C ASP A 964 -15.23 15.85 -13.57
N TYR A 965 -15.08 15.39 -12.33
CA TYR A 965 -15.64 14.09 -11.97
C TYR A 965 -17.16 14.12 -11.99
N MET A 966 -17.76 15.23 -11.57
CA MET A 966 -19.21 15.34 -11.62
C MET A 966 -19.71 15.27 -13.06
N LYS A 967 -18.98 15.88 -13.99
CA LYS A 967 -19.35 15.83 -15.40
C LYS A 967 -19.11 14.44 -15.98
N ALA A 968 -18.05 13.76 -15.53
CA ALA A 968 -17.80 12.40 -15.98
C ALA A 968 -18.91 11.45 -15.52
N ILE A 969 -19.37 11.62 -14.28
CA ILE A 969 -20.54 10.89 -13.82
C ILE A 969 -21.74 11.21 -14.69
N GLY A 970 -21.86 12.47 -15.11
CA GLY A 970 -23.05 12.97 -15.74
C GLY A 970 -23.72 13.93 -14.79
N LEU A 971 -24.00 15.14 -15.27
CA LEU A 971 -24.59 16.14 -14.39
C LEU A 971 -25.96 15.70 -13.90
N PHE A 972 -26.73 15.03 -14.76
CA PHE A 972 -28.03 14.55 -14.33
C PHE A 972 -27.91 13.50 -13.23
N ILE A 973 -27.00 12.54 -13.39
CA ILE A 973 -26.86 11.49 -12.38
C ILE A 973 -26.36 12.07 -11.07
N SER A 974 -25.38 12.97 -11.13
CA SER A 974 -24.84 13.56 -9.90
C SER A 974 -25.90 14.40 -9.19
N PHE A 975 -26.64 15.22 -9.93
CA PHE A 975 -27.64 16.06 -9.29
C PHE A 975 -28.85 15.26 -8.83
N LEU A 976 -29.19 14.18 -9.54
CA LEU A 976 -30.23 13.28 -9.07
C LEU A 976 -29.82 12.59 -7.78
N SER A 977 -28.55 12.17 -7.69
CA SER A 977 -28.07 11.56 -6.45
C SER A 977 -28.06 12.56 -5.30
N ILE A 978 -27.69 13.82 -5.59
CA ILE A 978 -27.70 14.83 -4.54
C ILE A 978 -29.13 15.09 -4.06
N PHE A 979 -30.07 15.20 -5.01
CA PHE A 979 -31.48 15.38 -4.65
C PHE A 979 -31.99 14.19 -3.86
N LEU A 980 -31.62 12.98 -4.24
CA LEU A 980 -32.06 11.79 -3.53
C LEU A 980 -31.47 11.73 -2.13
N PHE A 981 -30.21 12.14 -1.97
CA PHE A 981 -29.64 12.16 -0.63
C PHE A 981 -30.33 13.21 0.25
N LEU A 982 -30.62 14.37 -0.33
CA LEU A 982 -31.33 15.40 0.42
C LEU A 982 -32.72 14.90 0.82
N CYS A 983 -33.41 14.21 -0.08
CA CYS A 983 -34.72 13.65 0.24
C CYS A 983 -34.61 12.57 1.31
N ASN A 984 -33.57 11.75 1.24
CA ASN A 984 -33.34 10.72 2.24
C ASN A 984 -33.20 11.32 3.63
N HIS A 985 -32.37 12.35 3.76
CA HIS A 985 -32.18 12.90 5.10
C HIS A 985 -33.34 13.80 5.52
N VAL A 986 -34.05 14.41 4.58
CA VAL A 986 -35.29 15.09 4.94
C VAL A 986 -36.30 14.09 5.50
N ALA A 987 -36.39 12.91 4.87
CA ALA A 987 -37.27 11.86 5.35
C ALA A 987 -36.83 11.37 6.73
N SER A 988 -35.53 11.23 6.95
CA SER A 988 -35.04 10.80 8.25
C SER A 988 -35.38 11.83 9.33
N LEU A 989 -35.14 13.10 9.04
CA LEU A 989 -35.45 14.16 10.02
C LEU A 989 -36.94 14.22 10.30
N VAL A 990 -37.77 14.13 9.27
CA VAL A 990 -39.22 14.20 9.45
C VAL A 990 -39.73 12.96 10.18
N SER A 991 -39.12 11.80 9.91
CA SER A 991 -39.52 10.58 10.62
C SER A 991 -39.18 10.68 12.11
N ASN A 992 -38.02 11.23 12.44
CA ASN A 992 -37.66 11.39 13.84
C ASN A 992 -38.53 12.47 14.52
N TYR A 993 -38.86 13.53 13.79
CA TYR A 993 -39.80 14.53 14.31
C TYR A 993 -41.19 13.91 14.52
N TRP A 994 -41.60 13.03 13.62
CA TRP A 994 -42.87 12.33 13.77
C TRP A 994 -42.85 11.42 15.00
N LEU A 995 -41.72 10.76 15.23
CA LEU A 995 -41.58 9.97 16.45
C LEU A 995 -41.65 10.85 17.69
N SER A 996 -41.05 12.04 17.63
CA SER A 996 -41.14 12.98 18.76
C SER A 996 -42.58 13.42 19.00
N LEU A 997 -43.33 13.70 17.92
CA LEU A 997 -44.74 14.04 18.08
C LEU A 997 -45.54 12.87 18.64
N TRP A 998 -45.21 11.66 18.19
CA TRP A 998 -45.84 10.45 18.69
C TRP A 998 -45.63 10.28 20.19
N THR A 999 -44.40 10.51 20.65
CA THR A 999 -44.09 10.36 22.07
C THR A 999 -44.77 11.41 22.92
N ASP A 1000 -45.23 12.50 22.32
CA ASP A 1000 -45.97 13.53 23.03
C ASP A 1000 -47.48 13.30 23.03
N ASP A 1001 -47.93 12.21 22.43
CA ASP A 1001 -49.36 11.92 22.40
C ASP A 1001 -49.87 11.73 23.83
N PRO A 1002 -50.99 12.33 24.19
CA PRO A 1002 -51.49 12.21 25.56
C PRO A 1002 -52.01 10.80 25.82
N ILE A 1003 -52.16 10.49 27.10
CA ILE A 1003 -52.71 9.23 27.54
C ILE A 1003 -54.09 9.50 28.13
N VAL A 1004 -55.13 8.95 27.50
CA VAL A 1004 -56.48 8.95 28.05
C VAL A 1004 -57.00 7.52 28.00
N ASN A 1005 -57.61 7.09 29.10
CA ASN A 1005 -58.08 5.72 29.26
C ASN A 1005 -56.95 4.70 29.11
N GLY A 1006 -55.73 5.11 29.49
CA GLY A 1006 -54.62 4.18 29.53
C GLY A 1006 -53.95 3.90 28.21
N THR A 1007 -54.44 4.46 27.12
CA THR A 1007 -53.88 4.24 25.79
C THR A 1007 -53.64 5.58 25.11
N GLN A 1008 -53.06 5.52 23.92
CA GLN A 1008 -52.87 6.69 23.07
C GLN A 1008 -53.85 6.64 21.90
N GLU A 1009 -54.52 7.76 21.68
CA GLU A 1009 -55.60 7.79 20.68
C GLU A 1009 -55.06 7.57 19.28
N HIS A 1010 -54.02 8.32 18.91
CA HIS A 1010 -53.45 8.27 17.57
C HIS A 1010 -52.21 7.38 17.61
N THR A 1011 -52.40 6.09 17.30
CA THR A 1011 -51.27 5.17 17.25
C THR A 1011 -51.10 4.64 15.84
N GLN A 1012 -52.20 4.16 15.25
CA GLN A 1012 -52.12 3.58 13.91
C GLN A 1012 -51.83 4.66 12.87
N VAL A 1013 -52.32 5.88 13.07
CA VAL A 1013 -51.95 6.97 12.18
C VAL A 1013 -50.46 7.28 12.31
N ARG A 1014 -49.98 7.41 13.55
CA ARG A 1014 -48.58 7.69 13.79
C ARG A 1014 -47.70 6.55 13.28
N LEU A 1015 -48.09 5.31 13.54
CA LEU A 1015 -47.32 4.17 13.08
C LEU A 1015 -47.29 4.10 11.56
N SER A 1016 -48.43 4.37 10.92
CA SER A 1016 -48.49 4.34 9.46
C SER A 1016 -47.62 5.43 8.85
N VAL A 1017 -47.65 6.63 9.41
CA VAL A 1017 -46.82 7.70 8.86
C VAL A 1017 -45.34 7.42 9.11
N TYR A 1018 -45.00 6.85 10.28
CA TYR A 1018 -43.62 6.46 10.54
C TYR A 1018 -43.14 5.42 9.54
N GLY A 1019 -43.98 4.40 9.28
CA GLY A 1019 -43.63 3.41 8.29
C GLY A 1019 -43.52 3.98 6.89
N ALA A 1020 -44.41 4.89 6.53
CA ALA A 1020 -44.34 5.51 5.21
C ALA A 1020 -43.08 6.32 5.04
N LEU A 1021 -42.71 7.11 6.06
CA LEU A 1021 -41.47 7.87 6.00
C LEU A 1021 -40.26 6.95 5.93
N GLY A 1022 -40.32 5.82 6.63
CA GLY A 1022 -39.23 4.87 6.55
C GLY A 1022 -39.11 4.19 5.20
N ILE A 1023 -40.24 3.84 4.58
CA ILE A 1023 -40.20 3.28 3.24
C ILE A 1023 -39.65 4.30 2.25
N SER A 1024 -40.08 5.56 2.37
CA SER A 1024 -39.53 6.60 1.52
C SER A 1024 -38.04 6.75 1.73
N GLN A 1025 -37.59 6.73 2.99
CA GLN A 1025 -36.17 6.82 3.29
C GLN A 1025 -35.41 5.64 2.68
N GLY A 1026 -35.95 4.44 2.79
CA GLY A 1026 -35.28 3.27 2.24
C GLY A 1026 -35.18 3.32 0.73
N ILE A 1027 -36.28 3.64 0.05
CA ILE A 1027 -36.24 3.69 -1.40
C ILE A 1027 -35.33 4.81 -1.87
N THR A 1028 -35.27 5.92 -1.12
CA THR A 1028 -34.42 7.02 -1.53
C THR A 1028 -32.95 6.74 -1.22
N VAL A 1029 -32.66 5.99 -0.17
CA VAL A 1029 -31.29 5.54 0.09
C VAL A 1029 -30.84 4.59 -1.01
N PHE A 1030 -31.69 3.63 -1.38
CA PHE A 1030 -31.38 2.76 -2.50
C PHE A 1030 -31.19 3.58 -3.76
N GLY A 1031 -32.00 4.62 -3.94
CA GLY A 1031 -31.88 5.45 -5.13
C GLY A 1031 -30.54 6.19 -5.19
N TYR A 1032 -30.12 6.79 -4.09
CA TYR A 1032 -28.87 7.55 -4.16
C TYR A 1032 -27.67 6.61 -4.25
N SER A 1033 -27.72 5.46 -3.56
CA SER A 1033 -26.65 4.49 -3.72
C SER A 1033 -26.56 3.99 -5.16
N MET A 1034 -27.73 3.70 -5.75
CA MET A 1034 -27.75 3.28 -7.17
C MET A 1034 -27.16 4.41 -8.03
N ALA A 1035 -27.60 5.66 -7.83
CA ALA A 1035 -27.16 6.73 -8.70
C ALA A 1035 -25.66 6.94 -8.59
N VAL A 1036 -25.15 6.97 -7.35
CA VAL A 1036 -23.68 7.20 -7.13
C VAL A 1036 -22.92 6.01 -7.73
N SER A 1037 -23.37 4.78 -7.44
CA SER A 1037 -22.67 3.57 -7.94
C SER A 1037 -22.65 3.57 -9.47
N ILE A 1038 -23.79 3.84 -10.10
CA ILE A 1038 -23.87 3.81 -11.60
C ILE A 1038 -23.04 4.95 -12.17
N GLY A 1039 -23.23 6.18 -11.68
CA GLY A 1039 -22.42 7.28 -12.13
C GLY A 1039 -20.93 7.00 -12.00
N GLY A 1040 -20.54 6.25 -10.97
CA GLY A 1040 -19.15 5.84 -10.87
C GLY A 1040 -18.73 4.93 -12.01
N ILE A 1041 -19.61 3.99 -12.38
CA ILE A 1041 -19.34 3.15 -13.54
C ILE A 1041 -19.22 4.00 -14.81
N PHE A 1042 -20.16 4.96 -14.97
CA PHE A 1042 -20.13 5.85 -16.13
C PHE A 1042 -18.84 6.66 -16.16
N ALA A 1043 -18.43 7.18 -15.01
CA ALA A 1043 -17.24 8.01 -14.92
C ALA A 1043 -15.97 7.20 -15.18
N SER A 1044 -15.90 5.98 -14.65
CA SER A 1044 -14.76 5.12 -14.94
C SER A 1044 -14.67 4.83 -16.43
N ARG A 1045 -15.81 4.52 -17.06
CA ARG A 1045 -15.82 4.28 -18.50
C ARG A 1045 -15.34 5.50 -19.26
N ARG A 1046 -15.90 6.68 -18.95
CA ARG A 1046 -15.53 7.90 -19.66
C ARG A 1046 -14.06 8.24 -19.47
N LEU A 1047 -13.58 8.13 -18.23
CA LEU A 1047 -12.20 8.52 -17.93
C LEU A 1047 -11.21 7.54 -18.56
N HIS A 1048 -11.51 6.24 -18.55
CA HIS A 1048 -10.64 5.30 -19.23
C HIS A 1048 -10.62 5.55 -20.74
N LEU A 1049 -11.80 5.81 -21.33
CA LEU A 1049 -11.83 6.07 -22.76
C LEU A 1049 -11.05 7.32 -23.11
N ASP A 1050 -11.22 8.39 -22.33
CA ASP A 1050 -10.50 9.63 -22.61
C ASP A 1050 -9.00 9.44 -22.43
N LEU A 1051 -8.58 8.75 -21.37
CA LEU A 1051 -7.16 8.52 -21.15
C LEU A 1051 -6.55 7.68 -22.27
N LEU A 1052 -7.26 6.62 -22.68
CA LEU A 1052 -6.76 5.77 -23.76
C LEU A 1052 -6.66 6.55 -25.07
N HIS A 1053 -7.68 7.34 -25.40
CA HIS A 1053 -7.64 8.14 -26.62
C HIS A 1053 -6.50 9.15 -26.59
N ASN A 1054 -6.31 9.82 -25.45
CA ASN A 1054 -5.25 10.81 -25.35
C ASN A 1054 -3.87 10.16 -25.44
N VAL A 1055 -3.71 8.99 -24.83
CA VAL A 1055 -2.43 8.27 -24.89
C VAL A 1055 -2.15 7.83 -26.32
N LEU A 1056 -3.15 7.24 -26.99
CA LEU A 1056 -2.93 6.76 -28.35
C LEU A 1056 -2.82 7.87 -29.37
N ARG A 1057 -3.33 9.07 -29.06
CA ARG A 1057 -3.19 10.21 -29.96
C ARG A 1057 -1.91 11.00 -29.72
N SER A 1058 -1.28 10.83 -28.56
CA SER A 1058 -0.08 11.59 -28.27
C SER A 1058 1.10 11.06 -29.10
N PRO A 1059 2.00 11.94 -29.53
CA PRO A 1059 3.09 11.51 -30.41
C PRO A 1059 4.07 10.60 -29.69
N ILE A 1060 5.01 10.06 -30.48
CA ILE A 1060 6.01 9.16 -29.93
C ILE A 1060 6.93 9.88 -28.96
N SER A 1061 7.21 11.16 -29.23
CA SER A 1061 8.03 11.94 -28.31
C SER A 1061 7.44 11.98 -26.92
N PHE A 1062 6.10 11.98 -26.81
CA PHE A 1062 5.46 11.95 -25.51
C PHE A 1062 5.82 10.68 -24.75
N PHE A 1063 5.79 9.54 -25.43
CA PHE A 1063 6.14 8.28 -24.77
C PHE A 1063 7.62 8.21 -24.43
N GLU A 1064 8.47 8.77 -25.30
CA GLU A 1064 9.90 8.80 -24.99
C GLU A 1064 10.19 9.68 -23.77
N ARG A 1065 9.49 10.81 -23.65
CA ARG A 1065 9.72 11.72 -22.54
C ARG A 1065 9.18 11.14 -21.23
N THR A 1066 7.88 10.91 -21.17
CA THR A 1066 7.26 10.47 -19.93
C THR A 1066 7.70 9.05 -19.60
N PRO A 1067 8.13 8.77 -18.37
CA PRO A 1067 8.43 7.39 -18.00
C PRO A 1067 7.20 6.52 -18.15
N SER A 1068 7.40 5.30 -18.63
CA SER A 1068 6.27 4.39 -18.78
C SER A 1068 5.65 4.04 -17.44
N GLY A 1069 6.37 4.28 -16.34
CA GLY A 1069 5.84 3.97 -15.02
C GLY A 1069 4.59 4.77 -14.70
N ASN A 1070 4.63 6.08 -14.93
CA ASN A 1070 3.46 6.89 -14.59
C ASN A 1070 2.33 6.69 -15.59
N LEU A 1071 2.66 6.40 -16.86
CA LEU A 1071 1.63 6.04 -17.82
C LEU A 1071 0.90 4.76 -17.39
N VAL A 1072 1.67 3.78 -16.91
CA VAL A 1072 1.04 2.53 -16.38
C VAL A 1072 0.26 2.89 -15.12
N ASN A 1073 0.78 3.85 -14.33
CA ASN A 1073 0.11 4.25 -13.07
C ASN A 1073 -1.15 5.08 -13.36
N ARG A 1074 -1.43 5.35 -14.64
CA ARG A 1074 -2.69 6.06 -15.00
C ARG A 1074 -3.77 5.01 -15.28
N PHE A 1075 -3.40 3.91 -15.92
CA PHE A 1075 -4.37 2.82 -16.22
C PHE A 1075 -4.47 1.86 -15.04
N SER A 1076 -3.48 1.90 -14.14
CA SER A 1076 -3.54 1.06 -12.91
C SER A 1076 -3.59 1.97 -11.69
N LYS A 1077 -4.20 1.50 -10.59
CA LYS A 1077 -4.29 2.30 -9.34
C LYS A 1077 -5.22 3.50 -9.55
N GLU A 1078 -4.87 4.41 -10.48
CA GLU A 1078 -5.69 5.62 -10.68
C GLU A 1078 -7.08 5.21 -11.16
N LEU A 1079 -7.18 4.33 -12.16
CA LEU A 1079 -8.53 3.85 -12.55
C LEU A 1079 -9.19 3.21 -11.33
N ASP A 1080 -8.47 2.31 -10.64
CA ASP A 1080 -9.01 1.66 -9.42
C ASP A 1080 -9.59 2.74 -8.49
N THR A 1081 -8.80 3.76 -8.18
CA THR A 1081 -9.27 4.80 -7.23
C THR A 1081 -10.57 5.39 -7.77
N VAL A 1082 -10.65 5.62 -9.08
CA VAL A 1082 -11.82 6.26 -9.67
C VAL A 1082 -13.03 5.32 -9.62
N ASP A 1083 -12.84 4.05 -9.93
CA ASP A 1083 -13.99 3.18 -10.10
C ASP A 1083 -14.39 2.42 -8.84
N SER A 1084 -13.41 2.00 -8.02
CA SER A 1084 -13.71 1.18 -6.86
C SER A 1084 -13.63 1.93 -5.54
N MET A 1085 -13.08 3.15 -5.53
CA MET A 1085 -12.88 3.87 -4.29
C MET A 1085 -13.64 5.19 -4.23
N ILE A 1086 -13.59 6.00 -5.30
CA ILE A 1086 -14.18 7.34 -5.25
C ILE A 1086 -15.69 7.31 -4.99
N PRO A 1087 -16.50 6.48 -5.66
CA PRO A 1087 -17.95 6.51 -5.36
C PRO A 1087 -18.27 6.20 -3.92
N GLN A 1088 -17.56 5.24 -3.30
CA GLN A 1088 -17.85 4.91 -1.92
C GLN A 1088 -17.40 6.03 -0.98
N VAL A 1089 -16.29 6.70 -1.31
CA VAL A 1089 -15.87 7.84 -0.50
C VAL A 1089 -16.89 8.96 -0.63
N ILE A 1090 -17.45 9.16 -1.81
CA ILE A 1090 -18.49 10.17 -2.00
C ILE A 1090 -19.71 9.83 -1.14
N LYS A 1091 -20.12 8.56 -1.17
CA LYS A 1091 -21.25 8.13 -0.35
C LYS A 1091 -20.98 8.35 1.13
N MET A 1092 -19.78 8.00 1.59
CA MET A 1092 -19.44 8.17 3.00
C MET A 1092 -19.38 9.64 3.38
N PHE A 1093 -18.82 10.48 2.51
CA PHE A 1093 -18.74 11.91 2.81
C PHE A 1093 -20.13 12.52 2.88
N MET A 1094 -20.97 12.17 1.90
CA MET A 1094 -22.37 12.70 1.88
C MET A 1094 -23.01 12.42 3.24
N GLY A 1095 -22.94 11.18 3.71
CA GLY A 1095 -23.54 10.81 5.01
C GLY A 1095 -22.86 11.52 6.16
N SER A 1096 -21.53 11.43 6.24
CA SER A 1096 -20.77 12.07 7.35
C SER A 1096 -21.05 13.58 7.35
N LEU A 1097 -21.62 14.10 6.26
CA LEU A 1097 -21.94 15.52 6.17
C LEU A 1097 -23.41 15.78 6.48
N PHE A 1098 -24.31 14.99 5.90
CA PHE A 1098 -25.72 15.26 6.12
C PHE A 1098 -26.20 14.71 7.45
N ASN A 1099 -25.51 13.72 8.03
CA ASN A 1099 -25.78 13.39 9.42
C ASN A 1099 -25.46 14.57 10.32
N VAL A 1100 -24.32 15.24 10.08
CA VAL A 1100 -23.96 16.41 10.85
C VAL A 1100 -24.98 17.54 10.63
N ILE A 1101 -25.35 17.77 9.38
CA ILE A 1101 -26.27 18.86 9.06
C ILE A 1101 -27.64 18.60 9.68
N GLY A 1102 -28.12 17.36 9.58
CA GLY A 1102 -29.41 17.04 10.15
C GLY A 1102 -29.41 17.13 11.67
N ALA A 1103 -28.33 16.67 12.31
CA ALA A 1103 -28.22 16.79 13.75
C ALA A 1103 -28.22 18.27 14.17
N CYS A 1104 -27.44 19.09 13.47
CA CYS A 1104 -27.38 20.51 13.80
C CYS A 1104 -28.74 21.18 13.58
N ILE A 1105 -29.42 20.82 12.49
CA ILE A 1105 -30.74 21.38 12.21
C ILE A 1105 -31.73 21.00 13.31
N ILE A 1106 -31.72 19.72 13.71
CA ILE A 1106 -32.63 19.27 14.76
C ILE A 1106 -32.35 20.01 16.07
N ILE A 1107 -31.07 20.13 16.42
CA ILE A 1107 -30.71 20.81 17.67
C ILE A 1107 -31.13 22.28 17.63
N LEU A 1108 -30.88 22.95 16.51
CA LEU A 1108 -31.22 24.37 16.40
C LEU A 1108 -32.74 24.56 16.41
N LEU A 1109 -33.49 23.71 15.72
CA LEU A 1109 -34.94 23.84 15.71
C LEU A 1109 -35.52 23.57 17.09
N ALA A 1110 -35.02 22.54 17.78
CA ALA A 1110 -35.51 22.24 19.12
C ALA A 1110 -35.07 23.30 20.12
N THR A 1111 -33.79 23.64 20.12
CA THR A 1111 -33.23 24.65 21.03
C THR A 1111 -32.53 25.71 20.18
N PRO A 1112 -33.22 26.79 19.82
CA PRO A 1112 -32.59 27.82 18.97
C PRO A 1112 -31.36 28.45 19.60
N MET A 1113 -31.32 28.59 20.93
CA MET A 1113 -30.17 29.22 21.56
C MET A 1113 -28.87 28.46 21.32
N ALA A 1114 -28.97 27.17 20.97
CA ALA A 1114 -27.78 26.37 20.66
C ALA A 1114 -27.09 26.90 19.41
N ALA A 1115 -27.66 27.93 18.78
CA ALA A 1115 -26.97 28.60 17.69
C ALA A 1115 -25.78 29.43 18.16
N VAL A 1116 -25.68 29.72 19.46
CA VAL A 1116 -24.56 30.53 19.93
C VAL A 1116 -23.27 29.72 19.96
N ILE A 1117 -23.36 28.39 20.12
CA ILE A 1117 -22.17 27.55 20.16
C ILE A 1117 -21.78 27.04 18.78
N ILE A 1118 -22.63 27.20 17.78
CA ILE A 1118 -22.26 26.78 16.42
C ILE A 1118 -21.03 27.53 15.90
N PRO A 1119 -20.92 28.85 16.02
CA PRO A 1119 -19.72 29.54 15.54
C PRO A 1119 -18.45 29.05 16.23
N PRO A 1120 -18.33 29.17 17.59
CA PRO A 1120 -17.03 28.87 18.22
C PRO A 1120 -16.52 27.48 17.90
N LEU A 1121 -17.34 26.47 18.21
CA LEU A 1121 -16.97 25.10 17.88
C LEU A 1121 -16.70 24.95 16.39
N GLY A 1122 -17.52 25.59 15.55
CA GLY A 1122 -17.26 25.55 14.12
C GLY A 1122 -15.87 26.06 13.80
N LEU A 1123 -15.49 27.20 14.40
CA LEU A 1123 -14.14 27.70 14.24
C LEU A 1123 -13.12 26.63 14.59
N ILE A 1124 -13.29 26.01 15.76
CA ILE A 1124 -12.42 24.90 16.16
C ILE A 1124 -12.33 23.90 15.02
N TYR A 1125 -13.50 23.36 14.62
CA TYR A 1125 -13.55 22.41 13.50
C TYR A 1125 -12.70 22.93 12.33
N PHE A 1126 -12.98 24.16 11.86
CA PHE A 1126 -12.25 24.73 10.74
C PHE A 1126 -10.76 24.50 10.92
N PHE A 1127 -10.21 25.08 12.00
CA PHE A 1127 -8.78 25.02 12.19
C PHE A 1127 -8.30 23.58 12.20
N VAL A 1128 -8.96 22.74 13.02
CA VAL A 1128 -8.52 21.36 13.12
C VAL A 1128 -8.52 20.72 11.75
N GLN A 1129 -9.64 20.84 11.04
CA GLN A 1129 -9.75 20.21 9.73
C GLN A 1129 -8.62 20.68 8.85
N ARG A 1130 -8.41 22.00 8.79
CA ARG A 1130 -7.35 22.56 7.98
C ARG A 1130 -6.05 21.82 8.24
N PHE A 1131 -5.59 21.85 9.49
CA PHE A 1131 -4.31 21.25 9.79
C PHE A 1131 -4.31 19.78 9.40
N TYR A 1132 -5.36 19.05 9.82
CA TYR A 1132 -5.42 17.63 9.51
C TYR A 1132 -5.26 17.42 8.03
N VAL A 1133 -6.10 18.10 7.23
CA VAL A 1133 -6.02 17.89 5.79
C VAL A 1133 -4.62 18.22 5.30
N ALA A 1134 -4.14 19.41 5.68
CA ALA A 1134 -2.88 19.89 5.14
C ALA A 1134 -1.72 18.99 5.52
N SER A 1135 -1.90 18.14 6.53
CA SER A 1135 -0.86 17.19 6.88
C SER A 1135 -1.15 15.79 6.40
N SER A 1136 -2.43 15.39 6.47
CA SER A 1136 -2.76 13.98 6.27
C SER A 1136 -2.32 13.50 4.91
N ARG A 1137 -2.74 14.22 3.85
CA ARG A 1137 -2.33 13.87 2.50
C ARG A 1137 -0.82 13.70 2.42
N GLN A 1138 -0.08 14.68 2.94
CA GLN A 1138 1.36 14.60 2.90
C GLN A 1138 1.84 13.31 3.56
N LEU A 1139 1.40 13.08 4.80
CA LEU A 1139 1.76 11.84 5.47
C LEU A 1139 1.37 10.65 4.61
N LYS A 1140 0.14 10.66 4.11
CA LYS A 1140 -0.33 9.54 3.29
C LYS A 1140 0.57 9.35 2.08
N ARG A 1141 0.90 10.44 1.37
CA ARG A 1141 1.73 10.27 0.19
C ARG A 1141 3.11 9.76 0.60
N LEU A 1142 3.64 10.26 1.72
CA LEU A 1142 4.90 9.73 2.22
C LEU A 1142 4.76 8.24 2.48
N GLU A 1143 3.69 7.84 3.18
CA GLU A 1143 3.43 6.42 3.38
C GLU A 1143 3.35 5.71 2.05
N SER A 1144 2.65 6.31 1.08
CA SER A 1144 2.48 5.67 -0.22
C SER A 1144 3.81 5.48 -0.92
N VAL A 1145 4.78 6.38 -0.70
CA VAL A 1145 6.07 6.22 -1.38
C VAL A 1145 7.02 5.35 -0.60
N SER A 1146 6.64 4.93 0.61
CA SER A 1146 7.55 4.14 1.44
C SER A 1146 7.26 2.66 1.39
N ARG A 1147 6.03 2.26 1.07
CA ARG A 1147 5.67 0.85 1.08
C ARG A 1147 6.28 0.11 -0.10
N SER A 1148 6.30 0.74 -1.27
CA SER A 1148 6.79 0.09 -2.48
C SER A 1148 8.26 -0.32 -2.39
N PRO A 1149 9.19 0.53 -1.94
CA PRO A 1149 10.60 0.10 -1.90
C PRO A 1149 10.84 -1.17 -1.10
N VAL A 1150 10.20 -1.32 0.06
CA VAL A 1150 10.45 -2.48 0.93
C VAL A 1150 10.32 -3.77 0.13
N TYR A 1151 9.12 -3.99 -0.43
CA TYR A 1151 8.90 -5.20 -1.22
C TYR A 1151 9.86 -5.26 -2.39
N SER A 1152 10.10 -4.12 -3.06
CA SER A 1152 11.08 -4.09 -4.14
C SER A 1152 12.42 -4.59 -3.64
N HIS A 1153 12.88 -4.07 -2.50
CA HIS A 1153 14.12 -4.54 -1.91
C HIS A 1153 14.06 -6.04 -1.70
N PHE A 1154 12.96 -6.53 -1.13
CA PHE A 1154 12.83 -7.96 -0.89
C PHE A 1154 12.95 -8.72 -2.21
N ASN A 1155 12.28 -8.24 -3.24
CA ASN A 1155 12.39 -8.90 -4.57
C ASN A 1155 13.87 -9.01 -4.95
N GLU A 1156 14.62 -7.90 -4.83
CA GLU A 1156 16.04 -7.94 -5.14
C GLU A 1156 16.74 -8.98 -4.28
N THR A 1157 16.44 -8.99 -2.98
CA THR A 1157 17.07 -9.94 -2.08
C THR A 1157 16.70 -11.37 -2.46
N LEU A 1158 15.51 -11.58 -3.02
CA LEU A 1158 15.15 -12.93 -3.44
C LEU A 1158 15.87 -13.33 -4.72
N LEU A 1159 16.20 -12.36 -5.57
CA LEU A 1159 16.84 -12.69 -6.83
C LEU A 1159 18.34 -12.91 -6.67
N GLY A 1160 18.99 -12.15 -5.79
CA GLY A 1160 20.41 -12.27 -5.62
C GLY A 1160 20.82 -12.79 -4.25
N VAL A 1161 20.02 -13.68 -3.69
CA VAL A 1161 20.33 -14.24 -2.37
C VAL A 1161 21.63 -15.05 -2.44
N SER A 1162 21.88 -15.73 -3.56
CA SER A 1162 23.14 -16.44 -3.73
C SER A 1162 24.32 -15.48 -3.74
N VAL A 1163 24.18 -14.35 -4.44
CA VAL A 1163 25.24 -13.35 -4.47
C VAL A 1163 25.46 -12.76 -3.09
N ILE A 1164 24.38 -12.45 -2.37
CA ILE A 1164 24.49 -11.87 -1.04
C ILE A 1164 25.18 -12.84 -0.09
N ARG A 1165 24.80 -14.12 -0.16
CA ARG A 1165 25.44 -15.13 0.69
C ARG A 1165 26.91 -15.31 0.34
N ALA A 1166 27.24 -15.33 -0.96
CA ALA A 1166 28.63 -15.51 -1.36
C ALA A 1166 29.50 -14.33 -0.93
N PHE A 1167 29.00 -13.11 -1.09
CA PHE A 1167 29.73 -11.92 -0.66
C PHE A 1167 29.56 -11.64 0.83
N GLU A 1168 28.78 -12.45 1.53
CA GLU A 1168 28.54 -12.32 2.97
C GLU A 1168 27.97 -10.94 3.32
N GLU A 1169 27.16 -10.39 2.43
CA GLU A 1169 26.51 -9.11 2.64
C GLU A 1169 25.12 -9.26 3.27
N GLN A 1170 24.88 -10.35 3.98
CA GLN A 1170 23.56 -10.59 4.55
C GLN A 1170 23.20 -9.53 5.58
N GLU A 1171 24.16 -9.13 6.42
CA GLU A 1171 23.88 -8.12 7.44
C GLU A 1171 23.59 -6.76 6.81
N ARG A 1172 24.32 -6.40 5.75
CA ARG A 1172 24.09 -5.13 5.09
C ARG A 1172 22.69 -5.06 4.50
N PHE A 1173 22.24 -6.15 3.88
CA PHE A 1173 20.90 -6.16 3.30
C PHE A 1173 19.82 -6.25 4.37
N ILE A 1174 20.10 -6.93 5.48
CA ILE A 1174 19.18 -6.92 6.61
C ILE A 1174 19.02 -5.51 7.16
N ARG A 1175 20.12 -4.78 7.28
CA ARG A 1175 20.05 -3.38 7.72
C ARG A 1175 19.29 -2.52 6.71
N GLN A 1176 19.50 -2.78 5.42
CA GLN A 1176 18.76 -2.03 4.40
C GLN A 1176 17.26 -2.29 4.49
N SER A 1177 16.87 -3.55 4.69
CA SER A 1177 15.46 -3.87 4.86
C SER A 1177 14.91 -3.21 6.12
N ASP A 1178 15.68 -3.23 7.21
CA ASP A 1178 15.25 -2.56 8.42
C ASP A 1178 15.05 -1.06 8.18
N LEU A 1179 15.97 -0.47 7.42
CA LEU A 1179 15.88 0.99 7.12
C LEU A 1179 14.58 1.27 6.34
N LYS A 1180 14.35 0.54 5.24
CA LYS A 1180 13.15 0.81 4.39
C LYS A 1180 11.88 0.64 5.23
N VAL A 1181 11.79 -0.46 5.99
CA VAL A 1181 10.59 -0.70 6.84
C VAL A 1181 10.48 0.45 7.85
N ASP A 1182 11.59 0.84 8.48
CA ASP A 1182 11.55 1.91 9.45
C ASP A 1182 11.11 3.22 8.81
N GLU A 1183 11.52 3.47 7.56
CA GLU A 1183 11.00 4.65 6.85
C GLU A 1183 9.50 4.52 6.62
N ASN A 1184 9.04 3.33 6.22
CA ASN A 1184 7.61 3.11 6.05
C ASN A 1184 6.85 3.36 7.34
N GLN A 1185 7.36 2.83 8.46
CA GLN A 1185 6.68 3.03 9.74
C GLN A 1185 6.80 4.46 10.23
N LYS A 1186 7.89 5.15 9.90
CA LYS A 1186 8.03 6.56 10.24
C LYS A 1186 7.07 7.43 9.46
N ALA A 1187 6.61 6.97 8.29
CA ALA A 1187 5.54 7.68 7.62
C ALA A 1187 4.17 7.25 8.14
N TYR A 1188 4.03 5.97 8.50
CA TYR A 1188 2.73 5.42 8.86
C TYR A 1188 2.28 5.83 10.27
N TYR A 1189 3.21 5.91 11.21
CA TYR A 1189 2.87 6.30 12.58
C TYR A 1189 2.28 7.70 12.67
N PRO A 1190 2.90 8.74 12.10
CA PRO A 1190 2.26 10.07 12.15
C PRO A 1190 0.90 10.10 11.52
N SER A 1191 0.64 9.27 10.52
CA SER A 1191 -0.68 9.25 9.88
C SER A 1191 -1.78 8.77 10.84
N ILE A 1192 -1.55 7.63 11.49
CA ILE A 1192 -2.56 7.11 12.40
C ILE A 1192 -2.68 7.99 13.64
N VAL A 1193 -1.56 8.54 14.11
CA VAL A 1193 -1.67 9.46 15.24
C VAL A 1193 -2.38 10.75 14.83
N ALA A 1194 -2.25 11.15 13.56
CA ALA A 1194 -3.02 12.28 13.05
C ALA A 1194 -4.50 11.96 13.08
N ASN A 1195 -4.86 10.74 12.71
CA ASN A 1195 -6.25 10.31 12.81
C ASN A 1195 -6.75 10.41 14.26
N ARG A 1196 -5.93 9.95 15.21
CA ARG A 1196 -6.32 10.01 16.61
C ARG A 1196 -6.45 11.45 17.11
N TRP A 1197 -5.53 12.31 16.71
CA TRP A 1197 -5.56 13.73 17.08
C TRP A 1197 -6.83 14.39 16.57
N LEU A 1198 -7.07 14.27 15.26
CA LEU A 1198 -8.29 14.86 14.65
C LEU A 1198 -9.51 14.34 15.41
N ALA A 1199 -9.58 13.02 15.59
CA ALA A 1199 -10.76 12.42 16.26
C ALA A 1199 -10.95 13.07 17.63
N VAL A 1200 -9.95 12.94 18.51
CA VAL A 1200 -10.09 13.47 19.91
C VAL A 1200 -10.66 14.89 19.85
N ARG A 1201 -10.01 15.78 19.10
CA ARG A 1201 -10.45 17.21 19.04
C ARG A 1201 -11.90 17.29 18.57
N LEU A 1202 -12.20 16.80 17.36
CA LEU A 1202 -13.56 16.98 16.78
C LEU A 1202 -14.60 16.08 17.46
N GLU A 1203 -14.20 14.95 18.06
CA GLU A 1203 -15.21 14.13 18.77
C GLU A 1203 -15.62 14.87 20.05
N CYS A 1204 -14.65 15.42 20.79
CA CYS A 1204 -15.03 16.22 21.99
C CYS A 1204 -15.81 17.46 21.52
N VAL A 1205 -15.50 17.99 20.33
CA VAL A 1205 -16.29 19.14 19.79
C VAL A 1205 -17.74 18.67 19.64
N GLY A 1206 -17.94 17.51 19.01
CA GLY A 1206 -19.31 16.97 18.90
C GLY A 1206 -19.87 16.68 20.27
N ASN A 1207 -19.02 16.22 21.19
CA ASN A 1207 -19.45 15.93 22.58
C ASN A 1207 -19.69 17.24 23.33
N CYS A 1208 -18.96 18.31 22.96
CA CYS A 1208 -19.25 19.62 23.63
C CYS A 1208 -20.67 20.04 23.22
N ILE A 1209 -21.04 19.77 21.97
CA ILE A 1209 -22.43 20.07 21.50
C ILE A 1209 -23.41 19.21 22.29
N VAL A 1210 -23.16 17.90 22.38
CA VAL A 1210 -24.05 17.02 23.21
C VAL A 1210 -24.29 17.75 24.54
N LEU A 1211 -23.21 18.22 25.17
CA LEU A 1211 -23.35 18.97 26.41
C LEU A 1211 -24.24 20.18 26.21
N PHE A 1212 -23.97 20.97 25.18
CA PHE A 1212 -24.75 22.19 24.99
C PHE A 1212 -26.19 21.89 24.60
N ALA A 1213 -26.42 20.87 23.79
CA ALA A 1213 -27.79 20.48 23.44
C ALA A 1213 -28.57 20.05 24.67
N SER A 1214 -27.98 19.19 25.49
CA SER A 1214 -28.66 18.76 26.71
C SER A 1214 -28.86 19.93 27.67
N LEU A 1215 -27.88 20.83 27.75
CA LEU A 1215 -27.98 21.96 28.65
C LEU A 1215 -29.10 22.91 28.24
N PHE A 1216 -29.22 23.17 26.94
CA PHE A 1216 -30.31 24.03 26.49
C PHE A 1216 -31.66 23.32 26.59
N ALA A 1217 -31.65 21.98 26.51
CA ALA A 1217 -32.89 21.23 26.77
C ALA A 1217 -33.32 21.36 28.23
N VAL A 1218 -32.37 21.32 29.17
CA VAL A 1218 -32.74 21.44 30.58
C VAL A 1218 -33.01 22.90 30.97
N ILE A 1219 -32.45 23.86 30.25
CA ILE A 1219 -32.71 25.26 30.56
C ILE A 1219 -34.15 25.61 30.23
N SER A 1220 -34.64 25.14 29.08
CA SER A 1220 -35.98 25.44 28.60
C SER A 1220 -36.89 24.22 28.63
N ARG A 1221 -36.72 23.40 29.68
CA ARG A 1221 -37.50 22.14 29.77
C ARG A 1221 -38.99 22.43 29.95
N HIS A 1222 -39.34 23.57 30.56
CA HIS A 1222 -40.74 23.87 30.82
C HIS A 1222 -41.49 24.22 29.55
N SER A 1223 -40.79 24.66 28.50
CA SER A 1223 -41.39 24.91 27.20
C SER A 1223 -40.99 23.87 26.17
N LEU A 1224 -40.33 22.79 26.59
CA LEU A 1224 -39.88 21.74 25.69
C LEU A 1224 -40.50 20.42 26.10
N SER A 1225 -40.90 19.62 25.12
CA SER A 1225 -41.46 18.31 25.40
C SER A 1225 -40.34 17.30 25.60
N ALA A 1226 -40.68 16.18 26.24
CA ALA A 1226 -39.71 15.11 26.43
C ALA A 1226 -39.27 14.53 25.10
N GLY A 1227 -40.19 14.45 24.13
CA GLY A 1227 -39.82 13.96 22.81
C GLY A 1227 -38.83 14.86 22.10
N LEU A 1228 -39.03 16.18 22.19
CA LEU A 1228 -38.10 17.11 21.57
C LEU A 1228 -36.73 17.02 22.22
N VAL A 1229 -36.68 16.91 23.54
CA VAL A 1229 -35.40 16.79 24.24
C VAL A 1229 -34.71 15.49 23.84
N GLY A 1230 -35.44 14.39 23.86
CA GLY A 1230 -34.86 13.11 23.47
C GLY A 1230 -34.36 13.14 22.04
N LEU A 1231 -35.10 13.78 21.14
CA LEU A 1231 -34.67 13.91 19.75
C LEU A 1231 -33.38 14.68 19.63
N SER A 1232 -33.32 15.85 20.25
CA SER A 1232 -32.10 16.67 20.17
C SER A 1232 -30.92 15.94 20.76
N VAL A 1233 -31.10 15.29 21.92
CA VAL A 1233 -29.98 14.63 22.58
C VAL A 1233 -29.53 13.39 21.80
N SER A 1234 -30.48 12.63 21.24
CA SER A 1234 -30.10 11.48 20.42
C SER A 1234 -29.33 11.90 19.18
N TYR A 1235 -29.81 12.95 18.49
CA TYR A 1235 -29.10 13.40 17.29
C TYR A 1235 -27.73 13.94 17.65
N SER A 1236 -27.61 14.66 18.76
CA SER A 1236 -26.30 15.12 19.20
C SER A 1236 -25.38 13.96 19.53
N LEU A 1237 -25.94 12.91 20.16
CA LEU A 1237 -25.12 11.73 20.52
C LEU A 1237 -24.42 11.16 19.28
N GLN A 1238 -25.01 11.31 18.09
CA GLN A 1238 -24.41 10.69 16.88
C GLN A 1238 -23.57 11.71 16.10
N VAL A 1239 -24.00 12.98 16.05
CA VAL A 1239 -23.18 14.02 15.37
C VAL A 1239 -21.78 13.91 15.95
N THR A 1240 -21.67 13.45 17.19
CA THR A 1240 -20.34 13.24 17.81
C THR A 1240 -19.58 12.21 16.99
N THR A 1241 -20.23 11.11 16.60
CA THR A 1241 -19.47 10.03 15.91
C THR A 1241 -19.26 10.42 14.44
N TYR A 1242 -19.51 11.68 14.06
CA TYR A 1242 -19.45 12.06 12.62
C TYR A 1242 -18.63 13.33 12.34
N LEU A 1243 -18.67 14.33 13.21
CA LEU A 1243 -17.94 15.59 12.87
C LEU A 1243 -16.53 15.22 12.39
N ASN A 1244 -15.91 14.21 13.01
CA ASN A 1244 -14.55 13.77 12.62
C ASN A 1244 -14.64 13.02 11.28
N TRP A 1245 -15.54 12.05 11.18
CA TRP A 1245 -15.72 11.27 9.91
C TRP A 1245 -16.03 12.23 8.77
N LEU A 1246 -16.69 13.35 9.05
CA LEU A 1246 -16.94 14.37 7.99
C LEU A 1246 -15.58 14.84 7.47
N VAL A 1247 -14.65 15.13 8.38
CA VAL A 1247 -13.28 15.59 7.97
C VAL A 1247 -12.54 14.41 7.32
N ARG A 1248 -12.44 13.27 8.02
CA ARG A 1248 -11.69 12.18 7.41
C ARG A 1248 -12.15 11.90 5.99
N MET A 1249 -13.45 12.03 5.74
CA MET A 1249 -13.99 11.82 4.39
C MET A 1249 -13.64 12.97 3.46
N SER A 1250 -13.59 14.20 3.98
CA SER A 1250 -13.10 15.31 3.17
C SER A 1250 -11.65 15.11 2.77
N SER A 1251 -10.83 14.61 3.71
CA SER A 1251 -9.45 14.28 3.37
C SER A 1251 -9.38 13.16 2.33
N GLU A 1252 -10.25 12.16 2.47
CA GLU A 1252 -10.25 11.04 1.50
C GLU A 1252 -10.68 11.58 0.12
N MET A 1253 -11.65 12.49 0.08
CA MET A 1253 -12.07 13.10 -1.20
C MET A 1253 -10.87 13.84 -1.80
N GLU A 1254 -10.20 14.67 -1.00
CA GLU A 1254 -9.05 15.47 -1.52
C GLU A 1254 -7.98 14.53 -2.08
N THR A 1255 -7.65 13.45 -1.35
CA THR A 1255 -6.60 12.56 -1.78
C THR A 1255 -7.04 11.58 -2.87
N ASN A 1256 -8.34 11.48 -3.12
CA ASN A 1256 -8.83 10.49 -4.12
C ASN A 1256 -9.14 11.18 -5.45
N ILE A 1257 -9.59 12.44 -5.39
CA ILE A 1257 -9.97 13.19 -6.63
C ILE A 1257 -8.70 13.49 -7.43
N VAL A 1258 -7.54 13.60 -6.77
CA VAL A 1258 -6.26 13.80 -7.51
C VAL A 1258 -6.15 12.70 -8.58
N ALA A 1259 -6.66 11.50 -8.30
CA ALA A 1259 -6.66 10.44 -9.30
C ALA A 1259 -7.40 10.89 -10.57
N VAL A 1260 -8.54 11.55 -10.41
CA VAL A 1260 -9.25 12.10 -11.56
C VAL A 1260 -8.41 13.17 -12.24
N GLU A 1261 -7.73 13.99 -11.44
CA GLU A 1261 -6.86 15.02 -12.02
C GLU A 1261 -5.75 14.40 -12.86
N ARG A 1262 -5.16 13.31 -12.39
CA ARG A 1262 -4.11 12.63 -13.14
C ARG A 1262 -4.66 11.84 -14.33
N LEU A 1263 -5.94 11.47 -14.29
CA LEU A 1263 -6.53 10.78 -15.44
C LEU A 1263 -6.76 11.74 -16.60
N LYS A 1264 -7.11 12.99 -16.30
CA LYS A 1264 -7.45 13.97 -17.32
C LYS A 1264 -6.28 14.87 -17.69
N GLU A 1265 -5.05 14.45 -17.34
CA GLU A 1265 -3.91 15.40 -17.53
C GLU A 1265 -3.37 15.34 -18.97
N TYR A 1266 -3.51 14.20 -19.63
CA TYR A 1266 -3.07 14.10 -21.04
C TYR A 1266 -4.18 14.61 -21.96
N SER A 1267 -5.16 15.33 -21.40
CA SER A 1267 -6.28 15.74 -22.24
C SER A 1267 -5.98 17.03 -22.99
N GLU A 1268 -5.03 17.82 -22.51
CA GLU A 1268 -4.69 19.09 -23.15
C GLU A 1268 -3.27 19.13 -23.71
N THR A 1269 -2.52 18.04 -23.58
CA THR A 1269 -1.19 18.00 -24.16
C THR A 1269 -1.26 17.98 -25.68
N GLU A 1270 -0.16 18.34 -26.33
CA GLU A 1270 -0.12 18.36 -27.79
C GLU A 1270 -0.30 16.96 -28.35
N LYS A 1271 -1.24 16.82 -29.28
CA LYS A 1271 -1.55 15.55 -29.90
C LYS A 1271 -1.03 15.51 -31.33
N GLU A 1272 -1.06 14.31 -31.90
CA GLU A 1272 -0.58 14.13 -33.29
C GLU A 1272 -1.58 14.71 -34.27
N ALA A 1273 -1.15 14.95 -35.50
CA ALA A 1273 -2.01 15.45 -36.55
C ALA A 1273 -3.18 14.47 -36.72
N PRO A 1274 -4.33 14.96 -37.20
CA PRO A 1274 -5.51 14.08 -37.28
C PRO A 1274 -5.23 12.83 -38.10
N TRP A 1275 -5.73 11.71 -37.58
CA TRP A 1275 -5.49 10.42 -38.25
C TRP A 1275 -6.20 10.36 -39.60
N GLN A 1276 -7.43 10.88 -39.67
CA GLN A 1276 -8.21 10.92 -40.89
C GLN A 1276 -8.68 12.36 -41.10
N ILE A 1277 -8.28 12.96 -42.23
CA ILE A 1277 -8.73 14.32 -42.52
C ILE A 1277 -10.09 14.31 -43.19
N GLN A 1278 -10.26 13.49 -44.23
CA GLN A 1278 -11.51 13.27 -44.93
C GLN A 1278 -11.91 14.44 -45.82
N ASP A 1279 -11.14 15.53 -45.76
CA ASP A 1279 -11.32 16.60 -46.74
C ASP A 1279 -10.31 16.46 -47.89
N MET A 1280 -9.08 16.10 -47.55
CA MET A 1280 -8.05 15.91 -48.56
C MET A 1280 -7.52 14.48 -48.54
N ALA A 1281 -8.42 13.51 -48.39
CA ALA A 1281 -8.03 12.11 -48.37
C ALA A 1281 -7.48 11.69 -49.74
N PRO A 1282 -6.51 10.79 -49.76
CA PRO A 1282 -5.95 10.34 -51.03
C PRO A 1282 -6.86 9.35 -51.71
N PRO A 1283 -6.68 9.03 -53.02
CA PRO A 1283 -7.48 7.99 -53.65
C PRO A 1283 -6.85 6.63 -53.31
N LYS A 1284 -7.65 5.55 -53.28
CA LYS A 1284 -7.06 4.21 -53.07
C LYS A 1284 -5.91 4.05 -54.06
N ASP A 1285 -4.80 3.42 -53.63
CA ASP A 1285 -3.61 3.29 -54.51
C ASP A 1285 -2.93 4.66 -54.58
N TRP A 1286 -2.98 5.41 -53.48
CA TRP A 1286 -2.32 6.74 -53.44
C TRP A 1286 -0.86 6.62 -53.89
N PRO A 1287 -0.03 5.67 -53.39
CA PRO A 1287 1.32 5.47 -53.92
C PRO A 1287 1.22 4.60 -55.18
N GLN A 1288 0.60 5.13 -56.24
CA GLN A 1288 0.40 4.33 -57.48
C GLN A 1288 1.72 3.65 -57.86
N VAL A 1289 2.82 4.41 -57.87
CA VAL A 1289 4.15 3.84 -58.23
C VAL A 1289 5.07 3.97 -57.01
N GLY A 1290 4.77 4.92 -56.12
CA GLY A 1290 5.62 5.13 -54.92
C GLY A 1290 6.75 6.10 -55.20
N ARG A 1291 6.47 7.17 -55.94
CA ARG A 1291 7.50 8.18 -56.23
C ARG A 1291 7.66 9.05 -54.99
N VAL A 1292 8.77 8.87 -54.29
CA VAL A 1292 9.06 9.63 -53.08
C VAL A 1292 9.95 10.81 -53.44
N GLU A 1293 9.68 11.97 -52.85
CA GLU A 1293 10.48 13.16 -53.12
C GLU A 1293 10.62 13.95 -51.83
N PHE A 1294 11.83 13.92 -51.25
CA PHE A 1294 12.16 14.77 -50.12
C PHE A 1294 12.57 16.14 -50.66
N ARG A 1295 11.68 17.11 -50.54
CA ARG A 1295 11.89 18.46 -51.07
C ARG A 1295 12.30 19.36 -49.90
N ASP A 1296 13.60 19.57 -49.74
CA ASP A 1296 14.15 20.45 -48.71
C ASP A 1296 13.64 20.04 -47.33
N TYR A 1297 13.83 18.76 -47.00
CA TYR A 1297 13.38 18.23 -45.73
C TYR A 1297 14.28 18.67 -44.58
N GLY A 1298 13.65 19.07 -43.47
CA GLY A 1298 14.35 19.37 -42.24
C GLY A 1298 13.61 18.85 -41.04
N LEU A 1299 14.27 18.00 -40.25
CA LEU A 1299 13.60 17.38 -39.09
C LEU A 1299 14.40 17.68 -37.81
N ARG A 1300 13.74 18.22 -36.78
CA ARG A 1300 14.42 18.51 -35.49
C ARG A 1300 14.02 17.42 -34.49
N TYR A 1301 15.02 16.80 -33.85
CA TYR A 1301 14.74 15.72 -32.86
C TYR A 1301 14.44 16.36 -31.49
N ASP A 1306 20.96 21.33 -33.93
CA ASP A 1306 19.54 21.43 -33.60
C ASP A 1306 18.70 20.59 -34.54
N LEU A 1307 19.09 20.59 -35.82
CA LEU A 1307 18.39 19.83 -36.85
C LEU A 1307 19.16 18.55 -37.14
N VAL A 1308 18.56 17.39 -36.82
CA VAL A 1308 19.22 16.10 -37.18
C VAL A 1308 19.17 15.96 -38.70
N LEU A 1309 18.00 16.24 -39.30
CA LEU A 1309 17.87 16.19 -40.79
C LEU A 1309 17.88 17.63 -41.32
N LYS A 1310 18.66 17.89 -42.36
CA LYS A 1310 18.79 19.28 -42.89
C LYS A 1310 19.17 19.23 -44.37
N HIS A 1311 18.64 20.16 -45.18
CA HIS A 1311 18.99 20.24 -46.62
C HIS A 1311 18.87 18.86 -47.27
N ILE A 1312 17.68 18.28 -47.26
CA ILE A 1312 17.46 16.95 -47.90
C ILE A 1312 16.60 17.13 -49.15
N ASN A 1313 17.23 17.11 -50.33
CA ASN A 1313 16.48 17.23 -51.58
C ASN A 1313 16.81 16.01 -52.44
N VAL A 1314 16.05 14.94 -52.27
CA VAL A 1314 16.31 13.69 -52.96
C VAL A 1314 15.02 13.20 -53.61
N THR A 1315 15.17 12.37 -54.63
CA THR A 1315 14.03 11.83 -55.36
C THR A 1315 14.25 10.34 -55.58
N ILE A 1316 13.38 9.52 -55.01
CA ILE A 1316 13.38 8.08 -55.20
C ILE A 1316 12.25 7.75 -56.17
N ASP A 1317 12.61 7.23 -57.34
CA ASP A 1317 11.63 6.93 -58.37
C ASP A 1317 10.79 5.73 -57.97
N GLY A 1318 9.61 5.63 -58.57
CA GLY A 1318 8.72 4.51 -58.33
C GLY A 1318 9.32 3.17 -58.68
N GLY A 1319 9.27 2.24 -57.73
CA GLY A 1319 9.82 0.91 -57.96
C GLY A 1319 11.32 0.90 -58.16
N GLU A 1320 12.04 1.81 -57.50
CA GLU A 1320 13.49 1.85 -57.56
C GLU A 1320 14.04 1.56 -56.17
N LYS A 1321 14.85 0.51 -56.07
CA LYS A 1321 15.45 0.15 -54.79
C LYS A 1321 16.49 1.18 -54.39
N VAL A 1322 16.35 1.70 -53.17
CA VAL A 1322 17.21 2.76 -52.65
C VAL A 1322 17.52 2.43 -51.20
N GLY A 1323 18.79 2.57 -50.82
CA GLY A 1323 19.21 2.34 -49.46
C GLY A 1323 19.83 3.60 -48.87
N ILE A 1324 19.92 3.64 -47.54
CA ILE A 1324 20.48 4.77 -46.83
C ILE A 1324 21.62 4.27 -45.95
N VAL A 1325 22.81 4.79 -46.18
CA VAL A 1325 24.00 4.42 -45.42
C VAL A 1325 24.47 5.63 -44.63
N GLY A 1326 25.02 5.36 -43.45
CA GLY A 1326 25.54 6.41 -42.61
C GLY A 1326 25.97 5.84 -41.29
N ARG A 1327 26.77 6.63 -40.58
CA ARG A 1327 27.28 6.24 -39.28
C ARG A 1327 26.30 6.65 -38.17
N THR A 1328 26.61 6.21 -36.96
CA THR A 1328 25.79 6.59 -35.81
C THR A 1328 25.81 8.11 -35.63
N GLY A 1329 24.62 8.68 -35.41
CA GLY A 1329 24.46 10.11 -35.31
C GLY A 1329 23.96 10.77 -36.58
N ALA A 1330 23.96 10.03 -37.69
CA ALA A 1330 23.40 10.58 -38.95
C ALA A 1330 21.87 10.55 -38.89
N GLY A 1331 21.20 10.96 -39.97
CA GLY A 1331 19.73 11.02 -39.96
C GLY A 1331 19.10 9.82 -40.65
N LYS A 1332 19.82 8.70 -40.70
CA LYS A 1332 19.31 7.49 -41.40
C LYS A 1332 17.93 7.11 -40.86
N SER A 1333 17.86 6.70 -39.59
CA SER A 1333 16.56 6.25 -39.00
C SER A 1333 15.57 7.41 -38.99
N SER A 1334 16.03 8.61 -38.61
CA SER A 1334 15.14 9.79 -38.56
C SER A 1334 14.47 10.01 -39.93
N LEU A 1335 15.14 9.58 -41.01
CA LEU A 1335 14.55 9.70 -42.34
C LEU A 1335 13.28 8.85 -42.45
N THR A 1336 13.32 7.64 -41.90
CA THR A 1336 12.08 6.81 -41.92
C THR A 1336 11.00 7.49 -41.08
N LEU A 1337 11.38 8.12 -39.95
CA LEU A 1337 10.38 8.85 -39.18
C LEU A 1337 9.81 10.01 -39.97
N GLY A 1338 10.56 10.51 -40.95
CA GLY A 1338 10.00 11.51 -41.85
C GLY A 1338 8.92 10.95 -42.74
N LEU A 1339 9.13 9.73 -43.24
CA LEU A 1339 8.15 9.12 -44.15
C LEU A 1339 6.81 8.90 -43.46
N PHE A 1340 6.85 8.41 -42.22
CA PHE A 1340 5.65 8.09 -41.47
C PHE A 1340 5.13 9.25 -40.63
N ARG A 1341 5.75 10.42 -40.78
CA ARG A 1341 5.33 11.63 -40.04
C ARG A 1341 5.32 11.36 -38.53
N ILE A 1342 6.30 10.61 -38.03
CA ILE A 1342 6.41 10.40 -36.56
C ILE A 1342 6.70 11.75 -35.92
N LYS A 1343 7.67 12.49 -36.45
CA LYS A 1343 7.95 13.87 -35.95
C LYS A 1343 7.57 14.87 -37.04
N GLU A 1344 6.82 15.91 -36.69
CA GLU A 1344 6.33 16.89 -37.71
C GLU A 1344 7.52 17.53 -38.43
N SER A 1345 7.36 17.87 -39.70
CA SER A 1345 8.45 18.45 -40.47
C SER A 1345 8.70 19.88 -40.03
N ALA A 1346 9.90 20.13 -39.50
CA ALA A 1346 10.28 21.49 -39.15
C ALA A 1346 10.34 22.37 -40.40
N GLU A 1347 10.90 21.84 -41.48
CA GLU A 1347 10.89 22.52 -42.77
C GLU A 1347 11.07 21.46 -43.84
N GLY A 1348 9.99 21.15 -44.57
CA GLY A 1348 10.06 20.11 -45.58
C GLY A 1348 8.73 19.84 -46.23
N GLU A 1349 8.76 19.33 -47.47
CA GLU A 1349 7.58 19.10 -48.27
C GLU A 1349 7.63 17.73 -48.92
N ILE A 1350 7.89 16.70 -48.12
CA ILE A 1350 7.87 15.32 -48.63
C ILE A 1350 6.55 15.08 -49.36
N ILE A 1351 6.66 14.65 -50.62
CA ILE A 1351 5.44 14.36 -51.42
C ILE A 1351 5.58 12.98 -52.05
N ILE A 1352 4.60 12.10 -51.85
CA ILE A 1352 4.62 10.77 -52.52
C ILE A 1352 3.78 10.88 -53.80
N ASP A 1353 4.36 10.56 -54.95
CA ASP A 1353 3.64 10.73 -56.24
C ASP A 1353 3.28 12.22 -56.38
N ASP A 1354 1.99 12.55 -56.38
CA ASP A 1354 1.56 13.97 -56.56
C ASP A 1354 0.82 14.45 -55.30
N ILE A 1355 1.06 13.80 -54.15
CA ILE A 1355 0.29 14.17 -52.92
C ILE A 1355 1.26 14.48 -51.76
N ASN A 1356 1.02 15.59 -51.06
CA ASN A 1356 1.88 15.97 -49.90
C ASN A 1356 1.54 15.08 -48.70
N ILE A 1357 2.55 14.71 -47.91
CA ILE A 1357 2.31 13.84 -46.75
C ILE A 1357 1.70 14.64 -45.61
N ALA A 1358 2.20 15.85 -45.37
CA ALA A 1358 1.76 16.63 -44.22
C ALA A 1358 0.26 16.94 -44.28
N LYS A 1359 -0.29 17.03 -45.50
CA LYS A 1359 -1.72 17.28 -45.64
C LYS A 1359 -2.55 16.04 -45.34
N ILE A 1360 -2.04 14.86 -45.66
CA ILE A 1360 -2.77 13.61 -45.48
C ILE A 1360 -2.87 13.30 -43.99
N GLY A 1361 -4.00 12.70 -43.59
CA GLY A 1361 -4.12 12.20 -42.24
C GLY A 1361 -3.08 11.13 -41.95
N LEU A 1362 -2.73 10.99 -40.67
CA LEU A 1362 -1.67 10.02 -40.28
C LEU A 1362 -2.05 8.60 -40.68
N HIS A 1363 -3.20 8.10 -40.21
CA HIS A 1363 -3.57 6.68 -40.48
C HIS A 1363 -3.44 6.37 -41.97
N ASP A 1364 -4.05 7.19 -42.82
CA ASP A 1364 -4.00 6.97 -44.29
C ASP A 1364 -2.56 6.62 -44.72
N LEU A 1365 -1.61 7.54 -44.51
CA LEU A 1365 -0.22 7.29 -44.99
C LEU A 1365 0.37 6.09 -44.25
N ARG A 1366 0.12 5.98 -42.95
CA ARG A 1366 0.68 4.87 -42.13
C ARG A 1366 0.12 3.53 -42.66
N PHE A 1367 -1.07 3.56 -43.25
CA PHE A 1367 -1.65 2.35 -43.83
C PHE A 1367 -1.09 2.09 -45.22
N LYS A 1368 -0.75 3.14 -45.97
CA LYS A 1368 -0.26 2.98 -47.33
C LYS A 1368 1.25 2.82 -47.42
N ILE A 1369 1.98 2.92 -46.30
CA ILE A 1369 3.42 2.70 -46.25
C ILE A 1369 3.71 1.69 -45.16
N THR A 1370 4.65 0.79 -45.40
CA THR A 1370 4.97 -0.25 -44.43
C THR A 1370 6.42 -0.15 -43.99
N ILE A 1371 6.67 -0.61 -42.75
CA ILE A 1371 8.05 -0.51 -42.19
C ILE A 1371 8.40 -1.77 -41.39
N ILE A 1372 9.55 -2.37 -41.67
CA ILE A 1372 10.07 -3.52 -40.93
C ILE A 1372 11.15 -3.00 -40.00
N PRO A 1373 10.83 -2.80 -38.72
CA PRO A 1373 11.76 -2.10 -37.81
C PRO A 1373 12.94 -2.94 -37.39
N GLN A 1374 13.76 -2.38 -36.50
CA GLN A 1374 14.95 -3.08 -36.02
C GLN A 1374 14.56 -4.36 -35.29
N ASP A 1375 13.83 -4.22 -34.19
CA ASP A 1375 13.36 -5.39 -33.42
C ASP A 1375 11.85 -5.54 -33.60
N PRO A 1376 11.36 -6.53 -34.38
CA PRO A 1376 9.93 -6.75 -34.56
C PRO A 1376 9.22 -6.94 -33.22
N VAL A 1377 8.09 -6.25 -33.02
CA VAL A 1377 7.34 -6.35 -31.72
C VAL A 1377 6.13 -7.26 -31.92
N LEU A 1378 6.20 -8.50 -31.40
CA LEU A 1378 5.06 -9.39 -31.50
C LEU A 1378 4.19 -9.24 -30.25
N PHE A 1379 2.92 -8.95 -30.47
CA PHE A 1379 2.00 -8.66 -29.37
C PHE A 1379 1.31 -9.93 -28.91
N SER A 1380 0.94 -9.95 -27.63
CA SER A 1380 0.26 -11.10 -27.06
C SER A 1380 -1.07 -11.33 -27.77
N GLY A 1381 -1.40 -12.60 -27.99
CA GLY A 1381 -2.58 -13.01 -28.71
C GLY A 1381 -2.23 -14.03 -29.75
N SER A 1382 -3.11 -14.19 -30.73
CA SER A 1382 -2.87 -15.14 -31.79
C SER A 1382 -1.94 -14.54 -32.85
N LEU A 1383 -1.38 -15.41 -33.68
CA LEU A 1383 -0.54 -14.94 -34.78
C LEU A 1383 -1.34 -14.15 -35.80
N ARG A 1384 -2.60 -14.55 -36.02
CA ARG A 1384 -3.43 -13.82 -36.98
C ARG A 1384 -3.70 -12.39 -36.52
N MET A 1385 -3.93 -12.20 -35.21
CA MET A 1385 -4.10 -10.84 -34.70
C MET A 1385 -2.80 -10.05 -34.77
N ASN A 1386 -1.66 -10.72 -34.75
CA ASN A 1386 -0.39 -10.04 -34.98
C ASN A 1386 -0.30 -9.59 -36.43
N LEU A 1387 -0.58 -10.48 -37.38
CA LEU A 1387 -0.51 -10.13 -38.78
C LEU A 1387 -1.57 -9.11 -39.17
N ASP A 1388 -2.83 -9.38 -38.81
CA ASP A 1388 -3.96 -8.53 -39.17
C ASP A 1388 -4.80 -8.27 -37.92
N PRO A 1389 -4.44 -7.26 -37.13
CA PRO A 1389 -5.26 -6.93 -35.95
C PRO A 1389 -6.70 -6.60 -36.30
N PHE A 1390 -6.93 -5.93 -37.43
CA PHE A 1390 -8.27 -5.58 -37.86
C PHE A 1390 -9.03 -6.75 -38.48
N SER A 1391 -8.35 -7.87 -38.76
CA SER A 1391 -8.92 -9.01 -39.46
C SER A 1391 -9.50 -8.60 -40.81
N GLN A 1392 -8.91 -7.56 -41.41
CA GLN A 1392 -9.43 -7.06 -42.68
C GLN A 1392 -9.07 -7.98 -43.84
N TYR A 1393 -7.85 -8.51 -43.85
CA TYR A 1393 -7.40 -9.39 -44.92
C TYR A 1393 -7.96 -10.79 -44.70
N SER A 1394 -8.35 -11.43 -45.80
CA SER A 1394 -8.97 -12.75 -45.74
C SER A 1394 -7.94 -13.80 -45.32
N ASP A 1395 -8.46 -14.97 -44.93
CA ASP A 1395 -7.60 -16.06 -44.50
C ASP A 1395 -6.67 -16.53 -45.61
N GLU A 1396 -7.15 -16.53 -46.86
CA GLU A 1396 -6.31 -16.93 -47.98
C GLU A 1396 -5.13 -16.00 -48.14
N GLU A 1397 -5.36 -14.68 -48.00
CA GLU A 1397 -4.26 -13.73 -48.10
C GLU A 1397 -3.24 -13.95 -46.99
N VAL A 1398 -3.70 -14.21 -45.77
CA VAL A 1398 -2.80 -14.48 -44.65
C VAL A 1398 -1.96 -15.72 -44.94
N TRP A 1399 -2.62 -16.78 -45.42
CA TRP A 1399 -1.90 -18.01 -45.73
C TRP A 1399 -0.87 -17.80 -46.83
N THR A 1400 -1.25 -17.07 -47.88
CA THR A 1400 -0.31 -16.80 -48.98
C THR A 1400 0.88 -15.98 -48.50
N SER A 1401 0.63 -14.94 -47.70
CA SER A 1401 1.72 -14.11 -47.21
C SER A 1401 2.64 -14.91 -46.29
N LEU A 1402 2.07 -15.76 -45.43
CA LEU A 1402 2.89 -16.58 -44.53
C LEU A 1402 3.72 -17.58 -45.30
N GLU A 1403 3.14 -18.19 -46.36
CA GLU A 1403 3.93 -19.08 -47.19
C GLU A 1403 5.06 -18.34 -47.90
N LEU A 1404 4.77 -17.13 -48.38
CA LEU A 1404 5.80 -16.34 -49.11
C LEU A 1404 6.88 -15.85 -48.13
N ALA A 1405 6.62 -15.91 -46.83
CA ALA A 1405 7.57 -15.44 -45.83
C ALA A 1405 8.40 -16.58 -45.25
N HIS A 1406 8.53 -17.70 -45.97
CA HIS A 1406 9.31 -18.85 -45.51
C HIS A 1406 8.84 -19.34 -44.15
N LEU A 1407 7.56 -19.17 -43.86
CA LEU A 1407 6.99 -19.53 -42.57
C LEU A 1407 5.88 -20.55 -42.64
N LYS A 1408 5.51 -21.04 -43.84
CA LYS A 1408 4.40 -21.98 -43.96
C LYS A 1408 4.67 -23.26 -43.18
N GLY A 1409 5.91 -23.75 -43.24
CA GLY A 1409 6.24 -24.97 -42.53
C GLY A 1409 6.07 -24.84 -41.03
N PHE A 1410 6.54 -23.71 -40.47
CA PHE A 1410 6.42 -23.52 -39.02
C PHE A 1410 5.00 -23.19 -38.62
N VAL A 1411 4.33 -22.31 -39.36
CA VAL A 1411 2.99 -21.87 -38.96
C VAL A 1411 1.99 -23.02 -39.04
N SER A 1412 2.22 -23.98 -39.94
CA SER A 1412 1.35 -25.15 -39.99
C SER A 1412 1.63 -26.13 -38.87
N ALA A 1413 2.76 -25.98 -38.17
CA ALA A 1413 3.16 -26.92 -37.14
C ALA A 1413 2.46 -26.68 -35.80
N LEU A 1414 2.05 -25.45 -35.50
CA LEU A 1414 1.43 -25.19 -34.20
C LEU A 1414 0.07 -25.88 -34.13
N PRO A 1415 -0.28 -26.48 -32.99
CA PRO A 1415 -1.59 -27.14 -32.88
C PRO A 1415 -2.76 -26.19 -33.02
N ASP A 1416 -2.56 -24.90 -32.75
CA ASP A 1416 -3.62 -23.90 -32.80
C ASP A 1416 -3.74 -23.27 -34.19
N LYS A 1417 -3.00 -23.77 -35.17
CA LYS A 1417 -3.03 -23.29 -36.55
C LYS A 1417 -2.64 -21.81 -36.54
N LEU A 1418 -3.45 -20.90 -37.08
CA LEU A 1418 -3.13 -19.48 -37.06
C LEU A 1418 -3.35 -18.85 -35.68
N ASN A 1419 -4.03 -19.55 -34.77
CA ASN A 1419 -4.37 -19.01 -33.47
C ASN A 1419 -3.35 -19.37 -32.39
N HIS A 1420 -2.08 -19.51 -32.76
CA HIS A 1420 -1.04 -19.80 -31.79
C HIS A 1420 -0.90 -18.64 -30.81
N GLU A 1421 -1.03 -18.93 -29.52
CA GLU A 1421 -1.00 -17.91 -28.49
C GLU A 1421 0.46 -17.58 -28.16
N CYS A 1422 0.97 -16.50 -28.75
CA CYS A 1422 2.31 -16.04 -28.45
C CYS A 1422 2.30 -15.15 -27.22
N ALA A 1423 3.30 -15.33 -26.36
CA ALA A 1423 3.36 -14.64 -25.08
C ALA A 1423 3.81 -13.19 -25.30
N GLU A 1424 4.04 -12.47 -24.19
CA GLU A 1424 4.47 -11.08 -24.25
C GLU A 1424 5.78 -10.94 -25.01
N GLY A 1425 5.74 -10.28 -26.15
CA GLY A 1425 6.92 -10.10 -26.97
C GLY A 1425 7.33 -11.33 -27.77
N GLY A 1426 6.50 -12.35 -27.82
CA GLY A 1426 6.82 -13.56 -28.55
C GLY A 1426 8.01 -14.31 -27.97
N GLU A 1427 8.04 -14.47 -26.65
CA GLU A 1427 9.15 -15.17 -26.01
C GLU A 1427 9.24 -16.62 -26.48
N ASN A 1428 8.10 -17.28 -26.69
CA ASN A 1428 8.12 -18.65 -27.18
C ASN A 1428 8.73 -18.72 -28.56
N LEU A 1429 8.41 -17.78 -29.44
CA LEU A 1429 8.99 -17.75 -30.76
C LEU A 1429 10.43 -17.27 -30.70
N SER A 1430 11.22 -17.70 -31.69
CA SER A 1430 12.61 -17.28 -31.79
C SER A 1430 12.70 -15.89 -32.44
N VAL A 1431 13.88 -15.28 -32.32
CA VAL A 1431 14.08 -13.91 -32.90
C VAL A 1431 13.91 -14.00 -34.41
N GLY A 1432 14.48 -15.02 -35.05
CA GLY A 1432 14.32 -15.20 -36.50
C GLY A 1432 12.87 -15.30 -36.88
N GLN A 1433 12.09 -16.07 -36.10
CA GLN A 1433 10.65 -16.27 -36.42
C GLN A 1433 9.92 -14.92 -36.32
N ARG A 1434 10.14 -14.19 -35.21
CA ARG A 1434 9.48 -12.88 -35.01
C ARG A 1434 9.83 -11.96 -36.18
N GLN A 1435 11.09 -11.98 -36.63
CA GLN A 1435 11.47 -11.17 -37.78
C GLN A 1435 10.70 -11.59 -39.02
N LEU A 1436 10.56 -12.90 -39.24
CA LEU A 1436 9.80 -13.36 -40.39
C LEU A 1436 8.31 -13.06 -40.24
N VAL A 1437 7.80 -13.02 -39.01
CA VAL A 1437 6.41 -12.63 -38.81
C VAL A 1437 6.21 -11.16 -39.15
N CYS A 1438 7.16 -10.30 -38.79
CA CYS A 1438 7.08 -8.90 -39.19
C CYS A 1438 7.15 -8.77 -40.71
N LEU A 1439 8.03 -9.55 -41.35
CA LEU A 1439 8.07 -9.56 -42.81
C LEU A 1439 6.73 -10.01 -43.39
N ALA A 1440 6.10 -11.00 -42.76
CA ALA A 1440 4.79 -11.46 -43.20
C ALA A 1440 3.75 -10.36 -43.08
N ARG A 1441 3.82 -9.58 -42.00
CA ARG A 1441 2.94 -8.42 -41.86
C ARG A 1441 3.13 -7.47 -43.02
N ALA A 1442 4.38 -7.10 -43.30
CA ALA A 1442 4.65 -6.17 -44.39
C ALA A 1442 4.18 -6.71 -45.73
N LEU A 1443 4.39 -8.01 -45.97
CA LEU A 1443 3.98 -8.63 -47.22
C LEU A 1443 2.45 -8.65 -47.35
N LEU A 1444 1.76 -8.97 -46.25
CA LEU A 1444 0.30 -8.98 -46.27
C LEU A 1444 -0.27 -7.58 -46.48
N ARG A 1445 0.46 -6.54 -46.06
CA ARG A 1445 -0.04 -5.18 -46.24
C ARG A 1445 -0.23 -4.86 -47.72
N LYS A 1446 0.67 -5.32 -48.58
CA LYS A 1446 0.60 -5.09 -50.02
C LYS A 1446 0.57 -3.60 -50.35
N THR A 1447 1.66 -2.93 -49.99
CA THR A 1447 1.84 -1.50 -50.24
C THR A 1447 3.07 -1.28 -51.09
N LYS A 1448 3.06 -0.17 -51.84
CA LYS A 1448 4.12 0.10 -52.79
C LYS A 1448 5.36 0.73 -52.16
N ILE A 1449 5.28 1.22 -50.93
CA ILE A 1449 6.40 1.87 -50.26
C ILE A 1449 6.70 1.10 -48.98
N LEU A 1450 7.93 0.58 -48.89
CA LEU A 1450 8.35 -0.25 -47.78
C LEU A 1450 9.72 0.21 -47.30
N VAL A 1451 9.89 0.28 -45.99
CA VAL A 1451 11.15 0.67 -45.37
C VAL A 1451 11.67 -0.50 -44.55
N LEU A 1452 12.98 -0.71 -44.59
CA LEU A 1452 13.65 -1.79 -43.88
C LEU A 1452 14.66 -1.20 -42.91
N ASP A 1453 14.73 -1.76 -41.70
CA ASP A 1453 15.73 -1.38 -40.71
C ASP A 1453 16.52 -2.62 -40.33
N GLU A 1454 17.74 -2.74 -40.86
CA GLU A 1454 18.59 -3.89 -40.58
C GLU A 1454 19.45 -3.64 -39.34
N ALA A 1455 19.75 -4.72 -38.63
CA ALA A 1455 20.59 -4.65 -37.44
C ALA A 1455 22.04 -4.38 -37.80
N GLU A 1462 21.84 -14.57 -38.74
CA GLU A 1462 21.55 -16.01 -38.98
C GLU A 1462 20.45 -16.14 -40.03
N THR A 1463 19.28 -15.54 -39.78
CA THR A 1463 18.16 -15.60 -40.74
C THR A 1463 18.29 -14.45 -41.74
N ASP A 1464 19.36 -13.66 -41.63
CA ASP A 1464 19.57 -12.50 -42.54
C ASP A 1464 19.48 -12.98 -43.99
N ASP A 1465 20.13 -14.10 -44.31
CA ASP A 1465 20.09 -14.66 -45.68
C ASP A 1465 18.63 -14.86 -46.11
N LEU A 1466 17.77 -15.29 -45.19
CA LEU A 1466 16.38 -15.57 -45.55
C LEU A 1466 15.59 -14.28 -45.73
N ILE A 1467 15.71 -13.35 -44.79
CA ILE A 1467 14.95 -12.11 -44.89
C ILE A 1467 15.45 -11.27 -46.06
N GLN A 1468 16.76 -11.27 -46.31
CA GLN A 1468 17.28 -10.54 -47.47
C GLN A 1468 16.76 -11.13 -48.78
N SER A 1469 16.77 -12.45 -48.90
CA SER A 1469 16.25 -13.08 -50.11
C SER A 1469 14.76 -12.80 -50.26
N THR A 1470 14.01 -12.84 -49.16
CA THR A 1470 12.57 -12.61 -49.24
C THR A 1470 12.26 -11.17 -49.64
N ILE A 1471 13.03 -10.21 -49.11
CA ILE A 1471 12.81 -8.82 -49.51
C ILE A 1471 13.27 -8.60 -50.95
N ARG A 1472 14.15 -9.45 -51.45
CA ARG A 1472 14.60 -9.36 -52.84
C ARG A 1472 13.75 -10.21 -53.79
N THR A 1473 12.79 -10.96 -53.24
CA THR A 1473 12.03 -11.93 -54.09
C THR A 1473 10.85 -11.28 -54.82
N GLN A 1474 9.86 -10.75 -54.10
CA GLN A 1474 8.65 -10.23 -54.73
C GLN A 1474 8.44 -8.74 -54.54
N PHE A 1475 9.14 -8.13 -53.58
CA PHE A 1475 9.02 -6.68 -53.37
C PHE A 1475 9.81 -5.87 -54.38
N ASP A 1476 10.28 -6.47 -55.47
CA ASP A 1476 10.96 -5.70 -56.50
C ASP A 1476 10.01 -4.71 -57.18
N ASP A 1477 8.71 -5.02 -57.19
CA ASP A 1477 7.75 -4.10 -57.78
C ASP A 1477 7.60 -2.85 -56.93
N CYS A 1478 7.75 -2.98 -55.62
CA CYS A 1478 7.53 -1.87 -54.69
C CYS A 1478 8.83 -1.10 -54.44
N THR A 1479 8.68 0.16 -54.07
CA THR A 1479 9.83 1.00 -53.72
C THR A 1479 10.26 0.71 -52.29
N VAL A 1480 11.52 0.32 -52.12
CA VAL A 1480 12.05 -0.10 -50.82
C VAL A 1480 13.18 0.84 -50.43
N LEU A 1481 13.01 1.52 -49.30
CA LEU A 1481 14.12 2.18 -48.62
C LEU A 1481 14.73 1.21 -47.62
N THR A 1482 16.05 1.30 -47.45
CA THR A 1482 16.77 0.35 -46.58
C THR A 1482 17.81 1.11 -45.77
N ILE A 1483 17.72 1.00 -44.45
CA ILE A 1483 18.74 1.54 -43.55
C ILE A 1483 19.40 0.35 -42.87
N ALA A 1484 20.62 0.04 -43.30
CA ALA A 1484 21.36 -1.11 -42.81
C ALA A 1484 22.70 -0.66 -42.25
N HIS A 1485 23.04 -1.18 -41.08
CA HIS A 1485 24.37 -0.97 -40.49
C HIS A 1485 25.43 -1.87 -41.13
N ARG A 1486 25.04 -2.67 -42.12
CA ARG A 1486 25.96 -3.56 -42.82
C ARG A 1486 26.00 -3.19 -44.29
N LEU A 1487 27.19 -2.98 -44.82
CA LEU A 1487 27.35 -2.56 -46.21
C LEU A 1487 27.12 -3.70 -47.19
N ASN A 1488 27.19 -4.95 -46.73
CA ASN A 1488 27.07 -6.09 -47.62
C ASN A 1488 25.71 -6.12 -48.31
N THR A 1489 24.63 -5.91 -47.54
CA THR A 1489 23.30 -5.95 -48.12
C THR A 1489 23.01 -4.71 -48.95
N ILE A 1490 23.48 -3.55 -48.50
CA ILE A 1490 23.14 -2.27 -49.19
C ILE A 1490 23.79 -2.24 -50.58
N MET A 1491 24.88 -2.97 -50.76
CA MET A 1491 25.61 -2.95 -52.06
C MET A 1491 24.66 -3.41 -53.17
N ASP A 1492 23.78 -4.38 -52.87
CA ASP A 1492 22.84 -4.92 -53.88
C ASP A 1492 21.88 -3.83 -54.35
N TYR A 1493 21.48 -2.92 -53.46
CA TYR A 1493 20.47 -1.88 -53.82
C TYR A 1493 21.12 -0.72 -54.59
N THR A 1494 20.55 -0.35 -55.73
CA THR A 1494 21.04 0.80 -56.48
C THR A 1494 20.71 2.10 -55.75
N ARG A 1495 21.16 3.21 -56.33
CA ARG A 1495 20.84 4.56 -55.79
C ARG A 1495 21.00 4.59 -54.27
N VAL A 1496 22.24 4.47 -53.79
CA VAL A 1496 22.47 4.59 -52.36
C VAL A 1496 22.60 6.06 -51.97
N ILE A 1497 21.96 6.43 -50.86
CA ILE A 1497 22.05 7.77 -50.31
C ILE A 1497 22.88 7.69 -49.04
N VAL A 1498 23.96 8.46 -48.98
CA VAL A 1498 24.88 8.46 -47.84
C VAL A 1498 24.62 9.73 -47.04
N LEU A 1499 24.48 9.58 -45.73
CA LEU A 1499 24.23 10.72 -44.83
C LEU A 1499 25.42 10.86 -43.89
N ASP A 1500 26.12 11.99 -44.00
CA ASP A 1500 27.24 12.24 -43.09
C ASP A 1500 26.75 12.78 -41.75
N LYS A 1501 26.12 13.96 -41.79
CA LYS A 1501 25.56 14.58 -40.56
C LYS A 1501 24.19 15.17 -40.88
N GLY A 1502 23.37 14.43 -41.65
CA GLY A 1502 22.06 14.95 -42.08
C GLY A 1502 22.09 15.41 -43.52
N GLU A 1503 23.26 15.85 -44.00
CA GLU A 1503 23.38 16.26 -45.38
C GLU A 1503 23.52 15.05 -46.30
N ILE A 1504 23.16 15.24 -47.56
CA ILE A 1504 23.31 14.21 -48.59
C ILE A 1504 24.76 14.25 -49.07
N GLN A 1505 25.61 13.36 -48.54
CA GLN A 1505 27.01 13.37 -48.93
C GLN A 1505 27.18 12.89 -50.37
N GLU A 1506 26.52 11.78 -50.70
CA GLU A 1506 26.59 11.22 -52.08
C GLU A 1506 25.19 10.80 -52.51
N TRP A 1507 24.79 11.12 -53.74
CA TRP A 1507 23.47 10.70 -54.27
C TRP A 1507 23.66 10.01 -55.62
N GLY A 1508 23.74 8.67 -55.62
CA GLY A 1508 23.93 7.95 -56.86
C GLY A 1508 24.03 6.46 -56.61
N SER A 1509 24.18 5.71 -57.70
CA SER A 1509 24.27 4.27 -57.62
C SER A 1509 25.58 3.83 -56.98
N PRO A 1510 25.61 2.62 -56.41
CA PRO A 1510 26.89 2.13 -55.84
C PRO A 1510 28.00 2.03 -56.85
N SER A 1511 27.68 1.85 -58.14
CA SER A 1511 28.71 1.87 -59.16
C SER A 1511 29.42 3.21 -59.21
N ASP A 1512 28.66 4.30 -59.08
CA ASP A 1512 29.28 5.62 -59.01
C ASP A 1512 29.91 5.87 -57.65
N LEU A 1513 29.51 5.11 -56.63
CA LEU A 1513 30.14 5.25 -55.32
C LEU A 1513 31.62 4.85 -55.36
N LEU A 1514 31.95 3.79 -56.09
CA LEU A 1514 33.34 3.34 -56.20
C LEU A 1514 33.86 3.58 -57.62
N1 GSH B . -18.47 2.44 18.54
CA1 GSH B . -17.46 1.79 17.68
C1 GSH B . -16.79 0.68 18.49
O11 GSH B . -15.56 0.71 18.60
O12 GSH B . -17.54 -0.16 18.99
CB1 GSH B . -16.44 2.82 17.19
CG1 GSH B . -15.43 2.27 16.21
CD1 GSH B . -15.22 3.33 15.16
OE1 GSH B . -14.90 4.47 15.43
N2 GSH B . -15.43 2.96 13.90
CA2 GSH B . -14.35 2.63 13.01
C2 GSH B . -13.01 2.70 13.65
O2 GSH B . -12.69 1.79 14.39
CB2 GSH B . -14.34 3.47 11.77
SG2 GSH B . -15.32 2.71 10.46
N3 GSH B . -12.20 3.70 13.31
CA3 GSH B . -10.78 3.47 13.26
C3 GSH B . -10.05 4.60 12.56
O31 GSH B . -9.50 4.33 11.49
O32 GSH B . -10.04 5.70 13.11
C10 R1Q C . -13.16 4.62 7.05
C13 R1Q C . -12.71 3.88 4.37
C15 R1Q C . -15.86 0.53 6.66
C20 R1Q C . -17.13 0.91 7.47
C21 R1Q C . -17.79 2.10 7.20
C22 R1Q C . -18.91 2.44 7.90
C24 R1Q C . -18.81 0.41 9.15
C01 R1Q C . -17.69 0.03 4.84
C02 R1Q C . -17.32 1.24 4.00
C04 R1Q C . -15.36 1.68 2.68
C05 R1Q C . -14.27 1.22 3.64
C06 R1Q C . -14.30 1.92 4.96
C07 R1Q C . -14.98 1.63 6.13
C09 R1Q C . -13.75 3.49 6.49
C11 R1Q C . -12.35 5.37 6.23
C12 R1Q C . -12.12 5.00 4.90
C14 R1Q C . -13.54 3.11 5.17
C16 R1Q C . -14.90 -0.19 7.60
C19 R1Q C . -13.22 -1.77 7.87
C23 R1Q C . -19.41 1.59 8.86
C25 R1Q C . -17.67 0.07 8.44
C27 R1Q C . -17.96 -2.01 9.53
C29 R1Q C . -21.68 1.29 9.61
C31 R1Q C . -20.73 3.51 8.98
C32 R1Q C . -20.45 4.42 10.16
C34 R1Q C . -21.05 3.75 11.38
C37 R1Q C . -22.81 3.72 12.92
C38 R1Q C . -18.98 4.82 10.27
C40 R1Q C . -18.35 5.17 12.52
C41 R1Q C . -18.60 6.05 13.68
C43 R1Q C . -18.40 5.54 9.00
C44 R1Q C . -16.87 5.23 8.95
C45 R1Q C . -16.15 5.87 7.78
C46 R1Q C . -18.51 7.04 9.07
C47 R1Q C . -19.17 7.74 8.19
C48 R1Q C . -20.34 7.18 7.52
C50 R1Q C . -21.05 5.11 6.39
C51 R1Q C . -20.52 3.71 6.39
C52 R1Q C . -19.79 3.65 7.75
C53 R1Q C . -19.02 4.99 7.68
C54 R1Q C . -16.44 -0.42 5.61
C55 R1Q C . -17.16 0.17 1.97
C56 R1Q C . -17.69 -1.15 2.49
C58 R1Q C . -18.71 -1.75 1.51
C59 R1Q C . -18.22 -1.61 0.08
C60 R1Q C . -18.27 -1.03 3.91
N03 R1Q C . -16.38 0.72 3.05
N08 R1Q C . -14.61 2.58 7.04
N28 R1Q C . -20.59 2.12 9.42
N49 R1Q C . -19.92 5.93 6.89
O17 R1Q C . -14.71 0.10 8.74
O18 R1Q C . -14.25 -1.19 7.03
O26 R1Q C . -17.14 -1.12 8.80
O30 R1Q C . -21.61 0.32 10.32
O33 R1Q C . -21.21 5.60 10.04
O35 R1Q C . -20.65 2.76 11.88
O36 R1Q C . -22.15 4.35 11.79
O39 R1Q C . -18.83 5.69 11.41
O42 R1Q C . -17.79 4.12 12.54
O57 R1Q C . -16.56 -2.03 2.53
C10 R1Q D . -13.28 1.19 -0.34
C13 R1Q D . -12.86 3.93 0.11
C15 R1Q D . -9.34 1.18 2.62
C20 R1Q D . -8.46 0.12 1.92
C21 R1Q D . -8.28 0.19 0.54
C22 R1Q D . -7.50 -0.73 -0.10
C24 R1Q D . -7.01 -1.82 1.98
C01 R1Q D . -7.08 2.48 2.35
C02 R1Q D . -7.58 3.29 1.17
C04 R1Q D . -9.28 5.01 1.07
C05 R1Q D . -10.36 4.42 1.98
C06 R1Q D . -10.86 3.09 1.52
C07 R1Q D . -10.42 1.81 1.77
C09 R1Q D . -12.22 1.64 0.45
C11 R1Q D . -14.09 2.13 -0.90
C12 R1Q D . -13.88 3.49 -0.68
C14 R1Q D . -12.01 3.00 0.68
C16 R1Q D . -10.16 0.56 3.77
C19 R1Q D . -10.71 0.59 6.04
C23 R1Q D . -6.87 -1.72 0.63
C25 R1Q D . -7.80 -0.88 2.62
C27 R1Q D . -7.80 -2.30 4.53
C29 R1Q D . -5.64 -3.76 0.25
C31 R1Q D . -6.35 -2.17 -1.64
C32 R1Q D . -7.03 -3.25 -2.49
C34 R1Q D . -6.32 -4.60 -2.37
C37 R1Q D . -4.31 -5.73 -2.83
C38 R1Q D . -8.53 -3.30 -2.17
C40 R1Q D . -9.68 -5.34 -1.99
C41 R1Q D . -10.00 -6.60 -2.73
C43 R1Q D . -9.27 -2.02 -2.67
C44 R1Q D . -10.58 -1.87 -1.84
C45 R1Q D . -11.57 -0.86 -2.38
C46 R1Q D . -9.74 -2.21 -4.09
C47 R1Q D . -9.47 -1.32 -5.02
C48 R1Q D . -8.20 -0.60 -5.07
C50 R1Q D . -6.49 0.21 -3.56
C51 R1Q D . -6.34 0.38 -2.08
C52 R1Q D . -7.16 -0.84 -1.56
C53 R1Q D . -8.41 -0.74 -2.49
C54 R1Q D . -8.30 2.14 3.20
C55 R1Q D . -7.01 5.38 1.97
C56 R1Q D . -6.27 4.83 3.19
C58 R1Q D . -4.97 5.60 3.43
C59 R1Q D . -4.49 5.44 4.86
C60 R1Q D . -6.03 3.31 3.08
N03 R1Q D . -8.12 4.47 1.77
N08 R1Q D . -11.27 0.95 1.13
N28 R1Q D . -6.11 -2.55 -0.24
N49 R1Q D . -7.93 -0.03 -3.74
O17 R1Q D . -10.92 -0.35 3.64
O18 R1Q D . -9.98 1.16 4.93
O26 R1Q D . -7.91 -1.00 3.98
O30 R1Q D . -6.43 -4.62 0.65
O33 R1Q D . -6.90 -2.95 -3.85
O35 R1Q D . -6.81 -5.61 -1.98
O36 R1Q D . -5.06 -4.49 -2.76
O39 R1Q D . -9.11 -4.46 -2.80
O42 R1Q D . -9.87 -5.15 -0.83
O57 R1Q D . -7.13 5.05 4.32
#